data_8GU6
#
_entry.id   8GU6
#
_cell.length_a   1.00
_cell.length_b   1.00
_cell.length_c   1.00
_cell.angle_alpha   90.00
_cell.angle_beta   90.00
_cell.angle_gamma   90.00
#
_symmetry.space_group_name_H-M   'P 1'
#
loop_
_entity.id
_entity.type
_entity.pdbx_description
1 polymer 'CHAT domain protein'
2 polymer 'RAMP superfamily protein'
3 polymer 'RNA (33-MER)'
4 polymer "RNA (5'-R(P*GP*GP*GP*GP*CP*AP*GP*AP*AP*AP*AP*UP*UP*GP*GP*GP*U)-3')"
5 non-polymer 'ZINC ION'
#
loop_
_entity_poly.entity_id
_entity_poly.type
_entity_poly.pdbx_seq_one_letter_code
_entity_poly.pdbx_strand_id
1 'polypeptide(L)'
;MNNTEENIDRIQEPTREDIDRKEAERLLDEAFNPRTKPVDRKKIINSALKILIGLYKEKKDDLTSASFISIARAYYLVSI
TILPKGTTIPEKKKEALRKGIEFIDRAINKFNGSILDSQRAFRIKSVLSIEFNRIDREKCDNIKLKNLLNEAVDKGCTDF
DTYEWDIQIAIRLCELGVDMEGHFDNLIKSNKANDLQKAKAYYFIKKDDHKAKEHMDKCTASLKYTPCSHRLWDETVGFI
ERLKGDSSTLWRDFAIKTYRSCRVQEKETGTLRLRWYWSRHRVLYDMAFLAVKEQADDEEPDVNVKQAKIKKLAEISDSL
KSRFSLRLSDMEKMPKSDDESNHEFKKFLDKCVTAYQDGYVINRSEDKEGQGENKSTTSKQPEPRPQAKLLELTQVPEGW
VVVHFYLNKLEGMGNAIVFDKCANSWQYKEFQYKELFEVFLTWQANYNLYKENAAEHLVTLCKKIGETMPFLFCDNFIPN
GKDVLFVPHDFLHRLPLHGSIENKTNGKLFLENHSCCYLPAWSFASEKEASTSDEYVLLKNFDQGHFETLQNNQIWGTQS
VKDGASSDDLENIRNNPRLLTILCHGEANMSNPFRSMLKLANGGITYLEILNSVKGLKGSQVILGACETDLVPPLSDVMD
EHYSVATALLLIGAAGVVGTMWKVRSNKTKSLIEWKLENIEYKLNEWQKETGGAAYKDHPPTFYRSIAFRSIGFPL
;
D
2 'polypeptide(L)'
;MKSNDMNITVELTFFEPYRLVEWFDWDARKKSHSAMRGQAFAQWTWKGKGRTAGKSFITGTLVRSAVIKAVEELLSLNNG
KWEGVPCCNGSFQTDESKGKKPSFLRKRHTLQWQANNKNICDKEEACPFCILLGRFDNAGKVHERNKDYDIHFSNFDLDH
KQEKNDLRLVDIASGRILNRVDFDTGKAKDYFRTWEADYETYGTYTGRITLRNEHAKKLLLASLGFVDKLCGALCRIEVI
KKSESPLPSDTKEQSYTKDDTVEVLSEDHNDELRKQAEVIVEAFKQNDKLEKIRILADAIRTLRLHGEGVIEKDELPDGK
EERDKGHHLWDIKVQGTALRTKLKELWQSNKDIGWRKFTEMLGSNLYLIYKKETGGVSTRFRILGDTEYYSKAHDSEGSD
LFIPVTPPEGIETKEWIIVGRLKAATPFYFGVQQPSDSIPGKEKKSEDSLVINEHTSFNILLDKENRYRIPRSALRGALR
RDLRTAFGSGCNVSLGGQILCNCKVCIEMRRITLKDSVSDFSEPPEIRYRIAKNPGTATVEDGSLFDIEVGPEGLTFPFV
LRYRGHKFPEQLSSVIRYWEENDGKNGMAWLGGLDSTGKGRFALKDIKIFEWDLNQKINEYIKERGMRGKEKELLEMGES
SLPDGLIPYKFFEERECLFPYKENLKPQWSEVQYTIEVGSPLLTADTISALTEPGNRDAIAYKKRVYNDGNNAIEPEPRF
AVKSETHRGIFRTAVGRRTGDLGKEDHEDCTCDMCIIFGNEHESSKIRFEDLELINGNEFEKLEKHIDHVAIDRFTGGAL
DKAKFDTYPLAGSPKKPLKLKGRFWIKKGFSGDHKLLITTALSDIRDGLYPLGSKGGVGYGWVAGISIDDNVPDDFKEMI
NKTEMPLPEEVEESNNGPINNDYVHPGHQSPKQDHKNKNIYYPHYFLDSGSKVYREKDIITHEEFTEELLSGKINCKLET
LTPLIIPDTSDENGLKLQGNKPGHKNYKFFNINGELMIPGSELRGMLRTHFEALTKSCFAIFGEDSTLSWRMNADEKDYK
IDSNSIRKMESQRNPKYRIPDELQKELRNSGNGLFNRLYTSERRFWSDVSNKFENSIDYKREILRCAGRPKNYKGGIIRQ
RKDSLMAEELKVHRLPLYDNFDIPDSAYKANDHCRKSATCSTSRGCRERFTCGIKVRDKNRVFLNAANNNRQYLNNIKKS
NHDLYLQYLKGEKKIRFNSKVITGSERSPIDVIAELNERGRQTGFIKLSGLNNSNKSQGNTGTTFNSGWDRFELNILLDD
LETRPSKSDYPRPRLLFTKDQYEYNITKRCERVFEIDKGNKTGYPVDDQIKKNYEDILDSYDGIKDQEVAERFDTFTRGS
KLKVGDLVYFHIDGDNKIDSLIPVRISRKCASKTLGGKLDKALHPCTGLSDGLCPGCHLFGTTDYKGRVKFGFAKYENGP
EWLITRGNNPERSLTLGVLESPRPAFSIPDDESEIPGRKFYLHHNGWRIIRQKQLEIRETVQPERNVTTEVMDKGNVFSF
DVRFENLREWELGLLLQSLDPGKNIAHKLGKGKPYGFGSVKIKIDSLHTFKINSNNDKIKRVPQSDIREYINKGYQKLIE
WSGNNSIQKGNVLPQWHVIPHIDKLYKLLWVPFLNDSKLEPDVRYPVLNEESKGYIEGSDYTYKKLGDKDNLPYKTRVKG
LTTPWSPWNPFQVIAEHEEQEVNVTGSRPSVTDKIERDGKMV
;
A
3 'polyribonucleotide' GACUUAAUGUCACGGUACCCAAUUUUCUGCCCC C
4 'polyribonucleotide' GGGGCAGAAAAUUGGGU J
#
loop_
_chem_comp.id
_chem_comp.type
_chem_comp.name
_chem_comp.formula
A RNA linking ADENOSINE-5'-MONOPHOSPHATE 'C10 H14 N5 O7 P'
C RNA linking CYTIDINE-5'-MONOPHOSPHATE 'C9 H14 N3 O8 P'
G RNA linking GUANOSINE-5'-MONOPHOSPHATE 'C10 H14 N5 O8 P'
U RNA linking URIDINE-5'-MONOPHOSPHATE 'C9 H13 N2 O9 P'
ZN non-polymer 'ZINC ION' 'Zn 2'
#
# COMPACT_ATOMS: atom_id res chain seq x y z
N THR A 15 -22.09 -34.60 -4.96
CA THR A 15 -20.87 -35.04 -5.64
C THR A 15 -19.96 -33.87 -5.95
N ARG A 16 -20.42 -32.66 -5.61
CA ARG A 16 -19.63 -31.46 -5.83
C ARG A 16 -18.34 -31.50 -5.02
N GLU A 17 -18.45 -31.91 -3.76
CA GLU A 17 -17.28 -31.98 -2.89
C GLU A 17 -16.24 -32.94 -3.46
N ASP A 18 -16.67 -34.13 -3.88
CA ASP A 18 -15.75 -35.12 -4.40
C ASP A 18 -15.09 -34.66 -5.70
N ILE A 19 -15.87 -34.05 -6.60
CA ILE A 19 -15.33 -33.63 -7.89
C ILE A 19 -14.34 -32.49 -7.70
N ASP A 20 -14.70 -31.49 -6.91
CA ASP A 20 -13.78 -30.38 -6.67
C ASP A 20 -12.55 -30.83 -5.90
N ARG A 21 -12.71 -31.82 -5.01
CA ARG A 21 -11.55 -32.39 -4.32
C ARG A 21 -10.63 -33.10 -5.29
N LYS A 22 -11.21 -33.81 -6.27
CA LYS A 22 -10.39 -34.45 -7.29
C LYS A 22 -9.63 -33.43 -8.12
N GLU A 23 -10.29 -32.33 -8.49
CA GLU A 23 -9.61 -31.27 -9.22
C GLU A 23 -8.49 -30.65 -8.38
N ALA A 24 -8.75 -30.44 -7.08
CA ALA A 24 -7.73 -29.90 -6.19
C ALA A 24 -6.56 -30.87 -6.06
N GLU A 25 -6.83 -32.17 -6.01
CA GLU A 25 -5.76 -33.16 -5.97
C GLU A 25 -4.94 -33.13 -7.24
N ARG A 26 -5.61 -32.99 -8.39
CA ARG A 26 -4.89 -32.85 -9.66
C ARG A 26 -3.95 -31.67 -9.62
N LEU A 27 -4.45 -30.51 -9.21
CA LEU A 27 -3.62 -29.31 -9.24
C LEU A 27 -2.51 -29.37 -8.18
N LEU A 28 -2.79 -29.98 -7.02
CA LEU A 28 -1.75 -30.18 -6.01
C LEU A 28 -0.67 -31.12 -6.51
N ASP A 29 -1.04 -32.19 -7.22
CA ASP A 29 -0.06 -33.09 -7.78
C ASP A 29 0.79 -32.40 -8.83
N GLU A 30 0.16 -31.56 -9.66
CA GLU A 30 0.92 -30.79 -10.65
C GLU A 30 1.89 -29.83 -9.97
N ALA A 31 1.45 -29.18 -8.88
CA ALA A 31 2.34 -28.29 -8.14
C ALA A 31 3.49 -29.06 -7.51
N PHE A 32 3.23 -30.26 -7.00
CA PHE A 32 4.26 -31.08 -6.37
C PHE A 32 5.33 -31.53 -7.36
N ASN A 33 5.05 -31.48 -8.65
CA ASN A 33 6.04 -31.82 -9.66
C ASN A 33 7.14 -30.77 -9.67
N PRO A 34 8.41 -31.14 -9.54
CA PRO A 34 9.49 -30.14 -9.50
C PRO A 34 9.72 -29.43 -10.84
N ARG A 35 9.03 -29.82 -11.91
CA ARG A 35 9.26 -29.21 -13.21
C ARG A 35 8.87 -27.74 -13.21
N THR A 36 7.75 -27.40 -12.58
CA THR A 36 7.26 -26.03 -12.61
C THR A 36 8.13 -25.11 -11.76
N LYS A 37 8.30 -23.88 -12.23
CA LYS A 37 9.08 -22.90 -11.50
C LYS A 37 8.34 -22.46 -10.23
N PRO A 38 9.07 -22.08 -9.19
CA PRO A 38 8.40 -21.63 -7.95
C PRO A 38 7.53 -20.39 -8.12
N VAL A 39 7.81 -19.56 -9.13
CA VAL A 39 7.05 -18.33 -9.29
C VAL A 39 5.61 -18.63 -9.70
N ASP A 40 5.40 -19.57 -10.62
CA ASP A 40 4.06 -19.99 -10.96
C ASP A 40 3.48 -20.96 -9.94
N ARG A 41 4.34 -21.66 -9.20
CA ARG A 41 3.86 -22.57 -8.17
C ARG A 41 3.05 -21.83 -7.11
N LYS A 42 3.50 -20.64 -6.72
CA LYS A 42 2.76 -19.84 -5.74
C LYS A 42 1.37 -19.50 -6.25
N LYS A 43 1.25 -19.08 -7.52
CA LYS A 43 -0.05 -18.69 -8.05
C LYS A 43 -0.98 -19.89 -8.17
N ILE A 44 -0.45 -21.04 -8.63
CA ILE A 44 -1.31 -22.20 -8.79
C ILE A 44 -1.75 -22.73 -7.42
N ILE A 45 -0.87 -22.69 -6.43
CA ILE A 45 -1.26 -23.19 -5.12
C ILE A 45 -2.20 -22.20 -4.42
N ASN A 46 -2.09 -20.90 -4.72
CA ASN A 46 -3.07 -19.95 -4.22
C ASN A 46 -4.44 -20.20 -4.84
N SER A 47 -4.48 -20.53 -6.13
CA SER A 47 -5.75 -20.91 -6.75
C SER A 47 -6.31 -22.17 -6.11
N ALA A 48 -5.45 -23.14 -5.82
CA ALA A 48 -5.88 -24.35 -5.13
C ALA A 48 -6.45 -24.02 -3.75
N LEU A 49 -5.79 -23.13 -3.02
CA LEU A 49 -6.29 -22.72 -1.71
C LEU A 49 -7.65 -22.06 -1.83
N LYS A 50 -7.82 -21.18 -2.83
CA LYS A 50 -9.11 -20.53 -3.03
C LYS A 50 -10.19 -21.55 -3.33
N ILE A 51 -9.90 -22.53 -4.19
CA ILE A 51 -10.88 -23.54 -4.55
C ILE A 51 -11.26 -24.38 -3.33
N LEU A 52 -10.26 -24.80 -2.54
CA LEU A 52 -10.53 -25.66 -1.40
C LEU A 52 -11.29 -24.90 -0.31
N ILE A 53 -10.94 -23.64 -0.07
CA ILE A 53 -11.68 -22.85 0.91
C ILE A 53 -13.10 -22.60 0.45
N GLY A 54 -13.30 -22.35 -0.86
CA GLY A 54 -14.65 -22.24 -1.38
C GLY A 54 -15.44 -23.52 -1.19
N LEU A 55 -14.77 -24.67 -1.30
CA LEU A 55 -15.39 -25.93 -0.93
C LEU A 55 -15.78 -25.95 0.54
N TYR A 56 -14.89 -25.48 1.41
CA TYR A 56 -15.11 -25.56 2.85
C TYR A 56 -16.21 -24.61 3.32
N LYS A 57 -16.54 -23.58 2.53
CA LYS A 57 -17.50 -22.58 3.00
C LYS A 57 -18.89 -23.17 3.21
N GLU A 58 -19.35 -24.00 2.26
CA GLU A 58 -20.69 -24.57 2.35
C GLU A 58 -20.71 -25.98 2.93
N LYS A 59 -19.55 -26.56 3.23
CA LYS A 59 -19.45 -27.94 3.67
C LYS A 59 -18.72 -28.03 5.00
N LYS A 60 -18.98 -27.09 5.91
CA LYS A 60 -18.38 -27.14 7.24
C LYS A 60 -18.94 -28.28 8.08
N ASP A 61 -20.15 -28.75 7.77
CA ASP A 61 -20.82 -29.79 8.56
C ASP A 61 -20.21 -31.14 8.23
N ASP A 62 -19.20 -31.53 9.00
CA ASP A 62 -18.53 -32.82 8.86
C ASP A 62 -18.00 -33.01 7.44
N LEU A 63 -17.03 -32.17 7.08
CA LEU A 63 -16.43 -32.22 5.75
C LEU A 63 -15.81 -33.59 5.50
N THR A 64 -15.90 -34.04 4.26
CA THR A 64 -15.40 -35.36 3.90
C THR A 64 -13.88 -35.43 4.06
N SER A 65 -13.38 -36.67 4.20
CA SER A 65 -11.97 -36.87 4.49
C SER A 65 -11.09 -36.41 3.34
N ALA A 66 -11.53 -36.61 2.10
CA ALA A 66 -10.71 -36.24 0.95
C ALA A 66 -10.45 -34.74 0.89
N SER A 67 -11.49 -33.93 1.14
CA SER A 67 -11.31 -32.48 1.12
C SER A 67 -10.37 -32.03 2.23
N PHE A 68 -10.51 -32.62 3.42
CA PHE A 68 -9.62 -32.25 4.52
C PHE A 68 -8.18 -32.64 4.24
N ILE A 69 -7.97 -33.81 3.61
CA ILE A 69 -6.62 -34.23 3.25
C ILE A 69 -6.02 -33.29 2.21
N SER A 70 -6.83 -32.90 1.21
CA SER A 70 -6.35 -31.95 0.22
C SER A 70 -6.00 -30.62 0.88
N ILE A 71 -6.81 -30.18 1.86
CA ILE A 71 -6.53 -28.95 2.57
C ILE A 71 -5.22 -29.06 3.33
N ALA A 72 -4.98 -30.20 4.00
CA ALA A 72 -3.75 -30.38 4.75
C ALA A 72 -2.53 -30.38 3.84
N ARG A 73 -2.62 -31.07 2.70
CA ARG A 73 -1.52 -31.07 1.75
C ARG A 73 -1.26 -29.66 1.23
N ALA A 74 -2.33 -28.93 0.89
CA ALA A 74 -2.19 -27.59 0.37
C ALA A 74 -1.58 -26.65 1.40
N TYR A 75 -1.95 -26.81 2.67
CA TYR A 75 -1.39 -25.95 3.71
C TYR A 75 0.06 -26.28 4.00
N TYR A 76 0.42 -27.57 3.94
CA TYR A 76 1.84 -27.91 4.00
C TYR A 76 2.60 -27.23 2.88
N LEU A 77 2.05 -27.26 1.66
CA LEU A 77 2.77 -26.68 0.54
C LEU A 77 2.82 -25.15 0.61
N VAL A 78 1.78 -24.50 1.15
CA VAL A 78 1.88 -23.05 1.34
C VAL A 78 2.90 -22.73 2.42
N SER A 79 3.07 -23.62 3.40
CA SER A 79 4.14 -23.44 4.37
C SER A 79 5.50 -23.53 3.69
N ILE A 80 5.67 -24.46 2.75
CA ILE A 80 6.98 -24.62 2.12
C ILE A 80 7.28 -23.47 1.15
N THR A 81 6.27 -22.98 0.42
CA THR A 81 6.58 -22.03 -0.65
C THR A 81 6.99 -20.66 -0.11
N ILE A 82 6.69 -20.33 1.14
CA ILE A 82 7.03 -19.04 1.70
C ILE A 82 8.42 -19.13 2.33
N LEU A 83 9.32 -18.30 1.84
CA LEU A 83 10.73 -18.31 2.24
C LEU A 83 10.91 -17.52 3.53
N PRO A 84 11.94 -17.85 4.32
CA PRO A 84 12.26 -17.03 5.49
C PRO A 84 12.86 -15.70 5.08
N LYS A 85 12.07 -14.63 5.19
CA LYS A 85 12.54 -13.32 4.75
C LYS A 85 13.73 -12.85 5.56
N GLY A 86 13.69 -13.02 6.88
CA GLY A 86 14.77 -12.65 7.76
C GLY A 86 15.55 -13.86 8.26
N THR A 87 16.41 -13.59 9.24
CA THR A 87 17.19 -14.67 9.86
C THR A 87 16.29 -15.63 10.62
N THR A 88 15.26 -15.10 11.29
CA THR A 88 14.37 -15.92 12.08
C THR A 88 13.33 -16.61 11.20
N ILE A 89 12.65 -17.59 11.78
CA ILE A 89 11.60 -18.33 11.07
C ILE A 89 10.44 -17.37 10.76
N PRO A 90 9.94 -17.33 9.54
CA PRO A 90 8.86 -16.39 9.22
C PRO A 90 7.57 -16.74 9.96
N GLU A 91 6.80 -15.71 10.27
CA GLU A 91 5.53 -15.93 10.97
C GLU A 91 4.51 -16.59 10.07
N LYS A 92 4.57 -16.35 8.76
CA LYS A 92 3.62 -16.96 7.85
C LYS A 92 3.75 -18.47 7.83
N LYS A 93 4.98 -18.99 7.92
CA LYS A 93 5.16 -20.43 7.98
C LYS A 93 4.54 -21.02 9.23
N LYS A 94 4.71 -20.35 10.38
CA LYS A 94 4.09 -20.81 11.61
C LYS A 94 2.58 -20.79 11.50
N GLU A 95 2.02 -19.73 10.90
CA GLU A 95 0.58 -19.66 10.72
C GLU A 95 0.08 -20.79 9.82
N ALA A 96 0.83 -21.08 8.75
CA ALA A 96 0.45 -22.16 7.85
C ALA A 96 0.47 -23.51 8.57
N LEU A 97 1.51 -23.76 9.37
CA LEU A 97 1.57 -25.00 10.14
C LEU A 97 0.38 -25.11 11.09
N ARG A 98 0.10 -24.02 11.82
CA ARG A 98 -1.00 -24.04 12.78
C ARG A 98 -2.33 -24.27 12.08
N LYS A 99 -2.56 -23.61 10.94
CA LYS A 99 -3.79 -23.79 10.19
C LYS A 99 -3.91 -25.23 9.69
N GLY A 100 -2.82 -25.80 9.20
CA GLY A 100 -2.86 -27.17 8.72
C GLY A 100 -3.22 -28.16 9.81
N ILE A 101 -2.57 -28.05 10.97
CA ILE A 101 -2.88 -28.97 12.06
C ILE A 101 -4.30 -28.73 12.58
N GLU A 102 -4.74 -27.47 12.63
CA GLU A 102 -6.09 -27.20 13.11
C GLU A 102 -7.15 -27.76 12.17
N PHE A 103 -6.92 -27.64 10.86
CA PHE A 103 -7.89 -28.16 9.90
C PHE A 103 -7.86 -29.68 9.81
N ILE A 104 -6.70 -30.29 10.10
CA ILE A 104 -6.63 -31.75 10.10
C ILE A 104 -7.06 -32.37 11.42
N ASP A 105 -7.15 -31.57 12.49
CA ASP A 105 -7.64 -32.09 13.76
C ASP A 105 -9.07 -32.62 13.62
N ARG A 106 -9.92 -31.87 12.92
CA ARG A 106 -11.30 -32.33 12.71
C ARG A 106 -11.34 -33.59 11.86
N ALA A 107 -10.46 -33.67 10.85
CA ALA A 107 -10.42 -34.87 10.01
C ALA A 107 -9.99 -36.10 10.80
N ILE A 108 -8.97 -35.95 11.64
CA ILE A 108 -8.47 -37.10 12.40
C ILE A 108 -9.36 -37.41 13.60
N ASN A 109 -10.21 -36.46 14.03
CA ASN A 109 -11.14 -36.73 15.12
C ASN A 109 -12.37 -37.51 14.67
N LYS A 110 -12.58 -37.66 13.37
CA LYS A 110 -13.72 -38.40 12.83
C LYS A 110 -13.24 -39.68 12.17
N PHE A 111 -14.12 -40.68 12.16
CA PHE A 111 -13.80 -41.97 11.56
C PHE A 111 -13.98 -41.88 10.05
N ASN A 112 -12.87 -41.88 9.31
CA ASN A 112 -12.93 -41.77 7.86
C ASN A 112 -13.63 -42.98 7.24
N GLY A 113 -13.37 -44.17 7.77
CA GLY A 113 -13.93 -45.39 7.25
C GLY A 113 -13.10 -46.08 6.19
N SER A 114 -12.01 -45.46 5.74
CA SER A 114 -11.10 -46.06 4.76
C SER A 114 -9.73 -46.20 5.40
N ILE A 115 -9.14 -47.39 5.24
CA ILE A 115 -7.83 -47.66 5.84
C ILE A 115 -6.76 -46.77 5.21
N LEU A 116 -6.76 -46.70 3.87
CA LEU A 116 -5.75 -45.90 3.18
C LEU A 116 -5.89 -44.42 3.50
N ASP A 117 -7.12 -43.90 3.52
CA ASP A 117 -7.34 -42.50 3.85
C ASP A 117 -6.92 -42.20 5.28
N SER A 118 -7.24 -43.08 6.22
CA SER A 118 -6.84 -42.89 7.61
C SER A 118 -5.32 -42.91 7.74
N GLN A 119 -4.65 -43.83 7.05
CA GLN A 119 -3.20 -43.88 7.09
C GLN A 119 -2.58 -42.62 6.51
N ARG A 120 -3.11 -42.14 5.39
CA ARG A 120 -2.60 -40.90 4.80
C ARG A 120 -2.80 -39.71 5.73
N ALA A 121 -3.97 -39.63 6.37
CA ALA A 121 -4.24 -38.54 7.31
C ALA A 121 -3.29 -38.59 8.50
N PHE A 122 -3.08 -39.79 9.05
CA PHE A 122 -2.15 -39.93 10.17
C PHE A 122 -0.74 -39.53 9.76
N ARG A 123 -0.31 -39.99 8.59
CA ARG A 123 1.04 -39.68 8.12
C ARG A 123 1.23 -38.18 7.94
N ILE A 124 0.25 -37.50 7.31
CA ILE A 124 0.43 -36.08 7.06
C ILE A 124 0.35 -35.29 8.36
N LYS A 125 -0.56 -35.65 9.27
CA LYS A 125 -0.62 -34.97 10.55
C LYS A 125 0.68 -35.14 11.34
N SER A 126 1.22 -36.36 11.40
CA SER A 126 2.44 -36.60 12.16
C SER A 126 3.63 -35.87 11.56
N VAL A 127 3.77 -35.90 10.23
CA VAL A 127 4.91 -35.21 9.62
C VAL A 127 4.72 -33.69 9.68
N LEU A 128 3.48 -33.21 9.68
CA LEU A 128 3.25 -31.78 9.89
C LEU A 128 3.68 -31.38 11.30
N SER A 129 3.37 -32.22 12.29
CA SER A 129 3.83 -31.96 13.66
C SER A 129 5.35 -31.99 13.74
N ILE A 130 5.99 -32.90 12.99
CA ILE A 130 7.44 -32.94 12.96
C ILE A 130 8.00 -31.64 12.38
N GLU A 131 7.41 -31.16 11.30
CA GLU A 131 7.87 -29.91 10.68
C GLU A 131 7.67 -28.73 11.62
N PHE A 132 6.54 -28.69 12.34
CA PHE A 132 6.31 -27.64 13.32
C PHE A 132 7.34 -27.71 14.44
N ASN A 133 7.67 -28.92 14.90
CA ASN A 133 8.68 -29.08 15.92
C ASN A 133 10.04 -28.59 15.43
N ARG A 134 10.39 -28.90 14.18
CA ARG A 134 11.64 -28.40 13.61
C ARG A 134 11.64 -26.88 13.55
N ILE A 135 10.53 -26.27 13.13
CA ILE A 135 10.46 -24.82 13.03
C ILE A 135 10.52 -24.18 14.42
N ASP A 136 9.72 -24.71 15.35
CA ASP A 136 9.69 -24.17 16.71
C ASP A 136 9.21 -25.26 17.65
N ARG A 137 10.07 -25.61 18.62
CA ARG A 137 9.72 -26.65 19.58
C ARG A 137 8.66 -26.19 20.58
N GLU A 138 8.41 -24.88 20.69
CA GLU A 138 7.42 -24.39 21.63
C GLU A 138 6.02 -24.86 21.26
N LYS A 139 5.67 -24.80 19.97
CA LYS A 139 4.34 -25.23 19.54
C LYS A 139 4.17 -26.73 19.69
N CYS A 140 5.16 -27.52 19.31
CA CYS A 140 5.10 -28.97 19.38
C CYS A 140 6.35 -29.48 20.08
N ASP A 141 6.16 -30.12 21.24
CA ASP A 141 7.25 -30.65 22.04
C ASP A 141 7.43 -32.13 21.73
N ASN A 142 8.26 -32.81 22.54
CA ASN A 142 8.49 -34.23 22.37
C ASN A 142 7.23 -35.06 22.59
N ILE A 143 6.27 -34.53 23.36
CA ILE A 143 5.00 -35.22 23.53
C ILE A 143 4.27 -35.34 22.20
N LYS A 144 4.33 -34.28 21.39
CA LYS A 144 3.73 -34.33 20.05
C LYS A 144 4.41 -35.38 19.19
N LEU A 145 5.74 -35.51 19.31
CA LEU A 145 6.46 -36.54 18.55
C LEU A 145 6.06 -37.93 19.02
N LYS A 146 5.89 -38.12 20.33
CA LYS A 146 5.42 -39.41 20.84
C LYS A 146 4.02 -39.73 20.32
N ASN A 147 3.14 -38.73 20.29
CA ASN A 147 1.80 -38.93 19.74
C ASN A 147 1.87 -39.28 18.26
N LEU A 148 2.80 -38.64 17.53
CA LEU A 148 3.01 -38.97 16.12
C LEU A 148 3.46 -40.41 15.96
N LEU A 149 4.37 -40.86 16.83
CA LEU A 149 4.78 -42.27 16.82
C LEU A 149 3.60 -43.19 17.08
N ASN A 150 2.76 -42.86 18.06
CA ASN A 150 1.61 -43.70 18.35
C ASN A 150 0.68 -43.78 17.15
N GLU A 151 0.41 -42.64 16.51
CA GLU A 151 -0.47 -42.62 15.35
C GLU A 151 0.13 -43.41 14.18
N ALA A 152 1.44 -43.25 13.95
CA ALA A 152 2.08 -43.98 12.86
C ALA A 152 2.06 -45.48 13.11
N VAL A 153 2.31 -45.91 14.35
CA VAL A 153 2.27 -47.32 14.67
C VAL A 153 0.85 -47.87 14.51
N ASP A 154 -0.15 -47.12 14.96
CA ASP A 154 -1.53 -47.57 14.83
C ASP A 154 -1.92 -47.69 13.36
N LYS A 155 -1.55 -46.70 12.55
CA LYS A 155 -1.86 -46.73 11.13
C LYS A 155 -0.96 -47.71 10.37
N GLY A 156 0.28 -47.88 10.82
CA GLY A 156 1.20 -48.76 10.13
C GLY A 156 1.76 -48.22 8.84
N CYS A 157 1.75 -46.90 8.65
CA CYS A 157 2.23 -46.28 7.42
C CYS A 157 3.75 -46.30 7.42
N THR A 158 4.30 -47.48 7.11
CA THR A 158 5.74 -47.68 7.04
C THR A 158 6.18 -48.13 5.65
N ASP A 159 5.43 -47.76 4.61
CA ASP A 159 5.76 -48.17 3.25
C ASP A 159 6.92 -47.35 2.73
N PHE A 160 8.15 -47.82 2.98
CA PHE A 160 9.33 -47.10 2.54
C PHE A 160 9.45 -47.04 1.03
N ASP A 161 9.08 -48.13 0.34
CA ASP A 161 9.23 -48.22 -1.10
C ASP A 161 8.06 -47.60 -1.86
N THR A 162 7.05 -47.07 -1.16
CA THR A 162 5.89 -46.48 -1.80
C THR A 162 5.86 -44.96 -1.66
N TYR A 163 5.95 -44.44 -0.43
CA TYR A 163 5.94 -43.01 -0.18
C TYR A 163 7.16 -42.65 0.66
N GLU A 164 7.95 -41.69 0.18
CA GLU A 164 9.03 -41.13 0.99
C GLU A 164 8.49 -40.36 2.19
N TRP A 165 7.19 -40.03 2.19
CA TRP A 165 6.56 -39.40 3.33
C TRP A 165 6.68 -40.29 4.56
N ASP A 166 6.44 -41.59 4.36
CA ASP A 166 6.62 -42.57 5.42
C ASP A 166 8.08 -42.68 5.83
N ILE A 167 9.00 -42.57 4.88
CA ILE A 167 10.42 -42.63 5.22
C ILE A 167 10.80 -41.46 6.11
N GLN A 168 10.31 -40.27 5.78
CA GLN A 168 10.58 -39.09 6.61
C GLN A 168 10.00 -39.24 8.00
N ILE A 169 8.75 -39.73 8.09
CA ILE A 169 8.18 -39.90 9.43
C ILE A 169 8.94 -40.97 10.20
N ALA A 170 9.44 -42.00 9.51
CA ALA A 170 10.20 -43.06 10.18
C ALA A 170 11.52 -42.53 10.74
N ILE A 171 12.25 -41.74 9.95
CA ILE A 171 13.53 -41.23 10.43
C ILE A 171 13.32 -40.22 11.55
N ARG A 172 12.28 -39.38 11.43
CA ARG A 172 11.97 -38.46 12.52
C ARG A 172 11.60 -39.20 13.80
N LEU A 173 10.82 -40.28 13.68
CA LEU A 173 10.46 -41.08 14.83
C LEU A 173 11.69 -41.73 15.47
N CYS A 174 12.58 -42.27 14.62
CA CYS A 174 13.81 -42.87 15.14
C CYS A 174 14.69 -41.84 15.82
N GLU A 175 14.65 -40.59 15.36
CA GLU A 175 15.39 -39.52 16.02
C GLU A 175 14.88 -39.24 17.42
N LEU A 176 13.66 -39.64 17.74
CA LEU A 176 13.06 -39.40 19.05
C LEU A 176 13.53 -40.39 20.12
N GLY A 177 14.56 -41.17 19.83
CA GLY A 177 15.07 -42.12 20.81
C GLY A 177 14.13 -43.27 21.12
N VAL A 178 13.47 -43.81 20.10
CA VAL A 178 12.56 -44.94 20.25
C VAL A 178 12.94 -46.00 19.22
N ASP A 179 12.92 -47.26 19.64
CA ASP A 179 13.29 -48.35 18.76
C ASP A 179 12.36 -48.43 17.55
N MET A 180 12.96 -48.62 16.38
CA MET A 180 12.22 -48.73 15.12
C MET A 180 12.68 -49.97 14.35
N GLU A 181 12.99 -51.04 15.08
CA GLU A 181 13.44 -52.28 14.44
C GLU A 181 12.33 -52.94 13.63
N GLY A 182 11.07 -52.60 13.89
CA GLY A 182 9.98 -53.19 13.12
C GLY A 182 10.03 -52.80 11.66
N HIS A 183 10.35 -51.54 11.38
CA HIS A 183 10.48 -51.04 10.02
C HIS A 183 11.92 -51.04 9.53
N PHE A 184 12.82 -51.69 10.27
CA PHE A 184 14.24 -51.72 9.88
C PHE A 184 14.43 -52.42 8.55
N ASP A 185 13.74 -53.55 8.35
CA ASP A 185 13.86 -54.28 7.09
C ASP A 185 13.35 -53.45 5.92
N ASN A 186 12.23 -52.75 6.11
CA ASN A 186 11.70 -51.90 5.05
C ASN A 186 12.64 -50.74 4.75
N LEU A 187 13.22 -50.14 5.79
CA LEU A 187 14.12 -49.01 5.58
C LEU A 187 15.48 -49.44 5.05
N ILE A 188 15.81 -50.73 5.14
CA ILE A 188 17.10 -51.22 4.64
C ILE A 188 17.22 -50.97 3.14
N LYS A 189 16.17 -51.28 2.38
CA LYS A 189 16.21 -51.07 0.94
C LYS A 189 15.92 -49.60 0.61
N SER A 190 14.71 -49.14 0.91
CA SER A 190 14.32 -47.73 0.82
C SER A 190 14.80 -47.09 -0.48
N ASN A 191 14.23 -47.59 -1.59
CA ASN A 191 14.66 -47.12 -2.91
C ASN A 191 14.41 -45.63 -3.09
N LYS A 192 13.44 -45.07 -2.38
CA LYS A 192 13.10 -43.66 -2.49
C LYS A 192 13.81 -42.79 -1.47
N ALA A 193 14.65 -43.38 -0.62
CA ALA A 193 15.33 -42.61 0.42
C ALA A 193 16.63 -42.01 -0.11
N ASN A 194 17.21 -41.12 0.69
CA ASN A 194 18.51 -40.54 0.42
C ASN A 194 19.53 -41.12 1.39
N ASP A 195 20.81 -40.87 1.09
CA ASP A 195 21.90 -41.50 1.84
C ASP A 195 21.91 -41.09 3.30
N LEU A 196 21.55 -39.85 3.61
CA LEU A 196 21.61 -39.38 4.99
C LEU A 196 20.59 -40.11 5.87
N GLN A 197 19.41 -40.41 5.32
CA GLN A 197 18.44 -41.19 6.10
C GLN A 197 18.98 -42.58 6.40
N LYS A 198 19.64 -43.22 5.43
CA LYS A 198 20.24 -44.52 5.68
C LYS A 198 21.32 -44.43 6.74
N ALA A 199 22.16 -43.38 6.69
CA ALA A 199 23.19 -43.22 7.70
C ALA A 199 22.60 -43.01 9.09
N LYS A 200 21.54 -42.20 9.19
CA LYS A 200 20.88 -41.98 10.47
C LYS A 200 20.28 -43.27 11.01
N ALA A 201 19.63 -44.05 10.14
CA ALA A 201 19.05 -45.32 10.58
C ALA A 201 20.13 -46.28 11.04
N TYR A 202 21.25 -46.35 10.31
CA TYR A 202 22.33 -47.25 10.69
C TYR A 202 22.96 -46.86 12.02
N TYR A 203 23.19 -45.56 12.23
CA TYR A 203 23.88 -45.13 13.45
C TYR A 203 22.95 -45.17 14.67
N PHE A 204 21.68 -44.85 14.49
CA PHE A 204 20.79 -44.69 15.63
C PHE A 204 20.32 -46.03 16.18
N ILE A 205 19.72 -46.85 15.33
CA ILE A 205 19.11 -48.10 15.80
C ILE A 205 20.17 -49.18 15.96
N LYS A 206 20.85 -49.55 14.87
CA LYS A 206 21.80 -50.63 14.90
C LYS A 206 23.17 -50.22 15.41
N LYS A 207 23.44 -48.92 15.50
CA LYS A 207 24.74 -48.39 15.94
C LYS A 207 25.89 -48.92 15.09
N ASP A 208 25.61 -49.18 13.81
CA ASP A 208 26.62 -49.68 12.88
C ASP A 208 27.30 -48.49 12.23
N ASP A 209 28.55 -48.23 12.62
CA ASP A 209 29.26 -47.05 12.12
C ASP A 209 29.76 -47.24 10.69
N HIS A 210 30.08 -48.47 10.29
CA HIS A 210 30.63 -48.69 8.95
C HIS A 210 29.63 -48.32 7.87
N LYS A 211 28.41 -48.87 7.95
CA LYS A 211 27.39 -48.54 6.97
C LYS A 211 26.97 -47.08 7.07
N ALA A 212 26.93 -46.55 8.29
CA ALA A 212 26.59 -45.14 8.47
C ALA A 212 27.57 -44.24 7.73
N LYS A 213 28.87 -44.49 7.89
CA LYS A 213 29.87 -43.69 7.19
C LYS A 213 29.86 -43.97 5.69
N GLU A 214 29.56 -45.20 5.27
CA GLU A 214 29.48 -45.50 3.85
C GLU A 214 28.38 -44.69 3.18
N HIS A 215 27.22 -44.59 3.81
CA HIS A 215 26.16 -43.73 3.29
C HIS A 215 26.50 -42.25 3.47
N MET A 216 27.24 -41.93 4.53
CA MET A 216 27.58 -40.54 4.84
C MET A 216 28.48 -39.95 3.76
N ASP A 217 29.43 -40.73 3.27
CA ASP A 217 30.32 -40.24 2.21
C ASP A 217 29.54 -39.91 0.95
N LYS A 218 28.61 -40.78 0.56
CA LYS A 218 27.77 -40.49 -0.60
C LYS A 218 26.89 -39.26 -0.34
N CYS A 219 26.38 -39.14 0.88
CA CYS A 219 25.53 -37.99 1.21
C CYS A 219 26.30 -36.68 1.07
N THR A 220 27.54 -36.64 1.58
CA THR A 220 28.32 -35.41 1.48
C THR A 220 28.80 -35.17 0.06
N ALA A 221 29.05 -36.24 -0.71
CA ALA A 221 29.38 -36.06 -2.12
C ALA A 221 28.20 -35.43 -2.87
N SER A 222 26.98 -35.88 -2.58
CA SER A 222 25.81 -35.24 -3.17
C SER A 222 25.66 -33.80 -2.69
N LEU A 223 25.92 -33.56 -1.41
CA LEU A 223 25.84 -32.20 -0.87
C LEU A 223 26.83 -31.27 -1.55
N LYS A 224 27.96 -31.81 -2.02
CA LYS A 224 28.94 -31.00 -2.72
C LYS A 224 28.36 -30.35 -3.98
N TYR A 225 27.29 -30.90 -4.54
CA TYR A 225 26.72 -30.40 -5.78
C TYR A 225 25.29 -29.87 -5.61
N THR A 226 24.92 -29.48 -4.39
CA THR A 226 23.58 -28.93 -4.16
C THR A 226 23.67 -27.58 -3.49
N PRO A 227 22.78 -26.65 -3.84
CA PRO A 227 22.80 -25.33 -3.22
C PRO A 227 22.48 -25.38 -1.74
N CYS A 228 22.88 -24.32 -1.03
CA CYS A 228 22.77 -24.27 0.42
C CYS A 228 21.35 -24.19 0.93
N SER A 229 20.37 -23.92 0.06
CA SER A 229 18.99 -23.79 0.48
C SER A 229 18.25 -25.13 0.56
N HIS A 230 18.92 -26.23 0.23
CA HIS A 230 18.26 -27.53 0.20
C HIS A 230 17.95 -28.01 1.62
N ARG A 231 16.99 -28.95 1.70
CA ARG A 231 16.67 -29.57 2.97
C ARG A 231 17.85 -30.34 3.55
N LEU A 232 18.69 -30.90 2.68
CA LEU A 232 19.75 -31.80 3.15
C LEU A 232 20.75 -31.06 4.03
N TRP A 233 21.05 -29.80 3.70
CA TRP A 233 22.08 -29.07 4.46
C TRP A 233 21.66 -28.88 5.91
N ASP A 234 20.46 -28.33 6.14
CA ASP A 234 20.03 -28.04 7.50
C ASP A 234 19.91 -29.30 8.33
N GLU A 235 19.32 -30.36 7.76
CA GLU A 235 19.12 -31.58 8.53
C GLU A 235 20.43 -32.33 8.74
N THR A 236 21.39 -32.22 7.81
CA THR A 236 22.67 -32.89 8.04
C THR A 236 23.49 -32.16 9.09
N VAL A 237 23.43 -30.82 9.12
CA VAL A 237 24.12 -30.11 10.20
C VAL A 237 23.42 -30.38 11.53
N GLY A 238 22.09 -30.51 11.51
CA GLY A 238 21.39 -30.90 12.73
C GLY A 238 21.81 -32.26 13.22
N PHE A 239 21.98 -33.22 12.31
CA PHE A 239 22.46 -34.54 12.70
C PHE A 239 23.88 -34.47 13.24
N ILE A 240 24.72 -33.63 12.64
CA ILE A 240 26.10 -33.51 13.11
C ILE A 240 26.14 -32.92 14.52
N GLU A 241 25.33 -31.89 14.79
CA GLU A 241 25.31 -31.33 16.13
C GLU A 241 24.65 -32.28 17.12
N ARG A 242 23.71 -33.10 16.67
CA ARG A 242 23.18 -34.17 17.51
C ARG A 242 24.28 -35.15 17.90
N LEU A 243 25.13 -35.53 16.94
CA LEU A 243 26.26 -36.40 17.23
C LEU A 243 27.22 -35.73 18.21
N LYS A 244 27.47 -34.44 18.02
CA LYS A 244 28.37 -33.71 18.92
C LYS A 244 27.82 -33.68 20.34
N GLY A 245 26.51 -33.46 20.48
CA GLY A 245 25.89 -33.52 21.79
C GLY A 245 25.79 -34.92 22.36
N ASP A 246 25.88 -35.94 21.50
CA ASP A 246 25.90 -37.32 21.94
C ASP A 246 27.30 -37.79 22.33
N SER A 247 28.31 -36.92 22.21
CA SER A 247 29.70 -37.24 22.56
C SER A 247 30.21 -38.45 21.78
N SER A 248 29.85 -38.51 20.49
CA SER A 248 30.32 -39.57 19.62
C SER A 248 31.71 -39.25 19.10
N THR A 249 32.26 -40.15 18.28
CA THR A 249 33.60 -40.00 17.74
C THR A 249 33.63 -39.71 16.24
N LEU A 250 32.58 -40.06 15.51
CA LEU A 250 32.56 -39.88 14.07
C LEU A 250 32.00 -38.54 13.63
N TRP A 251 31.65 -37.65 14.57
CA TRP A 251 31.08 -36.36 14.20
C TRP A 251 32.12 -35.46 13.57
N ARG A 252 33.38 -35.54 14.02
CA ARG A 252 34.42 -34.66 13.49
C ARG A 252 34.67 -34.89 12.01
N ASP A 253 34.75 -36.16 11.60
CA ASP A 253 35.06 -36.47 10.21
C ASP A 253 33.98 -35.95 9.27
N PHE A 254 32.71 -36.21 9.59
CA PHE A 254 31.64 -35.73 8.73
C PHE A 254 31.48 -34.22 8.82
N ALA A 255 31.80 -33.62 9.96
CA ALA A 255 31.79 -32.16 10.05
C ALA A 255 32.81 -31.56 9.09
N ILE A 256 34.02 -32.13 9.06
CA ILE A 256 35.05 -31.65 8.13
C ILE A 256 34.63 -31.90 6.69
N LYS A 257 34.01 -33.05 6.42
CA LYS A 257 33.58 -33.35 5.05
C LYS A 257 32.47 -32.41 4.59
N THR A 258 31.54 -32.06 5.48
CA THR A 258 30.52 -31.08 5.14
C THR A 258 31.14 -29.70 4.92
N TYR A 259 32.13 -29.35 5.73
CA TYR A 259 32.90 -28.13 5.48
C TYR A 259 33.46 -28.13 4.07
N ARG A 260 34.13 -29.23 3.68
CA ARG A 260 34.73 -29.30 2.35
C ARG A 260 33.68 -29.20 1.25
N SER A 261 32.54 -29.88 1.44
CA SER A 261 31.48 -29.82 0.44
C SER A 261 30.93 -28.41 0.29
N CYS A 262 30.72 -27.73 1.42
CA CYS A 262 30.24 -26.35 1.36
C CYS A 262 31.25 -25.45 0.68
N ARG A 263 32.53 -25.61 0.99
CA ARG A 263 33.56 -24.78 0.37
C ARG A 263 33.62 -25.00 -1.13
N VAL A 264 33.56 -26.25 -1.57
CA VAL A 264 33.67 -26.54 -3.00
C VAL A 264 32.42 -26.07 -3.74
N GLN A 265 31.24 -26.25 -3.13
CA GLN A 265 29.99 -25.92 -3.80
C GLN A 265 29.91 -24.44 -4.13
N GLU A 266 30.29 -23.58 -3.18
CA GLU A 266 30.24 -22.14 -3.38
C GLU A 266 31.54 -21.57 -3.95
N LYS A 267 32.54 -22.41 -4.21
CA LYS A 267 33.79 -21.91 -4.77
C LYS A 267 33.60 -21.30 -6.14
N GLU A 268 32.78 -21.93 -6.99
CA GLU A 268 32.52 -21.44 -8.33
C GLU A 268 31.31 -20.51 -8.37
N THR A 269 30.22 -20.91 -7.73
CA THR A 269 29.01 -20.08 -7.72
C THR A 269 29.23 -18.80 -6.93
N GLY A 270 28.54 -17.75 -7.33
CA GLY A 270 28.65 -16.47 -6.68
C GLY A 270 29.95 -15.76 -6.97
N THR A 271 30.16 -15.38 -8.24
CA THR A 271 31.38 -14.68 -8.63
C THR A 271 31.47 -13.30 -8.00
N LEU A 272 30.35 -12.73 -7.56
CA LEU A 272 30.33 -11.44 -6.90
C LEU A 272 30.54 -11.53 -5.40
N ARG A 273 31.16 -12.61 -4.93
CA ARG A 273 31.44 -12.83 -3.50
C ARG A 273 30.14 -12.80 -2.68
N LEU A 274 29.27 -13.76 -2.99
CA LEU A 274 27.96 -13.83 -2.37
C LEU A 274 27.73 -15.23 -1.78
N ARG A 275 26.83 -15.29 -0.81
CA ARG A 275 26.49 -16.53 -0.13
C ARG A 275 25.00 -16.53 0.19
N TRP A 276 24.46 -17.72 0.45
CA TRP A 276 23.06 -17.88 0.80
C TRP A 276 22.94 -18.17 2.29
N TYR A 277 22.08 -17.41 2.97
CA TYR A 277 21.87 -17.57 4.40
C TYR A 277 20.84 -18.65 4.69
N TRP A 278 21.19 -19.56 5.60
CA TRP A 278 20.25 -20.60 6.02
C TRP A 278 20.29 -20.85 7.52
N SER A 279 20.88 -19.93 8.30
CA SER A 279 20.81 -19.91 9.76
C SER A 279 21.50 -21.11 10.40
N ARG A 280 22.06 -22.00 9.59
CA ARG A 280 22.83 -23.13 10.07
C ARG A 280 24.21 -23.21 9.45
N HIS A 281 24.52 -22.32 8.50
CA HIS A 281 25.86 -22.24 7.95
C HIS A 281 26.88 -21.85 9.01
N ARG A 282 26.54 -20.86 9.84
CA ARG A 282 27.48 -20.37 10.84
C ARG A 282 27.84 -21.44 11.85
N VAL A 283 26.84 -22.17 12.36
CA VAL A 283 27.12 -23.23 13.31
C VAL A 283 27.86 -24.39 12.64
N LEU A 284 27.57 -24.64 11.36
CA LEU A 284 28.32 -25.67 10.63
C LEU A 284 29.80 -25.34 10.57
N TYR A 285 30.13 -24.10 10.19
CA TYR A 285 31.53 -23.68 10.16
C TYR A 285 32.13 -23.68 11.56
N ASP A 286 31.38 -23.22 12.56
CA ASP A 286 31.85 -23.21 13.93
C ASP A 286 32.24 -24.60 14.39
N MET A 287 31.39 -25.58 14.14
CA MET A 287 31.61 -26.93 14.66
C MET A 287 32.61 -27.71 13.81
N ALA A 288 32.72 -27.42 12.52
CA ALA A 288 33.84 -27.95 11.75
C ALA A 288 35.16 -27.40 12.27
N PHE A 289 35.19 -26.10 12.61
CA PHE A 289 36.36 -25.48 13.22
C PHE A 289 36.70 -26.18 14.53
N LEU A 290 35.70 -26.45 15.35
CA LEU A 290 35.93 -27.15 16.61
C LEU A 290 36.48 -28.55 16.36
N ALA A 291 35.97 -29.24 15.34
CA ALA A 291 36.44 -30.58 15.01
C ALA A 291 37.91 -30.57 14.62
N VAL A 292 38.29 -29.68 13.70
CA VAL A 292 39.69 -29.65 13.28
C VAL A 292 40.58 -29.16 14.41
N LYS A 293 40.07 -28.27 15.26
CA LYS A 293 40.85 -27.84 16.43
C LYS A 293 41.10 -28.99 17.39
N GLU A 294 40.08 -29.81 17.65
CA GLU A 294 40.27 -30.98 18.51
C GLU A 294 41.21 -31.99 17.87
N GLN A 295 41.16 -32.11 16.54
CA GLN A 295 42.14 -32.95 15.85
C GLN A 295 43.56 -32.43 16.03
N ALA A 296 43.73 -31.11 16.00
CA ALA A 296 45.06 -30.51 16.14
C ALA A 296 45.65 -30.81 17.52
N ASP A 297 44.84 -30.67 18.57
CA ASP A 297 45.31 -30.85 19.93
C ASP A 297 45.04 -32.25 20.47
N ASP A 298 44.96 -33.25 19.60
CA ASP A 298 44.71 -34.62 20.02
C ASP A 298 46.00 -35.39 20.26
N GLU A 299 46.90 -34.79 21.06
CA GLU A 299 48.18 -35.40 21.43
C GLU A 299 48.95 -35.85 20.19
N GLU A 300 49.05 -34.95 19.21
CA GLU A 300 49.71 -35.29 17.95
C GLU A 300 51.21 -35.43 18.18
N PRO A 301 51.81 -36.57 17.87
CA PRO A 301 53.26 -36.72 18.09
C PRO A 301 54.10 -36.00 17.04
N ASP A 302 53.54 -35.75 15.85
CA ASP A 302 54.29 -35.14 14.76
C ASP A 302 53.98 -33.66 14.66
N VAL A 303 55.03 -32.85 14.45
CA VAL A 303 54.84 -31.42 14.28
C VAL A 303 54.13 -31.12 12.97
N ASN A 304 54.40 -31.91 11.93
CA ASN A 304 53.85 -31.63 10.61
C ASN A 304 52.32 -31.73 10.61
N VAL A 305 51.77 -32.76 11.26
CA VAL A 305 50.33 -32.95 11.24
C VAL A 305 49.63 -31.84 12.05
N LYS A 306 50.22 -31.45 13.18
CA LYS A 306 49.66 -30.35 13.95
C LYS A 306 49.71 -29.04 13.17
N GLN A 307 50.81 -28.79 12.46
CA GLN A 307 50.92 -27.59 11.64
C GLN A 307 49.89 -27.59 10.53
N ALA A 308 49.68 -28.75 9.89
CA ALA A 308 48.66 -28.85 8.84
C ALA A 308 47.27 -28.64 9.41
N LYS A 309 47.01 -29.16 10.61
CA LYS A 309 45.71 -28.96 11.24
C LYS A 309 45.47 -27.49 11.56
N ILE A 310 46.49 -26.79 12.06
CA ILE A 310 46.33 -25.35 12.32
C ILE A 310 46.17 -24.59 11.01
N LYS A 311 46.84 -25.01 9.94
CA LYS A 311 46.64 -24.40 8.64
C LYS A 311 45.20 -24.59 8.16
N LYS A 312 44.65 -25.78 8.37
CA LYS A 312 43.25 -26.03 8.02
C LYS A 312 42.32 -25.18 8.88
N LEU A 313 42.67 -24.99 10.15
CA LEU A 313 41.94 -24.05 11.01
C LEU A 313 41.90 -22.66 10.39
N ALA A 314 43.06 -22.17 9.94
CA ALA A 314 43.11 -20.87 9.30
C ALA A 314 42.29 -20.86 8.02
N GLU A 315 42.33 -21.96 7.26
CA GLU A 315 41.59 -22.02 6.00
C GLU A 315 40.08 -21.94 6.24
N ILE A 316 39.58 -22.65 7.24
CA ILE A 316 38.14 -22.61 7.49
C ILE A 316 37.76 -21.26 8.08
N SER A 317 38.64 -20.66 8.89
CA SER A 317 38.39 -19.30 9.36
C SER A 317 38.28 -18.33 8.19
N ASP A 318 39.15 -18.49 7.19
CA ASP A 318 39.15 -17.60 6.04
C ASP A 318 37.96 -17.83 5.12
N SER A 319 37.52 -19.09 4.97
CA SER A 319 36.43 -19.38 4.05
C SER A 319 35.14 -18.71 4.49
N LEU A 320 34.86 -18.72 5.80
CA LEU A 320 33.67 -18.03 6.31
C LEU A 320 33.75 -16.53 6.06
N LYS A 321 34.94 -15.94 6.23
CA LYS A 321 35.11 -14.51 6.04
C LYS A 321 35.11 -14.14 4.56
N SER A 322 35.62 -15.03 3.70
CA SER A 322 35.80 -14.71 2.29
C SER A 322 34.50 -14.52 1.53
N ARG A 323 33.34 -14.73 2.16
CA ARG A 323 32.08 -14.59 1.44
C ARG A 323 31.10 -13.69 2.19
N PHE A 324 29.86 -13.66 1.73
CA PHE A 324 28.86 -12.71 2.17
C PHE A 324 27.80 -13.41 3.03
N SER A 325 26.78 -12.66 3.42
CA SER A 325 25.63 -13.25 4.10
C SER A 325 24.45 -12.29 3.89
N LEU A 326 23.58 -12.63 2.94
CA LEU A 326 22.47 -11.75 2.55
C LEU A 326 21.16 -12.52 2.62
N ARG A 327 20.20 -11.97 3.38
CA ARG A 327 18.86 -12.50 3.36
C ARG A 327 18.19 -12.16 2.03
N LEU A 328 17.30 -13.05 1.58
CA LEU A 328 16.66 -12.84 0.28
C LEU A 328 15.71 -11.66 0.27
N SER A 329 15.30 -11.15 1.44
CA SER A 329 14.53 -9.91 1.47
C SER A 329 15.35 -8.76 0.92
N ASP A 330 16.62 -8.67 1.31
CA ASP A 330 17.51 -7.67 0.72
C ASP A 330 17.83 -8.02 -0.73
N MET A 331 17.96 -9.31 -1.05
CA MET A 331 18.21 -9.72 -2.42
C MET A 331 17.03 -9.39 -3.32
N GLU A 332 15.81 -9.57 -2.84
CA GLU A 332 14.62 -9.26 -3.61
C GLU A 332 14.05 -7.90 -3.21
N ASP A 338 27.56 -3.04 -15.22
CA ASP A 338 26.31 -2.82 -15.93
C ASP A 338 25.31 -3.93 -15.62
N ASP A 339 24.54 -4.33 -16.64
CA ASP A 339 23.54 -5.37 -16.48
C ASP A 339 24.14 -6.76 -16.39
N GLU A 340 25.44 -6.91 -16.68
CA GLU A 340 26.07 -8.22 -16.61
C GLU A 340 26.06 -8.77 -15.18
N SER A 341 26.33 -7.89 -14.20
CA SER A 341 26.32 -8.33 -12.81
C SER A 341 24.93 -8.74 -12.37
N ASN A 342 23.89 -8.02 -12.82
CA ASN A 342 22.53 -8.35 -12.43
C ASN A 342 22.08 -9.70 -12.97
N HIS A 343 22.65 -10.13 -14.11
CA HIS A 343 22.33 -11.45 -14.64
C HIS A 343 22.75 -12.55 -13.68
N GLU A 344 23.97 -12.47 -13.15
CA GLU A 344 24.44 -13.45 -12.19
C GLU A 344 23.63 -13.38 -10.90
N PHE A 345 23.29 -12.17 -10.46
CA PHE A 345 22.45 -12.01 -9.28
C PHE A 345 21.11 -12.72 -9.44
N LYS A 346 20.43 -12.47 -10.57
CA LYS A 346 19.13 -13.09 -10.81
C LYS A 346 19.25 -14.60 -10.94
N LYS A 347 20.29 -15.08 -11.62
CA LYS A 347 20.47 -16.52 -11.79
C LYS A 347 20.71 -17.20 -10.44
N PHE A 348 21.57 -16.60 -9.61
CA PHE A 348 21.85 -17.17 -8.29
C PHE A 348 20.60 -17.17 -7.42
N LEU A 349 19.85 -16.07 -7.43
CA LEU A 349 18.63 -16.02 -6.62
C LEU A 349 17.62 -17.06 -7.09
N ASP A 350 17.45 -17.20 -8.40
CA ASP A 350 16.53 -18.20 -8.93
C ASP A 350 16.96 -19.61 -8.55
N LYS A 351 18.26 -19.91 -8.68
CA LYS A 351 18.76 -21.23 -8.35
C LYS A 351 18.55 -21.54 -6.86
N CYS A 352 18.85 -20.58 -6.00
CA CYS A 352 18.68 -20.81 -4.56
C CYS A 352 17.22 -20.99 -4.19
N VAL A 353 16.34 -20.14 -4.73
CA VAL A 353 14.92 -20.23 -4.38
C VAL A 353 14.31 -21.50 -4.96
N THR A 354 14.85 -22.01 -6.07
CA THR A 354 14.37 -23.28 -6.61
C THR A 354 14.84 -24.45 -5.74
N ALA A 355 16.11 -24.44 -5.36
CA ALA A 355 16.65 -25.53 -4.54
C ALA A 355 16.07 -25.54 -3.14
N TYR A 356 15.56 -24.41 -2.65
CA TYR A 356 14.91 -24.42 -1.35
C TYR A 356 13.66 -25.30 -1.35
N GLN A 357 12.88 -25.23 -2.43
CA GLN A 357 11.64 -26.01 -2.51
C GLN A 357 11.85 -27.37 -3.17
N ASP A 358 12.95 -27.57 -3.90
CA ASP A 358 13.20 -28.88 -4.50
C ASP A 358 13.51 -29.96 -3.46
N GLY A 359 13.77 -29.59 -2.21
CA GLY A 359 14.10 -30.59 -1.21
C GLY A 359 12.94 -31.51 -0.88
N TYR A 360 11.74 -30.97 -0.77
CA TYR A 360 10.57 -31.74 -0.34
C TYR A 360 9.83 -32.42 -1.48
N VAL A 361 9.88 -31.87 -2.69
CA VAL A 361 9.09 -32.38 -3.79
C VAL A 361 9.77 -33.57 -4.46
N ILE A 362 9.43 -34.78 -4.00
CA ILE A 362 10.00 -36.03 -4.51
C ILE A 362 11.52 -36.00 -4.52
N ALA A 388 39.94 -12.77 -9.30
CA ALA A 388 40.31 -13.41 -10.55
C ALA A 388 41.10 -14.69 -10.30
N LYS A 389 42.31 -14.53 -9.78
CA LYS A 389 43.20 -15.65 -9.48
C LYS A 389 43.28 -15.85 -7.98
N LEU A 390 43.09 -17.08 -7.53
CA LEU A 390 43.12 -17.39 -6.11
C LEU A 390 44.53 -17.22 -5.54
N LEU A 391 44.59 -16.95 -4.25
CA LEU A 391 45.85 -16.76 -3.54
C LEU A 391 45.99 -17.85 -2.48
N GLU A 392 47.14 -18.51 -2.45
CA GLU A 392 47.38 -19.56 -1.47
C GLU A 392 47.63 -18.94 -0.09
N LEU A 393 47.20 -19.65 0.94
CA LEU A 393 47.31 -19.14 2.30
C LEU A 393 48.75 -19.13 2.81
N THR A 394 49.66 -19.83 2.14
CA THR A 394 51.03 -19.98 2.64
C THR A 394 52.04 -19.09 1.93
N GLN A 395 51.71 -18.54 0.76
CA GLN A 395 52.63 -17.66 0.04
C GLN A 395 52.41 -16.23 0.52
N VAL A 396 53.42 -15.68 1.19
CA VAL A 396 53.35 -14.37 1.84
C VAL A 396 54.69 -13.68 1.64
N PRO A 397 54.72 -12.36 1.46
CA PRO A 397 56.00 -11.66 1.37
C PRO A 397 56.84 -11.87 2.63
N GLU A 398 58.15 -11.95 2.43
CA GLU A 398 59.07 -12.26 3.52
C GLU A 398 59.00 -11.20 4.61
N GLY A 399 59.01 -11.65 5.86
CA GLY A 399 58.94 -10.74 6.99
C GLY A 399 57.55 -10.29 7.37
N TRP A 400 56.51 -10.96 6.87
CA TRP A 400 55.13 -10.59 7.15
C TRP A 400 54.48 -11.72 7.95
N VAL A 401 53.93 -11.38 9.11
CA VAL A 401 53.22 -12.33 9.95
C VAL A 401 51.73 -12.01 9.89
N VAL A 402 50.92 -13.00 9.52
CA VAL A 402 49.48 -12.84 9.39
C VAL A 402 48.80 -13.39 10.63
N VAL A 403 47.73 -12.71 11.05
CA VAL A 403 46.99 -13.08 12.25
C VAL A 403 45.55 -13.30 11.83
N HIS A 404 45.18 -14.56 11.57
CA HIS A 404 43.80 -14.88 11.23
C HIS A 404 42.98 -14.98 12.50
N PHE A 405 41.82 -14.32 12.50
CA PHE A 405 40.92 -14.31 13.64
C PHE A 405 39.65 -15.09 13.31
N TYR A 406 39.23 -15.94 14.24
CA TYR A 406 37.97 -16.66 14.11
C TYR A 406 37.22 -16.61 15.43
N LEU A 407 35.94 -16.26 15.35
CA LEU A 407 35.06 -16.16 16.51
C LEU A 407 34.00 -17.26 16.38
N ASN A 408 34.15 -18.31 17.17
CA ASN A 408 33.23 -19.43 17.16
C ASN A 408 32.22 -19.28 18.29
N LYS A 409 30.94 -19.20 17.95
CA LYS A 409 29.90 -19.01 18.95
C LYS A 409 29.60 -20.28 19.73
N LEU A 410 29.74 -21.45 19.10
CA LEU A 410 29.47 -22.71 19.80
C LEU A 410 30.42 -22.89 20.97
N GLU A 411 31.72 -22.72 20.73
CA GLU A 411 32.69 -22.83 21.82
C GLU A 411 32.59 -21.62 22.76
N GLY A 412 32.36 -20.44 22.22
CA GLY A 412 32.22 -19.23 23.01
C GLY A 412 33.49 -18.46 23.26
N MET A 413 34.65 -18.98 22.87
CA MET A 413 35.92 -18.27 23.02
C MET A 413 36.63 -18.22 21.68
N GLY A 414 37.01 -17.01 21.27
CA GLY A 414 37.57 -16.82 19.95
C GLY A 414 38.97 -17.39 19.81
N ASN A 415 39.42 -17.45 18.55
CA ASN A 415 40.72 -17.98 18.21
C ASN A 415 41.49 -16.96 17.36
N ALA A 416 42.81 -17.04 17.43
CA ALA A 416 43.70 -16.17 16.66
C ALA A 416 44.79 -17.05 16.05
N ILE A 417 44.57 -17.47 14.81
CA ILE A 417 45.48 -18.36 14.11
C ILE A 417 46.55 -17.48 13.45
N VAL A 418 47.74 -17.50 14.03
CA VAL A 418 48.84 -16.68 13.53
C VAL A 418 49.75 -17.52 12.63
N PHE A 419 50.54 -16.85 11.81
CA PHE A 419 51.46 -17.53 10.90
C PHE A 419 52.56 -16.56 10.51
N ASP A 420 53.81 -16.89 10.84
CA ASP A 420 54.96 -16.07 10.51
C ASP A 420 55.91 -16.85 9.63
N LYS A 421 56.43 -16.20 8.58
CA LYS A 421 57.31 -16.86 7.62
C LYS A 421 58.76 -16.92 8.08
N CYS A 422 59.10 -16.27 9.19
CA CYS A 422 60.46 -16.37 9.72
C CYS A 422 60.78 -17.81 10.10
N ALA A 423 59.84 -18.51 10.73
CA ALA A 423 59.98 -19.91 11.06
C ALA A 423 59.01 -20.81 10.30
N ASN A 424 58.10 -20.23 9.51
CA ASN A 424 57.09 -20.98 8.76
C ASN A 424 56.30 -21.90 9.69
N SER A 425 55.89 -21.38 10.85
CA SER A 425 55.22 -22.15 11.87
C SER A 425 53.82 -21.59 12.10
N TRP A 426 52.83 -22.47 12.14
CA TRP A 426 51.46 -22.10 12.45
C TRP A 426 51.19 -22.38 13.93
N GLN A 427 50.66 -21.38 14.63
CA GLN A 427 50.22 -21.56 16.00
C GLN A 427 48.98 -20.70 16.23
N TYR A 428 48.16 -21.12 17.19
CA TYR A 428 46.92 -20.44 17.48
C TYR A 428 46.72 -20.33 18.99
N LYS A 429 45.94 -19.33 19.40
CA LYS A 429 45.63 -19.12 20.80
C LYS A 429 44.15 -18.81 20.93
N GLU A 430 43.62 -19.03 22.14
CA GLU A 430 42.21 -18.82 22.42
C GLU A 430 42.03 -17.67 23.40
N PHE A 431 40.91 -16.96 23.25
CA PHE A 431 40.64 -15.80 24.08
C PHE A 431 39.12 -15.62 24.20
N GLN A 432 38.72 -14.91 25.26
CA GLN A 432 37.32 -14.57 25.47
C GLN A 432 37.01 -13.22 24.82
N TYR A 433 35.85 -13.13 24.17
CA TYR A 433 35.46 -11.93 23.47
C TYR A 433 34.17 -11.29 23.99
N LYS A 434 33.48 -11.93 24.94
CA LYS A 434 32.20 -11.41 25.39
C LYS A 434 32.37 -10.08 26.13
N GLU A 435 33.28 -10.03 27.10
CA GLU A 435 33.54 -8.78 27.81
C GLU A 435 34.16 -7.75 26.87
N LEU A 436 35.01 -8.19 25.95
CA LEU A 436 35.52 -7.30 24.92
C LEU A 436 34.38 -6.75 24.07
N PHE A 437 33.37 -7.59 23.79
CA PHE A 437 32.20 -7.10 23.06
C PHE A 437 31.42 -6.07 23.88
N GLU A 438 31.32 -6.28 25.20
CA GLU A 438 30.65 -5.29 26.03
C GLU A 438 31.39 -3.94 25.97
N VAL A 439 32.72 -3.97 26.05
CA VAL A 439 33.47 -2.73 26.01
C VAL A 439 33.38 -2.07 24.63
N PHE A 440 33.40 -2.87 23.58
CA PHE A 440 33.26 -2.32 22.23
C PHE A 440 31.88 -1.69 22.03
N LEU A 441 30.82 -2.34 22.53
CA LEU A 441 29.50 -1.76 22.43
C LEU A 441 29.40 -0.47 23.25
N THR A 442 30.05 -0.44 24.41
CA THR A 442 30.10 0.78 25.20
C THR A 442 30.74 1.91 24.39
N TRP A 443 31.88 1.64 23.77
CA TRP A 443 32.54 2.68 22.97
C TRP A 443 31.70 3.10 21.79
N GLN A 444 31.05 2.14 21.11
CA GLN A 444 30.24 2.48 19.94
C GLN A 444 29.05 3.35 20.33
N ALA A 445 28.40 3.02 21.46
CA ALA A 445 27.29 3.84 21.92
C ALA A 445 27.76 5.23 22.33
N ASN A 446 28.89 5.32 23.02
CA ASN A 446 29.39 6.62 23.46
C ASN A 446 29.87 7.47 22.29
N TYR A 447 30.33 6.82 21.22
CA TYR A 447 30.84 7.56 20.06
C TYR A 447 29.72 8.18 19.23
N ASN A 448 28.60 7.49 19.09
CA ASN A 448 27.52 7.98 18.25
C ASN A 448 26.83 9.21 18.83
N LEU A 449 27.11 9.57 20.07
CA LEU A 449 26.58 10.77 20.69
C LEU A 449 27.64 11.85 20.89
N TYR A 450 28.86 11.46 21.20
CA TYR A 450 29.94 12.35 21.60
C TYR A 450 31.22 12.01 20.84
N LYS A 451 31.12 11.92 19.52
CA LYS A 451 32.15 11.37 18.64
C LYS A 451 33.57 11.74 19.08
N GLU A 452 33.87 13.04 19.14
CA GLU A 452 35.20 13.45 19.55
C GLU A 452 35.40 13.31 21.06
N ASN A 453 34.34 13.43 21.84
CA ASN A 453 34.43 13.42 23.30
C ASN A 453 34.44 12.01 23.88
N ALA A 454 34.35 10.98 23.05
CA ALA A 454 34.39 9.59 23.51
C ALA A 454 35.79 8.99 23.44
N ALA A 455 36.83 9.82 23.58
CA ALA A 455 38.20 9.32 23.48
C ALA A 455 38.54 8.39 24.64
N GLU A 456 38.02 8.69 25.84
CA GLU A 456 38.29 7.85 26.99
C GLU A 456 37.74 6.44 26.77
N HIS A 457 36.55 6.33 26.18
CA HIS A 457 36.00 5.02 25.88
C HIS A 457 36.83 4.30 24.83
N LEU A 458 37.42 5.03 23.89
CA LEU A 458 38.32 4.41 22.91
C LEU A 458 39.58 3.88 23.59
N VAL A 459 40.14 4.65 24.53
CA VAL A 459 41.30 4.17 25.27
C VAL A 459 40.93 2.93 26.06
N THR A 460 39.75 2.92 26.69
CA THR A 460 39.29 1.74 27.42
C THR A 460 39.13 0.53 26.49
N LEU A 461 38.58 0.75 25.29
CA LEU A 461 38.42 -0.35 24.35
C LEU A 461 39.77 -0.90 23.89
N CYS A 462 40.73 -0.01 23.63
CA CYS A 462 42.06 -0.46 23.24
C CYS A 462 42.74 -1.23 24.36
N LYS A 463 42.60 -0.76 25.61
CA LYS A 463 43.16 -1.50 26.74
C LYS A 463 42.48 -2.85 26.90
N LYS A 464 41.18 -2.92 26.64
CA LYS A 464 40.47 -4.19 26.70
C LYS A 464 40.95 -5.14 25.60
N ILE A 465 41.24 -4.60 24.41
CA ILE A 465 41.82 -5.43 23.34
C ILE A 465 43.16 -5.98 23.78
N GLY A 466 44.00 -5.13 24.40
CA GLY A 466 45.29 -5.59 24.87
C GLY A 466 45.18 -6.65 25.96
N GLU A 467 44.22 -6.48 26.87
CA GLU A 467 44.07 -7.41 27.98
C GLU A 467 43.47 -8.74 27.54
N THR A 468 42.46 -8.70 26.67
CA THR A 468 41.82 -9.91 26.19
C THR A 468 42.64 -10.61 25.11
N MET A 469 43.62 -9.94 24.54
CA MET A 469 44.52 -10.53 23.54
C MET A 469 45.96 -10.25 23.95
N PRO A 470 46.42 -10.88 25.04
CA PRO A 470 47.79 -10.60 25.50
C PRO A 470 48.87 -11.19 24.61
N PHE A 471 48.53 -12.10 23.70
CA PHE A 471 49.52 -12.68 22.80
C PHE A 471 49.98 -11.73 21.71
N LEU A 472 49.25 -10.63 21.49
CA LEU A 472 49.68 -9.65 20.49
C LEU A 472 51.02 -9.04 20.87
N PHE A 473 51.25 -8.78 22.15
CA PHE A 473 52.51 -8.23 22.63
C PHE A 473 53.50 -9.31 23.05
N CYS A 474 53.13 -10.59 22.93
CA CYS A 474 54.03 -11.67 23.28
C CYS A 474 55.05 -11.88 22.17
N ASP A 475 56.32 -12.01 22.55
CA ASP A 475 57.38 -12.22 21.57
C ASP A 475 57.20 -13.54 20.84
N ASN A 476 56.85 -14.61 21.56
CA ASN A 476 56.72 -15.93 20.93
C ASN A 476 55.61 -15.94 19.90
N PHE A 477 54.45 -15.37 20.24
CA PHE A 477 53.31 -15.40 19.31
C PHE A 477 53.54 -14.46 18.14
N ILE A 478 53.98 -13.23 18.41
CA ILE A 478 54.24 -12.25 17.37
C ILE A 478 55.59 -11.60 17.63
N PRO A 479 56.62 -11.89 16.84
CA PRO A 479 57.94 -11.29 17.08
C PRO A 479 57.92 -9.79 16.84
N ASN A 480 58.75 -9.09 17.61
CA ASN A 480 58.86 -7.64 17.46
C ASN A 480 59.54 -7.28 16.15
N GLY A 481 59.19 -6.11 15.62
CA GLY A 481 59.79 -5.62 14.39
C GLY A 481 59.36 -6.35 13.14
N LYS A 482 58.23 -7.07 13.20
CA LYS A 482 57.71 -7.80 12.06
C LYS A 482 56.37 -7.19 11.63
N ASP A 483 56.24 -6.93 10.34
CA ASP A 483 54.99 -6.37 9.82
C ASP A 483 53.85 -7.37 9.98
N VAL A 484 52.71 -6.88 10.45
CA VAL A 484 51.58 -7.73 10.82
C VAL A 484 50.40 -7.42 9.92
N LEU A 485 49.75 -8.48 9.43
CA LEU A 485 48.50 -8.36 8.69
C LEU A 485 47.39 -9.02 9.51
N PHE A 486 46.29 -8.29 9.70
CA PHE A 486 45.16 -8.78 10.48
C PHE A 486 44.04 -9.24 9.57
N VAL A 487 43.38 -10.32 9.96
CA VAL A 487 42.18 -10.80 9.27
C VAL A 487 41.08 -10.92 10.32
N PRO A 488 40.53 -9.81 10.79
CA PRO A 488 39.56 -9.88 11.89
C PRO A 488 38.25 -10.52 11.47
N HIS A 489 37.55 -11.07 12.44
CA HIS A 489 36.24 -11.66 12.22
C HIS A 489 35.15 -10.61 12.43
N ASP A 490 33.91 -11.08 12.62
CA ASP A 490 32.71 -10.24 12.48
C ASP A 490 32.83 -8.91 13.21
N PHE A 491 32.92 -8.94 14.55
CA PHE A 491 32.97 -7.68 15.29
C PHE A 491 34.39 -7.22 15.58
N LEU A 492 35.39 -8.05 15.29
CA LEU A 492 36.78 -7.61 15.42
C LEU A 492 37.19 -6.67 14.30
N HIS A 493 36.38 -6.57 13.23
CA HIS A 493 36.70 -5.66 12.15
C HIS A 493 36.70 -4.21 12.62
N ARG A 494 35.70 -3.84 13.42
CA ARG A 494 35.61 -2.48 13.94
C ARG A 494 36.65 -2.17 15.00
N LEU A 495 37.29 -3.20 15.57
CA LEU A 495 38.25 -2.96 16.64
C LEU A 495 39.53 -2.36 16.08
N PRO A 496 40.09 -1.34 16.73
CA PRO A 496 41.42 -0.83 16.35
C PRO A 496 42.54 -1.70 16.91
N LEU A 497 42.74 -2.85 16.26
CA LEU A 497 43.75 -3.79 16.71
C LEU A 497 45.15 -3.18 16.68
N HIS A 498 45.39 -2.28 15.73
CA HIS A 498 46.68 -1.58 15.69
C HIS A 498 46.87 -0.66 16.88
N GLY A 499 45.80 -0.30 17.58
CA GLY A 499 45.89 0.59 18.72
C GLY A 499 45.81 -0.12 20.04
N SER A 500 46.04 -1.43 20.05
CA SER A 500 45.99 -2.20 21.28
C SER A 500 47.06 -1.73 22.26
N ILE A 501 46.72 -1.76 23.55
CA ILE A 501 47.59 -1.30 24.61
C ILE A 501 47.92 -2.47 25.51
N GLU A 502 49.22 -2.71 25.74
CA GLU A 502 49.66 -3.83 26.56
C GLU A 502 49.24 -3.63 28.02
N ASN A 503 48.97 -4.74 28.70
CA ASN A 503 48.54 -4.72 30.10
C ASN A 503 49.74 -4.42 30.99
N LYS A 504 50.13 -3.15 30.99
CA LYS A 504 51.23 -2.66 31.81
C LYS A 504 50.86 -1.29 32.37
N THR A 505 51.63 -0.86 33.38
CA THR A 505 51.42 0.47 33.95
C THR A 505 51.66 1.55 32.90
N ASN A 506 52.70 1.38 32.09
CA ASN A 506 52.98 2.27 30.96
C ASN A 506 52.89 1.50 29.64
N GLY A 507 51.83 0.70 29.51
CA GLY A 507 51.62 -0.20 28.38
C GLY A 507 51.91 0.40 27.02
N LYS A 508 52.90 -0.17 26.33
CA LYS A 508 53.30 0.34 25.03
C LYS A 508 52.24 0.05 23.99
N LEU A 509 52.02 1.01 23.09
CA LEU A 509 51.07 0.82 22.02
C LEU A 509 51.55 -0.27 21.06
N PHE A 510 50.61 -1.07 20.58
CA PHE A 510 50.95 -2.12 19.62
C PHE A 510 51.41 -1.56 18.29
N LEU A 511 51.08 -0.29 18.00
CA LEU A 511 51.45 0.31 16.73
C LEU A 511 52.94 0.64 16.68
N GLU A 512 53.56 0.91 17.83
CA GLU A 512 54.95 1.35 17.83
C GLU A 512 55.89 0.25 17.34
N ASN A 513 55.62 -1.00 17.69
CA ASN A 513 56.54 -2.09 17.37
C ASN A 513 56.28 -2.72 16.00
N HIS A 514 55.03 -2.75 15.54
CA HIS A 514 54.68 -3.44 14.32
C HIS A 514 53.95 -2.52 13.35
N SER A 515 54.07 -2.84 12.07
CA SER A 515 53.35 -2.13 11.01
C SER A 515 52.17 -2.99 10.59
N CYS A 516 50.96 -2.47 10.80
CA CYS A 516 49.73 -3.26 10.67
C CYS A 516 48.91 -2.79 9.48
N CYS A 517 48.45 -3.74 8.67
CA CYS A 517 47.45 -3.49 7.64
C CYS A 517 46.37 -4.56 7.75
N TYR A 518 45.13 -4.18 7.53
CA TYR A 518 44.00 -5.07 7.74
C TYR A 518 43.55 -5.69 6.42
N LEU A 519 42.59 -6.59 6.52
CA LEU A 519 42.03 -7.30 5.38
C LEU A 519 40.70 -7.94 5.79
N PRO A 520 39.62 -7.72 5.02
CA PRO A 520 38.36 -8.41 5.36
C PRO A 520 38.49 -9.91 5.34
N ALA A 521 39.29 -10.46 4.43
CA ALA A 521 39.55 -11.89 4.35
C ALA A 521 40.79 -12.09 3.49
N TRP A 522 41.34 -13.31 3.56
CA TRP A 522 42.54 -13.61 2.78
C TRP A 522 42.25 -13.71 1.29
N SER A 523 40.99 -13.91 0.90
CA SER A 523 40.66 -14.01 -0.52
C SER A 523 40.73 -12.66 -1.23
N PHE A 524 40.88 -11.56 -0.49
CA PHE A 524 40.93 -10.23 -1.09
C PHE A 524 42.35 -9.80 -1.46
N ALA A 525 43.36 -10.37 -0.81
CA ALA A 525 44.74 -10.06 -1.17
C ALA A 525 45.07 -10.64 -2.54
N SER A 526 45.78 -9.86 -3.36
CA SER A 526 46.14 -10.28 -4.70
C SER A 526 47.64 -10.14 -4.93
N ASP A 534 52.60 6.46 -11.21
CA ASP A 534 51.99 7.31 -12.23
C ASP A 534 51.52 8.63 -11.65
N GLU A 535 50.42 9.15 -12.18
CA GLU A 535 49.87 10.42 -11.74
C GLU A 535 49.06 10.24 -10.46
N TYR A 536 48.63 11.36 -9.89
CA TYR A 536 47.76 11.38 -8.72
C TYR A 536 46.41 11.95 -9.10
N VAL A 537 45.35 11.36 -8.54
CA VAL A 537 43.98 11.74 -8.85
C VAL A 537 43.24 12.04 -7.56
N LEU A 538 42.49 13.14 -7.57
CA LEU A 538 41.69 13.55 -6.42
C LEU A 538 40.23 13.69 -6.84
N LEU A 539 39.33 13.31 -5.93
CA LEU A 539 37.90 13.47 -6.12
C LEU A 539 37.32 14.08 -4.86
N LYS A 540 36.49 15.10 -5.01
CA LYS A 540 35.96 15.83 -3.87
C LYS A 540 34.46 16.07 -4.03
N ASN A 541 33.70 15.78 -2.97
CA ASN A 541 32.28 16.13 -2.93
C ASN A 541 31.88 16.62 -1.55
N PHE A 542 32.79 17.25 -0.82
CA PHE A 542 32.50 17.72 0.53
C PHE A 542 31.70 19.02 0.51
N ASP A 543 31.48 19.59 1.70
CA ASP A 543 30.76 20.84 1.84
C ASP A 543 31.75 22.00 1.88
N GLN A 544 31.28 23.18 1.48
CA GLN A 544 32.11 24.37 1.50
C GLN A 544 32.54 24.71 2.92
N GLY A 545 33.78 25.18 3.06
CA GLY A 545 34.34 25.50 4.35
C GLY A 545 35.30 24.48 4.91
N HIS A 546 35.40 23.31 4.29
CA HIS A 546 36.34 22.27 4.71
C HIS A 546 37.10 21.79 3.49
N PHE A 547 38.40 21.54 3.66
CA PHE A 547 39.25 21.00 2.59
C PHE A 547 39.34 21.97 1.42
N GLU A 548 39.54 23.25 1.74
CA GLU A 548 39.68 24.31 0.74
C GLU A 548 41.14 24.55 0.35
N THR A 549 42.06 23.74 0.88
CA THR A 549 43.48 23.89 0.60
C THR A 549 43.98 22.95 -0.49
N LEU A 550 43.63 21.66 -0.43
CA LEU A 550 44.06 20.72 -1.45
C LEU A 550 43.48 21.08 -2.81
N GLN A 551 42.21 21.45 -2.86
CA GLN A 551 41.59 21.82 -4.12
C GLN A 551 42.22 23.09 -4.71
N ASN A 552 42.48 24.08 -3.85
CA ASN A 552 43.07 25.33 -4.31
C ASN A 552 44.56 25.17 -4.56
N ASN A 553 45.32 24.82 -3.52
CA ASN A 553 46.76 24.62 -3.63
C ASN A 553 47.03 23.14 -3.89
N GLN A 554 47.25 22.79 -5.15
CA GLN A 554 47.53 21.42 -5.55
C GLN A 554 48.79 21.41 -6.42
N ILE A 555 49.95 21.28 -5.77
CA ILE A 555 51.23 21.24 -6.46
C ILE A 555 51.84 19.85 -6.49
N TRP A 556 51.25 18.89 -5.78
CA TRP A 556 51.76 17.53 -5.76
C TRP A 556 51.12 16.63 -6.80
N GLY A 557 50.16 17.13 -7.57
CA GLY A 557 49.51 16.33 -8.59
C GLY A 557 48.09 16.76 -8.85
N THR A 558 47.16 15.81 -8.76
CA THR A 558 45.73 16.05 -9.00
C THR A 558 45.49 16.65 -10.38
N GLN A 559 45.95 15.93 -11.40
CA GLN A 559 45.73 16.35 -12.78
C GLN A 559 44.31 16.03 -13.23
N SER A 560 43.91 14.76 -13.13
CA SER A 560 42.54 14.37 -13.43
C SER A 560 41.67 14.52 -12.19
N VAL A 561 41.75 15.67 -11.52
CA VAL A 561 41.00 15.92 -10.30
C VAL A 561 39.62 16.44 -10.67
N LYS A 562 38.69 16.41 -9.70
CA LYS A 562 37.33 16.88 -9.96
C LYS A 562 36.74 17.35 -8.63
N ASP A 563 36.71 18.66 -8.43
CA ASP A 563 35.95 19.23 -7.32
C ASP A 563 34.46 19.14 -7.62
N GLY A 564 33.68 18.84 -6.60
CA GLY A 564 32.28 18.51 -6.84
C GLY A 564 32.13 17.25 -7.66
N ALA A 565 32.92 16.22 -7.35
CA ALA A 565 32.96 15.01 -8.17
C ALA A 565 31.66 14.22 -8.07
N SER A 566 31.32 13.57 -9.16
CA SER A 566 30.16 12.70 -9.25
C SER A 566 30.62 11.25 -9.40
N SER A 567 29.64 10.34 -9.45
CA SER A 567 29.97 8.93 -9.67
C SER A 567 30.62 8.72 -11.04
N ASP A 568 30.24 9.52 -12.03
CA ASP A 568 30.86 9.42 -13.34
C ASP A 568 32.34 9.75 -13.29
N ASP A 569 32.71 10.75 -12.49
CA ASP A 569 34.12 11.12 -12.37
C ASP A 569 34.94 9.97 -11.82
N LEU A 570 34.43 9.27 -10.80
CA LEU A 570 35.12 8.09 -10.30
C LEU A 570 35.16 6.99 -11.34
N GLU A 571 34.05 6.80 -12.07
CA GLU A 571 33.99 5.73 -13.07
C GLU A 571 34.79 6.07 -14.31
N ASN A 572 35.02 7.36 -14.58
CA ASN A 572 35.69 7.76 -15.81
C ASN A 572 37.21 7.72 -15.70
N ILE A 573 37.76 7.37 -14.54
CA ILE A 573 39.21 7.27 -14.39
C ILE A 573 39.70 6.08 -15.21
N ARG A 574 40.33 6.36 -16.35
CA ARG A 574 40.76 5.31 -17.25
C ARG A 574 42.09 4.70 -16.81
N ASN A 575 43.14 5.51 -16.78
CA ASN A 575 44.46 5.04 -16.39
C ASN A 575 44.51 4.83 -14.88
N ASN A 576 45.23 3.79 -14.47
CA ASN A 576 45.40 3.50 -13.05
C ASN A 576 46.46 4.44 -12.47
N PRO A 577 46.12 5.29 -11.51
CA PRO A 577 47.09 6.24 -10.95
C PRO A 577 47.94 5.56 -9.89
N ARG A 578 48.81 6.35 -9.27
CA ARG A 578 49.59 5.91 -8.13
C ARG A 578 48.92 6.23 -6.80
N LEU A 579 47.91 7.11 -6.81
CA LEU A 579 47.18 7.46 -5.59
C LEU A 579 45.86 8.08 -6.02
N LEU A 580 44.75 7.42 -5.70
CA LEU A 580 43.43 7.98 -5.92
C LEU A 580 42.91 8.49 -4.58
N THR A 581 42.51 9.75 -4.55
CA THR A 581 42.02 10.40 -3.34
C THR A 581 40.54 10.74 -3.53
N ILE A 582 39.69 10.20 -2.66
CA ILE A 582 38.24 10.39 -2.75
C ILE A 582 37.80 11.17 -1.52
N LEU A 583 37.16 12.31 -1.75
CA LEU A 583 36.72 13.21 -0.68
C LEU A 583 35.21 13.31 -0.69
N CYS A 584 34.57 12.49 0.14
CA CYS A 584 33.12 12.51 0.31
C CYS A 584 32.78 11.65 1.51
N HIS A 585 31.71 12.01 2.22
CA HIS A 585 31.24 11.25 3.36
C HIS A 585 30.04 10.40 2.93
N GLY A 586 30.23 9.08 2.88
CA GLY A 586 29.20 8.18 2.41
C GLY A 586 28.18 7.84 3.48
N GLU A 587 27.05 7.31 3.03
CA GLU A 587 25.97 6.91 3.92
C GLU A 587 25.96 5.40 4.10
N ALA A 588 25.35 4.96 5.20
CA ALA A 588 25.32 3.55 5.57
C ALA A 588 24.02 2.91 5.12
N ASN A 589 24.10 1.63 4.78
CA ASN A 589 22.94 0.83 4.42
C ASN A 589 22.78 -0.25 5.48
N MET A 590 21.82 -0.07 6.38
CA MET A 590 21.67 -0.94 7.53
C MET A 590 21.15 -2.33 7.17
N SER A 591 20.69 -2.53 5.93
CA SER A 591 20.14 -3.82 5.53
C SER A 591 21.00 -4.50 4.46
N ASN A 592 21.29 -3.82 3.36
CA ASN A 592 22.01 -4.42 2.24
C ASN A 592 23.36 -3.75 2.08
N PRO A 593 24.46 -4.38 2.51
CA PRO A 593 25.78 -3.77 2.30
C PRO A 593 26.16 -3.61 0.83
N PHE A 594 25.48 -4.32 -0.08
CA PHE A 594 25.73 -4.11 -1.51
C PHE A 594 25.33 -2.72 -1.97
N ARG A 595 24.45 -2.03 -1.25
CA ARG A 595 23.99 -0.71 -1.65
C ARG A 595 24.48 0.39 -0.70
N SER A 596 25.54 0.13 0.05
CA SER A 596 26.22 1.19 0.78
C SER A 596 26.96 2.08 -0.21
N MET A 597 26.74 3.40 -0.11
CA MET A 597 27.17 4.31 -1.15
C MET A 597 28.13 5.36 -0.62
N LEU A 598 28.92 5.92 -1.53
CA LEU A 598 29.70 7.11 -1.28
C LEU A 598 28.92 8.32 -1.79
N LYS A 599 28.68 9.29 -0.92
CA LYS A 599 27.81 10.42 -1.26
C LYS A 599 28.58 11.37 -2.17
N LEU A 600 28.66 10.99 -3.44
CA LEU A 600 29.18 11.84 -4.49
C LEU A 600 28.02 12.53 -5.21
N ALA A 601 28.36 13.38 -6.18
CA ALA A 601 27.33 14.09 -6.91
C ALA A 601 26.57 13.15 -7.84
N ASN A 602 25.41 13.61 -8.30
CA ASN A 602 24.52 12.84 -9.18
C ASN A 602 24.13 11.50 -8.56
N GLY A 603 23.80 11.54 -7.26
CA GLY A 603 23.30 10.37 -6.57
C GLY A 603 24.36 9.49 -5.93
N GLY A 604 25.64 9.74 -6.17
CA GLY A 604 26.69 8.95 -5.57
C GLY A 604 26.87 7.60 -6.24
N ILE A 605 27.85 6.85 -5.73
CA ILE A 605 28.18 5.53 -6.25
C ILE A 605 28.13 4.55 -5.09
N THR A 606 27.46 3.41 -5.30
CA THR A 606 27.26 2.43 -4.25
C THR A 606 28.39 1.40 -4.24
N TYR A 607 28.26 0.42 -3.34
CA TYR A 607 29.19 -0.71 -3.32
C TYR A 607 29.09 -1.52 -4.61
N LEU A 608 27.87 -1.75 -5.09
CA LEU A 608 27.68 -2.54 -6.30
C LEU A 608 28.21 -1.81 -7.53
N GLU A 609 27.94 -0.50 -7.63
CA GLU A 609 28.36 0.25 -8.81
C GLU A 609 29.87 0.37 -8.92
N ILE A 610 30.60 0.30 -7.80
CA ILE A 610 32.05 0.29 -7.86
C ILE A 610 32.55 -1.00 -8.49
N LEU A 611 31.89 -2.12 -8.19
CA LEU A 611 32.32 -3.42 -8.68
C LEU A 611 32.20 -3.51 -10.20
N ASN A 612 31.27 -2.77 -10.79
CA ASN A 612 30.98 -2.88 -12.22
C ASN A 612 31.53 -1.70 -13.03
N SER A 613 31.18 -0.48 -12.64
CA SER A 613 31.54 0.68 -13.45
C SER A 613 33.03 0.99 -13.38
N VAL A 614 33.60 0.95 -12.18
CA VAL A 614 34.99 1.37 -11.97
C VAL A 614 35.92 0.24 -12.39
N LYS A 615 36.84 0.53 -13.30
CA LYS A 615 37.77 -0.49 -13.80
C LYS A 615 39.21 -0.02 -13.74
N GLY A 616 39.44 1.29 -13.88
CA GLY A 616 40.79 1.81 -13.95
C GLY A 616 41.36 2.21 -12.60
N LEU A 617 41.54 1.24 -11.70
CA LEU A 617 42.07 1.54 -10.38
C LEU A 617 43.06 0.49 -9.88
N LYS A 618 43.49 -0.44 -10.73
CA LYS A 618 44.33 -1.54 -10.29
C LYS A 618 45.70 -1.05 -9.83
N GLY A 619 46.17 -1.61 -8.73
CA GLY A 619 47.51 -1.30 -8.23
C GLY A 619 47.69 0.14 -7.79
N SER A 620 46.65 0.76 -7.24
CA SER A 620 46.70 2.15 -6.81
C SER A 620 46.34 2.24 -5.32
N GLN A 621 47.19 2.92 -4.56
CA GLN A 621 47.00 3.07 -3.12
C GLN A 621 45.92 4.13 -2.87
N VAL A 622 44.66 3.71 -3.02
CA VAL A 622 43.55 4.62 -2.77
C VAL A 622 43.56 5.06 -1.31
N ILE A 623 43.22 6.32 -1.09
CA ILE A 623 43.10 6.87 0.27
C ILE A 623 41.66 7.34 0.40
N LEU A 624 40.82 6.54 1.05
CA LEU A 624 39.45 6.93 1.33
C LEU A 624 39.41 7.63 2.69
N GLY A 625 40.27 8.63 2.89
CA GLY A 625 40.39 9.29 4.16
C GLY A 625 39.44 10.46 4.34
N ALA A 626 38.25 10.36 3.75
CA ALA A 626 37.24 11.41 3.89
C ALA A 626 36.04 10.92 4.68
N CYS A 627 35.39 9.85 4.22
CA CYS A 627 34.34 9.22 5.01
C CYS A 627 34.97 8.26 6.00
N GLU A 628 34.55 8.35 7.25
CA GLU A 628 35.03 7.39 8.24
C GLU A 628 34.52 6.01 7.90
N THR A 629 35.30 4.99 8.26
CA THR A 629 34.98 3.62 7.89
C THR A 629 33.60 3.22 8.37
N ASP A 630 33.13 3.80 9.47
CA ASP A 630 31.93 3.34 10.17
C ASP A 630 30.64 4.04 9.74
N LEU A 631 30.68 4.97 8.80
CA LEU A 631 29.43 5.44 8.20
C LEU A 631 29.08 4.73 6.92
N VAL A 632 29.93 3.83 6.43
CA VAL A 632 29.61 3.00 5.28
C VAL A 632 28.77 1.79 5.66
N PRO A 633 29.15 0.99 6.67
CA PRO A 633 28.37 -0.18 7.00
C PRO A 633 27.38 0.10 8.12
N PRO A 634 26.51 -0.86 8.46
CA PRO A 634 25.69 -0.71 9.66
C PRO A 634 26.51 -0.88 10.92
N LEU A 635 25.85 -0.90 12.08
CA LEU A 635 26.53 -0.97 13.36
C LEU A 635 26.35 -2.36 13.96
N SER A 636 27.24 -2.69 14.91
CA SER A 636 27.39 -4.06 15.34
C SER A 636 26.26 -4.50 16.26
N ASP A 637 25.83 -5.75 16.08
CA ASP A 637 24.88 -6.42 16.97
C ASP A 637 25.26 -7.89 16.97
N VAL A 638 26.02 -8.31 18.00
CA VAL A 638 26.52 -9.68 18.16
C VAL A 638 27.59 -9.96 17.11
N MET A 639 27.22 -9.88 15.83
CA MET A 639 28.14 -10.12 14.73
C MET A 639 27.99 -9.02 13.69
N ASP A 640 29.05 -8.83 12.90
CA ASP A 640 29.08 -7.81 11.85
C ASP A 640 29.77 -8.41 10.63
N GLU A 641 28.97 -8.95 9.72
CA GLU A 641 29.49 -9.57 8.50
C GLU A 641 29.38 -8.67 7.28
N HIS A 642 29.08 -7.39 7.49
CA HIS A 642 28.90 -6.46 6.39
C HIS A 642 30.25 -5.90 5.93
N TYR A 643 30.33 -5.62 4.63
CA TYR A 643 31.57 -5.16 4.00
C TYR A 643 31.41 -3.72 3.53
N SER A 644 32.37 -2.88 3.88
CA SER A 644 32.33 -1.47 3.53
C SER A 644 32.75 -1.25 2.08
N VAL A 645 32.73 0.01 1.66
CA VAL A 645 33.07 0.35 0.28
C VAL A 645 34.54 0.05 -0.01
N ALA A 646 35.42 0.26 0.98
CA ALA A 646 36.83 -0.03 0.79
C ALA A 646 37.06 -1.47 0.36
N THR A 647 36.23 -2.39 0.82
CA THR A 647 36.32 -3.78 0.37
C THR A 647 36.01 -3.90 -1.11
N ALA A 648 35.05 -3.12 -1.62
CA ALA A 648 34.78 -3.11 -3.06
C ALA A 648 35.97 -2.59 -3.85
N LEU A 649 36.63 -1.55 -3.34
CA LEU A 649 37.82 -1.03 -4.00
C LEU A 649 38.93 -2.08 -4.01
N LEU A 650 39.10 -2.80 -2.90
CA LEU A 650 40.09 -3.86 -2.84
C LEU A 650 39.77 -4.97 -3.83
N LEU A 651 38.49 -5.34 -3.94
CA LEU A 651 38.10 -6.40 -4.87
C LEU A 651 38.29 -5.96 -6.31
N ILE A 652 38.12 -4.67 -6.60
CA ILE A 652 38.39 -4.16 -7.94
C ILE A 652 39.87 -4.34 -8.29
N GLY A 653 40.75 -4.15 -7.31
CA GLY A 653 42.16 -4.32 -7.54
C GLY A 653 43.03 -3.21 -6.97
N ALA A 654 42.44 -2.35 -6.15
CA ALA A 654 43.20 -1.30 -5.49
C ALA A 654 44.27 -1.91 -4.58
N ALA A 655 45.44 -1.28 -4.55
CA ALA A 655 46.57 -1.79 -3.79
C ALA A 655 46.39 -1.63 -2.28
N GLY A 656 45.38 -0.89 -1.84
CA GLY A 656 45.16 -0.69 -0.42
C GLY A 656 44.44 0.61 -0.13
N VAL A 657 43.50 0.60 0.79
CA VAL A 657 42.69 1.77 1.13
C VAL A 657 43.13 2.27 2.49
N VAL A 658 43.55 3.53 2.55
CA VAL A 658 43.91 4.16 3.83
C VAL A 658 42.63 4.79 4.37
N GLY A 659 41.86 3.98 5.09
CA GLY A 659 40.58 4.40 5.61
C GLY A 659 40.70 5.13 6.92
N THR A 660 39.55 5.29 7.58
CA THR A 660 39.47 5.99 8.87
C THR A 660 38.35 5.35 9.67
N MET A 661 38.70 4.68 10.77
CA MET A 661 37.71 3.90 11.51
C MET A 661 36.55 4.78 12.01
N TRP A 662 36.85 5.86 12.71
CA TRP A 662 35.84 6.73 13.27
C TRP A 662 35.98 8.14 12.71
N LYS A 663 34.95 8.95 12.92
CA LYS A 663 34.92 10.30 12.37
C LYS A 663 36.00 11.15 13.03
N VAL A 664 36.79 11.84 12.20
CA VAL A 664 37.86 12.71 12.66
C VAL A 664 37.67 14.08 12.02
N ARG A 665 38.23 15.09 12.68
CA ARG A 665 38.20 16.44 12.13
C ARG A 665 38.96 16.48 10.81
N SER A 666 38.57 17.43 9.95
CA SER A 666 39.14 17.51 8.60
C SER A 666 40.64 17.77 8.61
N ASN A 667 41.16 18.44 9.64
CA ASN A 667 42.58 18.82 9.64
C ASN A 667 43.48 17.59 9.66
N LYS A 668 43.14 16.58 10.47
CA LYS A 668 44.00 15.40 10.59
C LYS A 668 44.09 14.63 9.27
N THR A 669 42.94 14.38 8.64
CA THR A 669 42.97 13.65 7.37
C THR A 669 43.56 14.50 6.26
N LYS A 670 43.41 15.82 6.33
CA LYS A 670 44.08 16.69 5.37
C LYS A 670 45.59 16.58 5.50
N SER A 671 46.09 16.55 6.75
CA SER A 671 47.52 16.35 6.96
C SER A 671 47.97 14.98 6.46
N LEU A 672 47.14 13.96 6.66
CA LEU A 672 47.46 12.63 6.14
C LEU A 672 47.56 12.64 4.63
N ILE A 673 46.64 13.33 3.96
CA ILE A 673 46.72 13.46 2.49
C ILE A 673 47.98 14.19 2.09
N GLU A 674 48.30 15.30 2.78
CA GLU A 674 49.51 16.05 2.47
C GLU A 674 50.77 15.24 2.72
N TRP A 675 50.71 14.23 3.57
CA TRP A 675 51.81 13.29 3.74
C TRP A 675 51.93 12.46 2.46
N LYS A 676 52.90 12.79 1.62
CA LYS A 676 53.00 12.25 0.26
C LYS A 676 54.26 11.41 0.09
N LEU A 677 54.59 10.59 1.07
CA LEU A 677 55.71 9.67 0.97
C LEU A 677 55.26 8.27 1.34
N GLU A 678 55.74 7.29 0.59
CA GLU A 678 55.37 5.89 0.82
C GLU A 678 56.46 5.16 1.60
N LEU A 684 52.09 4.85 6.89
CA LEU A 684 50.97 5.00 7.82
C LEU A 684 51.37 4.63 9.24
N ASN A 685 51.85 3.39 9.41
CA ASN A 685 52.20 2.90 10.73
C ASN A 685 53.37 3.66 11.35
N GLU A 686 54.19 4.33 10.53
CA GLU A 686 55.27 5.15 11.07
C GLU A 686 54.82 6.57 11.35
N TRP A 687 53.89 7.10 10.55
CA TRP A 687 53.40 8.45 10.77
C TRP A 687 52.62 8.57 12.06
N GLN A 688 51.83 7.54 12.40
CA GLN A 688 50.98 7.61 13.58
C GLN A 688 51.80 7.73 14.86
N LYS A 689 52.90 7.00 14.95
CA LYS A 689 53.77 7.11 16.12
C LYS A 689 54.40 8.49 16.22
N GLU A 690 54.85 9.03 15.10
CA GLU A 690 55.54 10.32 15.11
C GLU A 690 54.59 11.50 15.29
N THR A 691 53.34 11.37 14.84
CA THR A 691 52.38 12.47 14.92
C THR A 691 51.79 12.65 16.30
N GLY A 692 52.06 11.76 17.23
CA GLY A 692 51.50 11.83 18.57
C GLY A 692 50.37 10.87 18.86
N GLY A 693 50.30 9.75 18.14
CA GLY A 693 49.25 8.76 18.34
C GLY A 693 49.51 7.77 19.44
N ALA A 694 50.60 7.91 20.19
CA ALA A 694 50.92 7.04 21.31
C ALA A 694 50.84 7.76 22.65
N ALA A 695 50.08 8.85 22.71
CA ALA A 695 49.95 9.66 23.92
C ALA A 695 48.57 9.48 24.56
N TYR A 696 48.06 8.24 24.55
CA TYR A 696 46.75 7.98 25.11
C TYR A 696 46.68 8.31 26.59
N LYS A 697 47.79 8.15 27.31
CA LYS A 697 47.81 8.44 28.74
C LYS A 697 47.64 9.93 29.01
N ASP A 698 48.27 10.77 28.19
CA ASP A 698 48.27 12.21 28.40
C ASP A 698 47.23 12.95 27.56
N HIS A 699 47.08 12.59 26.29
CA HIS A 699 46.18 13.29 25.37
C HIS A 699 45.22 12.27 24.74
N PRO A 700 44.11 11.99 25.40
CA PRO A 700 43.11 11.07 24.84
C PRO A 700 42.62 11.50 23.46
N PRO A 701 42.19 12.75 23.26
CA PRO A 701 41.63 13.10 21.94
C PRO A 701 42.66 13.04 20.81
N THR A 702 43.93 13.30 21.11
CA THR A 702 44.97 13.12 20.09
C THR A 702 45.10 11.65 19.71
N PHE A 703 45.02 10.75 20.69
CA PHE A 703 45.00 9.32 20.40
C PHE A 703 43.78 8.94 19.58
N TYR A 704 42.67 9.65 19.76
CA TYR A 704 41.44 9.30 19.04
C TYR A 704 41.58 9.55 17.55
N ARG A 705 42.37 10.54 17.14
CA ARG A 705 42.45 10.91 15.73
C ARG A 705 43.46 10.05 14.98
N SER A 706 44.67 9.91 15.53
CA SER A 706 45.74 9.22 14.82
C SER A 706 45.42 7.75 14.61
N ILE A 707 44.84 7.09 15.63
CA ILE A 707 44.58 5.66 15.56
C ILE A 707 43.57 5.33 14.49
N ALA A 708 42.66 6.25 14.19
CA ALA A 708 41.56 5.97 13.27
C ALA A 708 42.04 5.56 11.88
N PHE A 709 43.24 5.97 11.48
CA PHE A 709 43.72 5.72 10.12
C PHE A 709 44.36 4.34 10.04
N ARG A 710 43.77 3.46 9.24
CA ARG A 710 44.30 2.12 9.01
C ARG A 710 44.29 1.85 7.51
N SER A 711 45.25 1.04 7.06
CA SER A 711 45.39 0.69 5.66
C SER A 711 44.77 -0.69 5.45
N ILE A 712 43.64 -0.72 4.73
CA ILE A 712 42.94 -1.97 4.45
C ILE A 712 43.48 -2.48 3.11
N GLY A 713 44.48 -3.35 3.19
CA GLY A 713 45.07 -3.91 1.99
C GLY A 713 46.34 -4.65 2.33
N PHE A 714 46.82 -5.42 1.36
CA PHE A 714 48.04 -6.21 1.51
C PHE A 714 49.08 -5.79 0.49
N PRO A 715 50.15 -5.08 0.91
CA PRO A 715 51.25 -4.69 0.02
C PRO A 715 51.98 -5.88 -0.57
N MET B 6 8.18 8.48 56.20
CA MET B 6 7.31 9.55 55.74
C MET B 6 6.55 9.13 54.48
N ASN B 7 5.27 8.81 54.65
CA ASN B 7 4.45 8.40 53.51
C ASN B 7 4.20 9.58 52.58
N ILE B 8 4.40 9.36 51.29
CA ILE B 8 4.17 10.37 50.26
C ILE B 8 3.08 9.85 49.34
N THR B 9 2.00 10.61 49.21
CA THR B 9 0.92 10.27 48.29
C THR B 9 1.22 10.90 46.94
N VAL B 10 1.31 10.08 45.90
CA VAL B 10 1.70 10.52 44.57
C VAL B 10 0.56 10.18 43.61
N GLU B 11 0.17 11.15 42.79
CA GLU B 11 -1.00 11.05 41.92
C GLU B 11 -0.56 11.13 40.47
N LEU B 12 -0.91 10.10 39.70
CA LEU B 12 -0.67 10.13 38.26
C LEU B 12 -1.73 10.98 37.57
N THR B 13 -1.43 11.36 36.33
CA THR B 13 -2.38 12.07 35.48
C THR B 13 -1.90 11.93 34.04
N PHE B 14 -2.75 11.36 33.18
CA PHE B 14 -2.39 11.10 31.80
C PHE B 14 -3.08 12.11 30.89
N PHE B 15 -2.28 12.77 30.03
CA PHE B 15 -2.79 13.80 29.14
C PHE B 15 -2.91 13.33 27.70
N GLU B 16 -2.77 12.03 27.47
CA GLU B 16 -3.07 11.39 26.20
C GLU B 16 -3.36 9.93 26.46
N PRO B 17 -4.04 9.24 25.54
CA PRO B 17 -4.42 7.85 25.81
C PRO B 17 -3.25 6.94 26.15
N TYR B 18 -3.21 6.47 27.40
CA TYR B 18 -2.19 5.52 27.82
C TYR B 18 -2.62 4.10 27.44
N ARG B 19 -1.74 3.15 27.65
CA ARG B 19 -1.93 1.80 27.15
C ARG B 19 -2.17 0.83 28.31
N LEU B 20 -2.86 -0.27 28.01
CA LEU B 20 -3.32 -1.20 29.03
C LEU B 20 -3.04 -2.63 28.58
N VAL B 21 -2.79 -3.50 29.55
CA VAL B 21 -2.60 -4.93 29.31
C VAL B 21 -3.20 -5.70 30.48
N GLU B 22 -3.53 -6.97 30.23
CA GLU B 22 -3.88 -7.88 31.31
C GLU B 22 -2.69 -8.10 32.23
N TRP B 23 -2.95 -8.19 33.54
CA TRP B 23 -1.86 -8.28 34.49
C TRP B 23 -1.09 -9.59 34.33
N PHE B 24 -1.79 -10.70 34.20
CA PHE B 24 -1.19 -12.05 34.14
C PHE B 24 -0.34 -12.22 35.39
N ASP B 25 0.91 -12.67 35.28
CA ASP B 25 1.82 -12.77 36.42
C ASP B 25 3.21 -13.05 35.88
N TRP B 26 4.21 -12.86 36.75
CA TRP B 26 5.60 -13.01 36.31
C TRP B 26 5.85 -14.41 35.76
N ASP B 27 5.38 -15.43 36.47
CA ASP B 27 5.54 -16.80 35.98
C ASP B 27 4.57 -17.13 34.85
N ALA B 28 3.53 -16.32 34.65
CA ALA B 28 2.55 -16.55 33.61
C ALA B 28 2.63 -15.56 32.45
N ARG B 29 3.41 -14.48 32.59
CA ARG B 29 3.54 -13.52 31.50
C ARG B 29 4.20 -14.14 30.28
N LYS B 30 5.22 -14.98 30.49
CA LYS B 30 5.97 -15.55 29.38
C LYS B 30 5.10 -16.36 28.44
N LYS B 31 3.98 -16.90 28.93
CA LYS B 31 3.09 -17.67 28.07
C LYS B 31 2.29 -16.79 27.13
N SER B 32 2.03 -15.54 27.49
CA SER B 32 1.23 -14.63 26.70
C SER B 32 2.11 -13.58 26.06
N HIS B 33 2.00 -13.42 24.74
CA HIS B 33 2.82 -12.46 24.02
C HIS B 33 2.36 -11.02 24.28
N SER B 34 1.05 -10.81 24.39
CA SER B 34 0.53 -9.46 24.58
C SER B 34 1.01 -8.86 25.89
N ALA B 35 0.97 -9.63 26.97
CA ALA B 35 1.43 -9.15 28.27
C ALA B 35 2.95 -9.10 28.38
N MET B 36 3.66 -9.91 27.59
CA MET B 36 5.11 -9.82 27.58
C MET B 36 5.59 -8.61 26.80
N ARG B 37 4.82 -8.17 25.81
CA ARG B 37 5.15 -6.93 25.12
C ARG B 37 4.78 -5.71 25.96
N GLY B 38 3.69 -5.80 26.73
CA GLY B 38 3.20 -4.66 27.47
C GLY B 38 3.61 -4.63 28.94
N GLN B 39 4.87 -4.97 29.23
CA GLN B 39 5.33 -4.91 30.61
C GLN B 39 5.32 -3.49 31.14
N ALA B 40 5.52 -2.50 30.28
CA ALA B 40 5.59 -1.10 30.68
C ALA B 40 4.24 -0.39 30.61
N PHE B 41 3.17 -1.11 30.28
CA PHE B 41 1.84 -0.52 30.22
C PHE B 41 1.17 -0.56 31.59
N ALA B 42 -0.04 -0.01 31.65
CA ALA B 42 -0.87 -0.18 32.83
C ALA B 42 -1.52 -1.56 32.80
N GLN B 43 -1.80 -2.10 33.99
CA GLN B 43 -2.21 -3.49 34.12
C GLN B 43 -3.69 -3.59 34.48
N TRP B 44 -4.36 -4.55 33.87
CA TRP B 44 -5.78 -4.81 34.08
C TRP B 44 -5.96 -6.17 34.73
N THR B 45 -6.62 -6.21 35.88
CA THR B 45 -6.94 -7.45 36.56
C THR B 45 -8.45 -7.52 36.80
N TRP B 46 -9.04 -8.67 36.51
CA TRP B 46 -10.48 -8.84 36.62
C TRP B 46 -10.90 -9.03 38.08
N LYS B 47 -12.20 -9.14 38.30
CA LYS B 47 -12.74 -9.33 39.64
C LYS B 47 -13.41 -10.70 39.77
N GLY B 50 -16.47 -14.00 35.87
CA GLY B 50 -16.63 -13.38 34.56
C GLY B 50 -15.38 -12.64 34.11
N ARG B 51 -15.17 -12.60 32.79
CA ARG B 51 -14.01 -11.93 32.21
C ARG B 51 -14.35 -10.49 31.84
N THR B 52 -14.82 -9.75 32.84
CA THR B 52 -15.17 -8.34 32.67
C THR B 52 -15.31 -7.72 34.06
N ALA B 53 -15.42 -6.39 34.08
CA ALA B 53 -15.64 -5.60 35.30
C ALA B 53 -14.53 -5.86 36.33
N GLY B 54 -13.32 -5.48 35.93
CA GLY B 54 -12.15 -5.61 36.77
C GLY B 54 -11.64 -4.29 37.29
N LYS B 55 -10.39 -4.29 37.72
CA LYS B 55 -9.74 -3.11 38.27
C LYS B 55 -8.44 -2.84 37.52
N SER B 56 -8.18 -1.56 37.26
CA SER B 56 -6.98 -1.13 36.57
C SER B 56 -5.98 -0.56 37.58
N PHE B 57 -4.70 -0.78 37.31
CA PHE B 57 -3.66 -0.30 38.21
C PHE B 57 -2.36 -0.19 37.44
N ILE B 58 -1.41 0.55 38.04
CA ILE B 58 -0.05 0.67 37.52
C ILE B 58 0.89 0.16 38.60
N THR B 59 1.79 -0.75 38.22
CA THR B 59 2.68 -1.35 39.20
C THR B 59 3.65 -0.31 39.75
N GLY B 60 3.93 -0.41 41.05
CA GLY B 60 4.92 0.46 41.65
C GLY B 60 6.32 0.21 41.13
N THR B 61 6.57 -0.97 40.55
CA THR B 61 7.88 -1.24 39.97
C THR B 61 8.09 -0.44 38.69
N LEU B 62 7.07 -0.33 37.85
CA LEU B 62 7.19 0.47 36.64
C LEU B 62 7.38 1.95 36.98
N VAL B 63 6.60 2.46 37.94
CA VAL B 63 6.76 3.84 38.37
C VAL B 63 8.14 4.04 38.99
N ARG B 64 8.64 3.04 39.73
CA ARG B 64 9.98 3.14 40.30
C ARG B 64 11.04 3.16 39.22
N SER B 65 10.86 2.37 38.16
CA SER B 65 11.82 2.39 37.05
C SER B 65 11.83 3.75 36.37
N ALA B 66 10.65 4.32 36.13
CA ALA B 66 10.59 5.65 35.55
C ALA B 66 11.24 6.68 36.47
N VAL B 67 11.03 6.56 37.79
CA VAL B 67 11.59 7.50 38.73
C VAL B 67 13.11 7.39 38.76
N ILE B 68 13.66 6.18 38.75
CA ILE B 68 15.12 6.04 38.78
C ILE B 68 15.73 6.47 37.45
N LYS B 69 15.04 6.24 36.33
CA LYS B 69 15.52 6.78 35.07
C LYS B 69 15.57 8.31 35.11
N ALA B 70 14.53 8.94 35.67
CA ALA B 70 14.55 10.39 35.84
C ALA B 70 15.66 10.83 36.78
N VAL B 71 15.93 10.04 37.83
CA VAL B 71 17.02 10.37 38.76
C VAL B 71 18.35 10.38 38.03
N GLU B 72 18.60 9.33 37.24
CA GLU B 72 19.86 9.25 36.51
C GLU B 72 19.97 10.37 35.48
N GLU B 73 18.86 10.73 34.85
CA GLU B 73 18.89 11.84 33.89
C GLU B 73 19.18 13.16 34.59
N LEU B 74 18.56 13.39 35.74
CA LEU B 74 18.82 14.63 36.49
C LEU B 74 20.26 14.69 36.95
N LEU B 75 20.81 13.57 37.43
CA LEU B 75 22.19 13.57 37.88
C LEU B 75 23.16 13.78 36.72
N SER B 76 22.89 13.15 35.57
CA SER B 76 23.74 13.35 34.40
C SER B 76 23.69 14.79 33.94
N LEU B 77 22.51 15.41 33.95
CA LEU B 77 22.39 16.81 33.57
C LEU B 77 23.14 17.73 34.53
N ASN B 78 23.43 17.28 35.74
CA ASN B 78 24.17 18.06 36.73
C ASN B 78 25.54 17.46 37.03
N ASN B 79 26.05 16.59 36.16
CA ASN B 79 27.34 15.92 36.36
C ASN B 79 27.34 15.12 37.65
N GLY B 80 26.23 14.43 37.94
CA GLY B 80 26.12 13.60 39.12
C GLY B 80 26.20 14.36 40.43
N LYS B 81 25.55 15.52 40.51
CA LYS B 81 25.59 16.33 41.73
C LYS B 81 24.31 17.15 41.78
N TRP B 82 23.33 16.67 42.54
CA TRP B 82 22.04 17.35 42.67
C TRP B 82 21.99 18.11 43.99
N GLU B 83 21.70 19.40 43.91
CA GLU B 83 21.51 20.28 45.06
C GLU B 83 22.77 20.38 45.93
N GLY B 84 23.93 20.04 45.36
CA GLY B 84 25.20 20.20 46.05
C GLY B 84 25.78 18.94 46.64
N VAL B 85 25.00 17.87 46.78
CA VAL B 85 25.47 16.61 47.34
C VAL B 85 25.91 15.71 46.19
N PRO B 86 27.16 15.22 46.18
CA PRO B 86 27.59 14.36 45.08
C PRO B 86 26.87 13.03 45.09
N CYS B 87 26.70 12.48 43.88
CA CYS B 87 26.05 11.20 43.69
C CYS B 87 26.94 10.29 42.86
N CYS B 88 27.03 9.02 43.25
CA CYS B 88 27.86 8.07 42.54
C CYS B 88 27.11 7.58 41.29
N ASN B 89 27.69 6.61 40.60
CA ASN B 89 27.07 6.01 39.42
C ASN B 89 26.06 4.93 39.76
N GLY B 90 25.91 4.59 41.04
CA GLY B 90 25.07 3.48 41.40
C GLY B 90 25.65 2.18 40.89
N SER B 91 24.77 1.21 40.68
CA SER B 91 25.15 -0.05 40.05
C SER B 91 23.91 -0.67 39.44
N PHE B 92 23.97 -0.96 38.15
CA PHE B 92 22.86 -1.59 37.44
C PHE B 92 23.29 -2.93 36.85
N GLN B 93 24.19 -3.63 37.56
CA GLN B 93 24.63 -4.96 37.20
C GLN B 93 24.35 -5.89 38.37
N THR B 94 23.70 -7.01 38.09
CA THR B 94 23.40 -8.01 39.11
C THR B 94 24.15 -9.29 38.77
N ASP B 95 24.93 -9.78 39.73
CA ASP B 95 25.67 -11.02 39.55
C ASP B 95 24.76 -12.20 39.84
N GLU B 96 24.50 -13.01 38.82
CA GLU B 96 23.58 -14.14 38.99
C GLU B 96 24.12 -15.15 40.01
N SER B 97 25.44 -15.24 40.14
CA SER B 97 26.01 -16.15 41.13
C SER B 97 25.69 -15.69 42.54
N LYS B 98 25.89 -14.41 42.82
CA LYS B 98 25.63 -13.84 44.15
C LYS B 98 24.24 -13.27 44.27
N GLY B 99 23.22 -14.08 43.96
CA GLY B 99 21.85 -13.62 44.06
C GLY B 99 20.97 -14.07 42.91
N LYS B 100 19.99 -13.23 42.55
CA LYS B 100 19.05 -13.53 41.48
C LYS B 100 18.92 -12.30 40.60
N LYS B 101 18.73 -12.53 39.30
CA LYS B 101 18.55 -11.44 38.36
C LYS B 101 17.24 -10.71 38.63
N PRO B 102 17.18 -9.42 38.33
CA PRO B 102 15.93 -8.67 38.52
C PRO B 102 14.84 -9.17 37.58
N SER B 103 13.60 -8.78 37.91
CA SER B 103 12.46 -9.18 37.09
C SER B 103 12.56 -8.59 35.69
N PHE B 104 13.09 -7.38 35.56
CA PHE B 104 13.24 -6.71 34.27
C PHE B 104 14.71 -6.33 34.08
N LEU B 105 15.24 -6.65 32.90
CA LEU B 105 16.61 -6.33 32.57
C LEU B 105 16.66 -5.07 31.69
N ARG B 106 17.75 -4.32 31.83
CA ARG B 106 17.79 -2.98 31.26
C ARG B 106 17.96 -3.01 29.74
N LYS B 107 19.08 -3.58 29.28
CA LYS B 107 19.46 -3.57 27.85
C LYS B 107 19.34 -2.16 27.26
N ARG B 108 19.60 -1.14 28.08
CA ARG B 108 19.55 0.26 27.67
C ARG B 108 20.83 0.95 28.12
N HIS B 109 21.27 1.92 27.33
CA HIS B 109 22.43 2.73 27.71
C HIS B 109 22.16 3.45 29.02
N THR B 110 23.11 3.39 29.94
CA THR B 110 22.99 4.01 31.24
C THR B 110 23.87 5.26 31.29
N LEU B 111 23.26 6.39 31.61
CA LEU B 111 24.01 7.64 31.71
C LEU B 111 24.87 7.60 32.97
N GLN B 112 26.16 7.91 32.81
CA GLN B 112 27.12 7.85 33.90
C GLN B 112 27.94 9.13 33.94
N TRP B 113 28.59 9.35 35.08
CA TRP B 113 29.36 10.56 35.34
C TRP B 113 30.61 10.25 36.13
N GLN B 114 31.26 11.29 36.68
CA GLN B 114 32.43 11.09 37.53
C GLN B 114 32.00 10.63 38.91
N ALA B 115 32.94 10.43 39.83
CA ALA B 115 32.59 9.91 41.13
C ALA B 115 32.33 11.03 42.14
N ASN B 116 33.34 11.84 42.42
CA ASN B 116 33.29 12.93 43.38
C ASN B 116 32.82 12.49 44.76
N ASN B 117 32.89 11.20 45.09
CA ASN B 117 32.39 10.67 46.35
C ASN B 117 33.54 10.52 47.33
N LYS B 118 33.29 10.86 48.60
CA LYS B 118 34.33 10.74 49.63
C LYS B 118 34.72 9.29 49.85
N ASN B 119 33.74 8.40 49.89
CA ASN B 119 33.99 6.98 50.16
C ASN B 119 33.08 6.12 49.31
N ILE B 120 33.50 4.87 49.08
CA ILE B 120 32.70 3.89 48.36
C ILE B 120 31.37 3.70 49.09
N CYS B 121 30.29 3.61 48.33
CA CYS B 121 28.96 3.55 48.93
C CYS B 121 28.75 2.23 49.66
N ASP B 122 28.45 2.33 50.95
CA ASP B 122 28.08 1.21 51.80
C ASP B 122 26.80 1.57 52.55
N LYS B 123 26.31 0.63 53.36
CA LYS B 123 25.07 0.88 54.08
C LYS B 123 25.32 1.67 55.36
N GLU B 124 26.10 2.73 55.26
CA GLU B 124 26.26 3.67 56.37
C GLU B 124 26.07 5.12 55.94
N GLU B 125 26.55 5.50 54.76
CA GLU B 125 26.45 6.87 54.28
C GLU B 125 26.18 6.88 52.78
N ALA B 126 25.20 6.09 52.35
CA ALA B 126 24.91 5.96 50.93
C ALA B 126 24.46 7.28 50.34
N CYS B 127 24.81 7.50 49.08
CA CYS B 127 24.42 8.69 48.35
C CYS B 127 22.94 8.64 47.99
N PRO B 128 22.35 9.80 47.64
CA PRO B 128 20.92 9.79 47.30
C PRO B 128 20.54 8.80 46.19
N PHE B 129 21.41 8.62 45.20
CA PHE B 129 21.12 7.66 44.13
C PHE B 129 21.00 6.25 44.68
N CYS B 130 21.90 5.87 45.60
CA CYS B 130 21.88 4.51 46.12
C CYS B 130 20.64 4.26 46.98
N ILE B 131 20.21 5.24 47.76
CA ILE B 131 19.05 5.05 48.63
C ILE B 131 17.73 5.27 47.89
N LEU B 132 17.76 5.87 46.70
CA LEU B 132 16.57 5.83 45.85
C LEU B 132 16.51 4.55 45.03
N LEU B 133 17.66 3.96 44.72
CA LEU B 133 17.70 2.67 44.06
C LEU B 133 17.34 1.52 45.00
N GLY B 134 17.32 1.75 46.30
CA GLY B 134 17.17 0.68 47.26
C GLY B 134 18.35 -0.27 47.29
N ARG B 135 19.56 0.27 47.13
CA ARG B 135 20.75 -0.57 47.05
C ARG B 135 21.04 -1.25 48.38
N PHE B 136 21.04 -0.47 49.48
CA PHE B 136 21.49 -0.95 50.78
C PHE B 136 20.35 -1.07 51.78
N ASP B 137 19.10 -1.10 51.30
CA ASP B 137 17.97 -1.35 52.19
C ASP B 137 17.99 -2.79 52.68
N ASN B 138 17.10 -3.09 53.62
CA ASN B 138 16.99 -4.45 54.15
C ASN B 138 16.12 -5.35 53.29
N ALA B 139 15.47 -4.83 52.26
CA ALA B 139 14.62 -5.61 51.38
C ALA B 139 15.31 -5.82 50.03
N GLY B 140 15.29 -7.05 49.56
CA GLY B 140 15.94 -7.38 48.30
C GLY B 140 14.97 -7.75 47.20
N LYS B 141 15.39 -8.65 46.31
CA LYS B 141 14.52 -9.08 45.21
C LYS B 141 13.39 -9.97 45.67
N VAL B 142 13.38 -10.39 46.95
CA VAL B 142 12.26 -11.14 47.48
C VAL B 142 11.02 -10.26 47.51
N HIS B 143 9.87 -10.89 47.74
CA HIS B 143 8.58 -10.22 47.61
C HIS B 143 8.28 -9.32 48.81
N GLU B 144 7.03 -8.89 48.93
CA GLU B 144 6.58 -7.83 49.82
C GLU B 144 6.87 -8.07 51.31
N ARG B 145 7.39 -9.25 51.66
CA ARG B 145 7.57 -9.65 53.05
C ARG B 145 8.23 -8.55 53.88
N ASN B 146 7.48 -8.01 54.84
CA ASN B 146 7.90 -6.91 55.71
C ASN B 146 8.15 -5.62 54.94
N LYS B 147 8.04 -4.49 55.62
CA LYS B 147 8.34 -3.18 55.01
C LYS B 147 9.73 -2.76 55.47
N ASP B 148 10.74 -3.39 54.89
CA ASP B 148 12.13 -3.09 55.16
C ASP B 148 12.75 -2.23 54.07
N TYR B 149 11.94 -1.71 53.15
CA TYR B 149 12.44 -0.90 52.05
C TYR B 149 12.82 0.49 52.54
N ASP B 150 14.03 0.94 52.20
CA ASP B 150 14.37 2.33 52.45
C ASP B 150 13.49 3.26 51.62
N ILE B 151 13.24 2.91 50.36
CA ILE B 151 12.29 3.60 49.51
C ILE B 151 11.32 2.56 48.95
N HIS B 152 10.03 2.81 49.07
CA HIS B 152 9.01 1.87 48.62
C HIS B 152 8.04 2.57 47.70
N PHE B 153 7.78 1.95 46.55
CA PHE B 153 6.78 2.43 45.59
C PHE B 153 5.59 1.48 45.65
N SER B 154 4.49 1.92 46.25
CA SER B 154 3.29 1.12 46.29
C SER B 154 2.61 1.11 44.92
N ASN B 155 1.69 0.16 44.75
CA ASN B 155 0.96 0.07 43.49
C ASN B 155 0.05 1.28 43.31
N PHE B 156 -0.11 1.68 42.05
CA PHE B 156 -0.88 2.86 41.69
C PHE B 156 -2.22 2.39 41.11
N ASP B 157 -3.27 2.51 41.92
CA ASP B 157 -4.61 2.13 41.49
C ASP B 157 -5.35 3.34 40.93
N LEU B 158 -6.33 3.07 40.08
CA LEU B 158 -7.09 4.14 39.46
C LEU B 158 -7.88 4.91 40.50
N ASP B 159 -7.86 6.24 40.39
CA ASP B 159 -8.56 7.12 41.31
C ASP B 159 -9.90 7.52 40.67
N HIS B 160 -10.98 6.96 41.21
CA HIS B 160 -12.31 7.27 40.70
C HIS B 160 -12.86 8.55 41.36
N ASP B 166 -17.23 -2.21 39.90
CA ASP B 166 -17.58 -2.61 38.54
C ASP B 166 -16.43 -2.32 37.59
N LEU B 167 -16.49 -1.16 36.94
CA LEU B 167 -15.44 -0.69 36.02
C LEU B 167 -15.19 -1.70 34.90
N ARG B 168 -16.20 -1.85 34.06
CA ARG B 168 -16.08 -2.74 32.91
C ARG B 168 -14.94 -2.30 32.00
N LEU B 169 -14.25 -3.28 31.42
CA LEU B 169 -13.07 -2.99 30.62
C LEU B 169 -13.40 -2.14 29.41
N VAL B 170 -14.52 -2.42 28.75
CA VAL B 170 -14.91 -1.65 27.57
C VAL B 170 -15.19 -0.19 27.92
N ASP B 171 -15.51 0.09 29.17
CA ASP B 171 -15.77 1.47 29.58
C ASP B 171 -14.49 2.29 29.68
N ILE B 172 -13.37 1.66 30.02
CA ILE B 172 -12.11 2.38 30.22
C ILE B 172 -11.19 2.27 29.02
N ALA B 173 -11.03 1.07 28.47
CA ALA B 173 -10.09 0.86 27.37
C ALA B 173 -10.83 0.74 26.05
N SER B 174 -10.07 0.67 24.97
CA SER B 174 -10.63 0.51 23.62
C SER B 174 -9.54 -0.08 22.75
N GLY B 175 -9.74 -1.32 22.31
CA GLY B 175 -8.74 -2.02 21.54
C GLY B 175 -8.42 -1.38 20.20
N ARG B 176 -7.13 -1.13 19.94
CA ARG B 176 -6.69 -0.59 18.67
C ARG B 176 -5.54 -1.44 18.13
N ILE B 177 -5.57 -1.69 16.83
CA ILE B 177 -4.50 -2.42 16.17
C ILE B 177 -3.48 -1.41 15.66
N LEU B 178 -2.23 -1.55 16.09
CA LEU B 178 -1.14 -0.71 15.63
C LEU B 178 -0.46 -1.38 14.44
N ASN B 179 0.71 -0.87 14.06
CA ASN B 179 1.31 -1.29 12.79
C ASN B 179 2.82 -1.10 12.86
N ARG B 180 3.50 -1.72 11.89
CA ARG B 180 4.91 -1.49 11.64
C ARG B 180 5.10 -1.47 10.13
N VAL B 181 5.38 -0.28 9.58
CA VAL B 181 5.38 -0.05 8.14
C VAL B 181 6.82 -0.05 7.63
N ASP B 182 6.99 -0.47 6.38
CA ASP B 182 8.32 -0.56 5.77
C ASP B 182 8.82 0.85 5.44
N PHE B 183 9.98 0.92 4.80
CA PHE B 183 10.48 2.17 4.22
C PHE B 183 10.77 2.05 2.73
N ASP B 184 11.36 0.95 2.29
CA ASP B 184 11.53 0.72 0.86
C ASP B 184 10.18 0.63 0.17
N THR B 185 9.22 -0.03 0.80
CA THR B 185 7.83 -0.07 0.38
C THR B 185 6.96 0.63 1.41
N GLY B 186 5.73 0.89 1.03
CA GLY B 186 4.76 1.44 1.96
C GLY B 186 3.96 0.43 2.74
N LYS B 187 4.23 -0.87 2.54
CA LYS B 187 3.49 -1.91 3.22
C LYS B 187 3.93 -2.02 4.68
N ALA B 188 3.17 -2.80 5.44
CA ALA B 188 3.48 -3.08 6.84
C ALA B 188 3.97 -4.52 6.97
N LYS B 189 5.04 -4.72 7.73
CA LYS B 189 5.50 -6.08 7.99
C LYS B 189 4.51 -6.86 8.83
N ASP B 190 4.02 -6.25 9.92
CA ASP B 190 3.19 -6.94 10.90
C ASP B 190 2.37 -5.90 11.64
N TYR B 191 1.73 -6.33 12.72
CA TYR B 191 0.89 -5.46 13.53
C TYR B 191 0.76 -6.05 14.93
N PHE B 192 0.08 -5.32 15.81
CA PHE B 192 -0.15 -5.77 17.17
C PHE B 192 -1.27 -4.97 17.83
N ARG B 193 -2.17 -5.65 18.54
CA ARG B 193 -3.26 -4.95 19.21
C ARG B 193 -2.76 -4.21 20.44
N THR B 194 -3.59 -3.30 20.93
CA THR B 194 -3.28 -2.54 22.14
C THR B 194 -4.60 -2.13 22.78
N TRP B 195 -4.53 -1.78 24.06
CA TRP B 195 -5.71 -1.45 24.85
C TRP B 195 -5.66 0.00 25.33
N GLU B 196 -5.38 0.93 24.41
CA GLU B 196 -5.30 2.35 24.78
C GLU B 196 -6.54 2.78 25.55
N ALA B 197 -6.32 3.23 26.79
CA ALA B 197 -7.42 3.55 27.69
C ALA B 197 -7.99 4.94 27.45
N ASP B 198 -8.85 5.39 28.35
CA ASP B 198 -9.53 6.68 28.26
C ASP B 198 -8.83 7.63 29.23
N TYR B 199 -7.96 8.49 28.71
CA TYR B 199 -7.21 9.40 29.57
C TYR B 199 -8.08 10.51 30.13
N GLU B 200 -9.23 10.80 29.51
CA GLU B 200 -10.05 11.91 29.99
C GLU B 200 -10.80 11.53 31.26
N THR B 201 -11.52 10.40 31.23
CA THR B 201 -12.31 9.97 32.39
C THR B 201 -11.45 9.15 33.36
N TYR B 202 -10.91 8.02 32.89
CA TYR B 202 -10.09 7.15 33.73
C TYR B 202 -8.61 7.40 33.42
N GLY B 203 -8.13 8.55 33.90
CA GLY B 203 -6.78 8.97 33.59
C GLY B 203 -5.96 9.39 34.79
N THR B 204 -6.52 9.25 35.98
CA THR B 204 -5.85 9.63 37.22
C THR B 204 -5.60 8.38 38.06
N TYR B 205 -4.35 8.16 38.43
CA TYR B 205 -3.94 7.03 39.26
C TYR B 205 -3.29 7.57 40.54
N THR B 206 -3.55 6.89 41.64
CA THR B 206 -3.02 7.29 42.94
C THR B 206 -2.24 6.13 43.56
N GLY B 207 -1.08 6.46 44.13
CA GLY B 207 -0.26 5.49 44.82
C GLY B 207 0.52 6.17 45.93
N ARG B 208 1.22 5.37 46.71
CA ARG B 208 1.99 5.86 47.84
C ARG B 208 3.46 5.52 47.65
N ILE B 209 4.32 6.50 47.94
CA ILE B 209 5.76 6.31 47.94
C ILE B 209 6.26 6.55 49.35
N THR B 210 6.86 5.52 49.96
CA THR B 210 7.36 5.60 51.32
C THR B 210 8.88 5.63 51.29
N LEU B 211 9.46 6.61 51.99
CA LEU B 211 10.90 6.86 51.97
C LEU B 211 11.40 6.98 53.40
N ARG B 212 12.02 5.91 53.91
CA ARG B 212 12.55 5.94 55.27
C ARG B 212 13.67 6.95 55.41
N ASN B 213 14.57 7.01 54.43
CA ASN B 213 15.77 7.84 54.52
C ASN B 213 15.40 9.26 54.10
N GLU B 214 15.49 10.20 55.04
CA GLU B 214 15.13 11.60 54.80
C GLU B 214 16.23 12.38 54.09
N HIS B 215 17.40 11.77 53.86
CA HIS B 215 18.52 12.48 53.27
C HIS B 215 18.36 12.71 51.77
N ALA B 216 17.44 12.00 51.12
CA ALA B 216 17.30 12.07 49.67
C ALA B 216 15.86 12.30 49.25
N LYS B 217 15.15 13.16 49.98
CA LYS B 217 13.79 13.50 49.61
C LYS B 217 13.75 14.42 48.40
N LYS B 218 14.67 15.39 48.35
CA LYS B 218 14.66 16.39 47.28
C LYS B 218 14.88 15.75 45.92
N LEU B 219 15.82 14.82 45.82
CA LEU B 219 16.07 14.15 44.55
C LEU B 219 14.85 13.33 44.13
N LEU B 220 14.19 12.68 45.08
CA LEU B 220 13.00 11.92 44.77
C LEU B 220 11.89 12.82 44.24
N LEU B 221 11.68 13.97 44.87
CA LEU B 221 10.67 14.90 44.40
C LEU B 221 11.01 15.44 43.01
N ALA B 222 12.29 15.74 42.78
CA ALA B 222 12.70 16.21 41.46
C ALA B 222 12.46 15.15 40.39
N SER B 223 12.77 13.89 40.71
CA SER B 223 12.53 12.81 39.76
C SER B 223 11.04 12.64 39.49
N LEU B 224 10.21 12.79 40.52
CA LEU B 224 8.77 12.74 40.32
C LEU B 224 8.32 13.86 39.38
N GLY B 225 8.87 15.06 39.56
CA GLY B 225 8.56 16.15 38.66
C GLY B 225 9.20 16.04 37.30
N PHE B 226 10.14 15.12 37.12
CA PHE B 226 10.86 14.97 35.85
C PHE B 226 10.38 13.81 35.00
N VAL B 227 9.55 12.91 35.55
CA VAL B 227 9.04 11.79 34.76
C VAL B 227 8.10 12.37 33.71
N ASP B 228 8.49 12.28 32.44
CA ASP B 228 7.79 12.98 31.38
C ASP B 228 6.74 12.11 30.66
N LYS B 229 6.84 10.78 30.78
CA LYS B 229 5.86 9.91 30.15
C LYS B 229 5.83 8.57 30.86
N LEU B 230 4.66 7.94 30.83
CA LEU B 230 4.48 6.61 31.41
C LEU B 230 3.41 5.88 30.62
N CYS B 231 3.62 4.56 30.45
CA CYS B 231 2.66 3.66 29.82
C CYS B 231 2.26 4.11 28.41
N GLY B 232 3.13 4.84 27.73
CA GLY B 232 2.82 5.32 26.40
C GLY B 232 2.09 6.64 26.36
N ALA B 233 2.16 7.45 27.41
CA ALA B 233 1.41 8.68 27.47
C ALA B 233 2.12 9.67 28.38
N LEU B 234 1.93 10.95 28.10
CA LEU B 234 2.49 12.00 28.96
C LEU B 234 1.85 11.94 30.34
N CYS B 235 2.65 12.23 31.36
CA CYS B 235 2.18 12.16 32.73
C CYS B 235 2.67 13.38 33.51
N ARG B 236 1.91 13.75 34.53
CA ARG B 236 2.24 14.84 35.45
C ARG B 236 2.17 14.27 36.87
N ILE B 237 3.29 13.73 37.35
CA ILE B 237 3.35 13.21 38.70
C ILE B 237 3.19 14.37 39.67
N GLU B 238 2.19 14.28 40.55
CA GLU B 238 1.90 15.33 41.51
C GLU B 238 1.84 14.73 42.91
N VAL B 239 2.54 15.35 43.85
CA VAL B 239 2.46 14.94 45.25
C VAL B 239 1.13 15.36 45.85
N ILE B 240 0.63 14.55 46.77
CA ILE B 240 -0.66 14.74 47.46
C ILE B 240 -1.76 15.23 46.52
N HIS B 269 -30.47 1.82 22.50
CA HIS B 269 -31.81 1.35 22.18
C HIS B 269 -31.75 0.07 21.35
N ASN B 270 -30.72 -0.73 21.58
CA ASN B 270 -30.55 -1.98 20.84
C ASN B 270 -31.58 -3.01 21.29
N ASP B 271 -31.72 -4.06 20.48
CA ASP B 271 -32.60 -5.20 20.72
C ASP B 271 -34.07 -4.83 20.55
N GLU B 272 -34.35 -3.54 20.35
CA GLU B 272 -35.67 -3.06 19.99
C GLU B 272 -35.65 -2.32 18.66
N LEU B 273 -34.69 -1.41 18.49
CA LEU B 273 -34.48 -0.81 17.17
C LEU B 273 -34.13 -1.88 16.14
N ARG B 274 -33.43 -2.92 16.55
CA ARG B 274 -33.14 -4.03 15.65
C ARG B 274 -34.43 -4.76 15.27
N LYS B 275 -35.35 -4.94 16.22
CA LYS B 275 -36.63 -5.56 15.90
C LYS B 275 -37.44 -4.71 14.93
N GLN B 276 -37.45 -3.39 15.14
CA GLN B 276 -38.17 -2.51 14.22
C GLN B 276 -37.53 -2.54 12.83
N ALA B 277 -36.20 -2.60 12.78
CA ALA B 277 -35.51 -2.74 11.50
C ALA B 277 -35.87 -4.05 10.81
N GLU B 278 -36.00 -5.12 11.59
CA GLU B 278 -36.44 -6.40 11.01
C GLU B 278 -37.84 -6.28 10.45
N VAL B 279 -38.73 -5.58 11.15
CA VAL B 279 -40.08 -5.35 10.64
C VAL B 279 -40.04 -4.57 9.34
N ILE B 280 -39.19 -3.53 9.28
CA ILE B 280 -39.05 -2.73 8.08
C ILE B 280 -38.56 -3.59 6.92
N VAL B 281 -37.57 -4.44 7.19
CA VAL B 281 -37.02 -5.30 6.14
C VAL B 281 -38.06 -6.32 5.68
N GLU B 282 -38.86 -6.84 6.60
CA GLU B 282 -39.92 -7.78 6.23
C GLU B 282 -40.95 -7.11 5.33
N ALA B 283 -41.34 -5.88 5.67
CA ALA B 283 -42.29 -5.15 4.83
C ALA B 283 -41.69 -4.80 3.48
N PHE B 284 -40.39 -4.51 3.43
CA PHE B 284 -39.72 -4.32 2.14
C PHE B 284 -39.78 -5.61 1.32
N LYS B 285 -39.54 -6.75 1.97
CA LYS B 285 -39.64 -8.04 1.29
C LYS B 285 -41.05 -8.30 0.78
N GLN B 286 -42.06 -7.81 1.49
CA GLN B 286 -43.43 -7.94 1.01
C GLN B 286 -43.64 -7.22 -0.30
N ASN B 287 -42.90 -6.13 -0.54
CA ASN B 287 -42.97 -5.39 -1.79
C ASN B 287 -41.93 -5.87 -2.81
N ASP B 288 -41.19 -6.93 -2.49
CA ASP B 288 -40.12 -7.45 -3.36
C ASP B 288 -39.08 -6.36 -3.64
N LYS B 289 -38.73 -5.59 -2.62
CA LYS B 289 -37.75 -4.52 -2.76
C LYS B 289 -36.60 -4.71 -1.79
N LEU B 290 -36.12 -5.95 -1.66
CA LEU B 290 -34.98 -6.25 -0.80
C LEU B 290 -33.65 -5.89 -1.46
N GLU B 291 -33.63 -5.68 -2.77
CA GLU B 291 -32.40 -5.30 -3.43
C GLU B 291 -31.98 -3.87 -3.09
N LYS B 292 -32.92 -3.03 -2.69
CA LYS B 292 -32.63 -1.65 -2.35
C LYS B 292 -32.69 -1.39 -0.84
N ILE B 293 -32.91 -2.42 -0.03
CA ILE B 293 -32.83 -2.24 1.41
C ILE B 293 -31.38 -1.94 1.81
N ARG B 294 -30.41 -2.43 1.04
CA ARG B 294 -29.02 -2.07 1.29
C ARG B 294 -28.78 -0.59 1.06
N ILE B 295 -29.33 -0.05 -0.03
CA ILE B 295 -29.15 1.37 -0.33
C ILE B 295 -29.81 2.22 0.74
N LEU B 296 -30.95 1.79 1.28
CA LEU B 296 -31.56 2.49 2.39
C LEU B 296 -30.66 2.47 3.62
N ALA B 297 -29.90 1.38 3.81
CA ALA B 297 -28.95 1.32 4.91
C ALA B 297 -27.88 2.40 4.78
N ASP B 298 -27.33 2.57 3.56
CA ASP B 298 -26.34 3.61 3.36
C ASP B 298 -26.95 5.00 3.51
N ALA B 299 -28.19 5.18 3.04
CA ALA B 299 -28.85 6.47 3.21
C ALA B 299 -29.04 6.80 4.69
N ILE B 300 -29.45 5.81 5.48
CA ILE B 300 -29.61 6.01 6.92
C ILE B 300 -28.27 6.31 7.56
N ARG B 301 -27.22 5.59 7.16
CA ARG B 301 -25.90 5.83 7.74
C ARG B 301 -25.40 7.24 7.43
N THR B 302 -25.61 7.70 6.19
CA THR B 302 -25.18 9.05 5.82
C THR B 302 -26.15 10.13 6.28
N LEU B 303 -27.31 9.75 6.81
CA LEU B 303 -28.20 10.74 7.43
C LEU B 303 -27.57 11.39 8.64
N ARG B 304 -26.51 10.81 9.20
CA ARG B 304 -25.82 11.42 10.33
C ARG B 304 -25.27 12.79 10.00
N LEU B 305 -24.84 12.99 8.75
CA LEU B 305 -24.35 14.31 8.34
C LEU B 305 -25.47 15.34 8.40
N HIS B 306 -26.67 14.95 7.96
CA HIS B 306 -27.83 15.82 8.08
C HIS B 306 -28.28 15.89 9.54
N GLY B 307 -28.93 17.00 9.89
CA GLY B 307 -29.42 17.17 11.23
C GLY B 307 -30.64 16.31 11.51
N GLU B 308 -30.98 16.21 12.80
CA GLU B 308 -32.18 15.49 13.19
C GLU B 308 -33.44 16.17 12.67
N GLY B 309 -33.36 17.48 12.41
CA GLY B 309 -34.50 18.19 11.84
C GLY B 309 -34.89 17.71 10.45
N VAL B 310 -33.99 17.02 9.76
CA VAL B 310 -34.32 16.47 8.44
C VAL B 310 -35.46 15.46 8.58
N ILE B 311 -35.40 14.60 9.60
CA ILE B 311 -36.48 13.65 9.83
C ILE B 311 -37.57 14.21 10.74
N GLU B 312 -37.23 15.19 11.60
CA GLU B 312 -38.24 15.83 12.44
C GLU B 312 -39.24 16.61 11.61
N LYS B 313 -38.77 17.64 10.91
CA LYS B 313 -39.59 18.41 9.97
C LYS B 313 -39.20 18.00 8.56
N ASP B 314 -40.20 17.63 7.75
CA ASP B 314 -39.93 16.92 6.51
C ASP B 314 -39.08 17.75 5.55
N GLU B 315 -37.82 17.34 5.38
CA GLU B 315 -36.93 17.93 4.40
C GLU B 315 -36.51 16.93 3.33
N LEU B 316 -36.94 15.67 3.45
CA LEU B 316 -36.62 14.66 2.47
C LEU B 316 -37.39 14.93 1.18
N PRO B 317 -36.88 14.47 0.04
CA PRO B 317 -37.59 14.68 -1.23
C PRO B 317 -38.98 14.08 -1.19
N ASP B 318 -39.97 14.87 -1.62
CA ASP B 318 -41.37 14.46 -1.58
C ASP B 318 -41.84 13.81 -2.88
N GLY B 319 -40.98 13.74 -3.89
CA GLY B 319 -41.39 13.19 -5.16
C GLY B 319 -42.17 14.18 -6.00
N LYS B 320 -42.70 13.68 -7.10
CA LYS B 320 -43.51 14.52 -7.97
C LYS B 320 -44.88 14.77 -7.36
N GLU B 321 -45.50 15.87 -7.78
CA GLU B 321 -46.79 16.27 -7.21
C GLU B 321 -47.88 15.25 -7.55
N GLU B 322 -47.90 14.77 -8.79
CA GLU B 322 -48.92 13.83 -9.25
C GLU B 322 -48.37 12.43 -9.47
N ARG B 323 -47.26 12.08 -8.80
CA ARG B 323 -46.66 10.77 -8.99
C ARG B 323 -47.58 9.66 -8.51
N ASP B 324 -48.38 9.92 -7.48
CA ASP B 324 -49.30 8.98 -6.83
C ASP B 324 -48.56 7.88 -6.07
N LYS B 325 -47.23 7.88 -6.10
CA LYS B 325 -46.43 6.95 -5.31
C LYS B 325 -45.43 7.69 -4.44
N GLY B 326 -44.99 8.88 -4.84
CA GLY B 326 -44.02 9.64 -4.07
C GLY B 326 -42.61 9.13 -4.32
N HIS B 327 -41.77 9.26 -3.30
CA HIS B 327 -40.40 8.78 -3.39
C HIS B 327 -40.37 7.27 -3.51
N HIS B 328 -39.44 6.77 -4.32
CA HIS B 328 -39.27 5.33 -4.49
C HIS B 328 -38.67 4.65 -3.27
N LEU B 329 -38.17 5.41 -2.31
CA LEU B 329 -37.56 4.86 -1.11
C LEU B 329 -38.23 5.34 0.17
N TRP B 330 -38.64 6.61 0.24
CA TRP B 330 -39.20 7.16 1.46
C TRP B 330 -40.72 7.07 1.51
N ASP B 331 -41.39 7.05 0.37
CA ASP B 331 -42.84 6.86 0.32
C ASP B 331 -43.18 5.40 0.05
N ILE B 332 -42.70 4.53 0.94
CA ILE B 332 -42.93 3.10 0.84
C ILE B 332 -43.86 2.68 1.98
N LYS B 333 -44.93 1.99 1.63
CA LYS B 333 -45.90 1.52 2.61
C LYS B 333 -45.31 0.36 3.38
N VAL B 334 -44.67 0.67 4.51
CA VAL B 334 -44.10 -0.33 5.41
C VAL B 334 -44.96 -0.38 6.66
N GLN B 335 -45.58 -1.55 6.90
CA GLN B 335 -46.52 -1.73 7.99
C GLN B 335 -47.65 -0.71 7.94
N GLY B 336 -48.10 -0.38 6.73
CA GLY B 336 -49.25 0.46 6.54
C GLY B 336 -49.00 1.96 6.63
N THR B 337 -47.75 2.39 6.74
CA THR B 337 -47.44 3.81 6.83
C THR B 337 -46.19 4.12 6.02
N ALA B 338 -46.06 5.38 5.64
CA ALA B 338 -44.92 5.82 4.85
C ALA B 338 -43.63 5.75 5.68
N LEU B 339 -42.51 5.54 4.99
CA LEU B 339 -41.24 5.38 5.68
C LEU B 339 -40.80 6.67 6.37
N ARG B 340 -41.16 7.83 5.81
CA ARG B 340 -40.77 9.10 6.44
C ARG B 340 -41.45 9.27 7.79
N THR B 341 -42.77 9.05 7.84
CA THR B 341 -43.51 9.21 9.08
C THR B 341 -43.04 8.22 10.13
N LYS B 342 -42.83 6.96 9.74
CA LYS B 342 -42.38 5.97 10.72
C LYS B 342 -40.95 6.22 11.15
N LEU B 343 -40.11 6.80 10.29
CA LEU B 343 -38.78 7.19 10.72
C LEU B 343 -38.85 8.33 11.72
N LYS B 344 -39.77 9.27 11.53
CA LYS B 344 -40.01 10.29 12.55
C LYS B 344 -40.45 9.66 13.85
N GLU B 345 -41.33 8.64 13.77
CA GLU B 345 -41.77 7.92 14.96
C GLU B 345 -40.60 7.26 15.67
N LEU B 346 -39.72 6.61 14.90
CA LEU B 346 -38.56 5.96 15.48
C LEU B 346 -37.62 6.96 16.12
N TRP B 347 -37.39 8.09 15.47
CA TRP B 347 -36.53 9.12 16.04
C TRP B 347 -37.12 9.67 17.34
N GLN B 348 -38.45 9.86 17.38
CA GLN B 348 -39.08 10.31 18.60
C GLN B 348 -39.03 9.25 19.69
N SER B 349 -39.04 7.97 19.31
CA SER B 349 -38.98 6.86 20.25
C SER B 349 -37.55 6.40 20.54
N ASN B 350 -36.55 7.03 19.91
CA ASN B 350 -35.15 6.71 20.15
C ASN B 350 -34.35 7.99 20.32
N LYS B 351 -34.95 8.99 20.98
CA LYS B 351 -34.27 10.24 21.23
C LYS B 351 -33.13 10.10 22.25
N ASP B 352 -33.10 8.99 22.98
CA ASP B 352 -32.12 8.84 24.07
C ASP B 352 -30.70 8.77 23.52
N ILE B 353 -30.46 7.93 22.51
CA ILE B 353 -29.12 7.73 22.01
C ILE B 353 -28.62 8.86 21.11
N GLY B 354 -29.52 9.74 20.66
CA GLY B 354 -29.11 10.86 19.83
C GLY B 354 -29.11 10.53 18.35
N TRP B 355 -29.21 11.58 17.53
CA TRP B 355 -29.39 11.40 16.10
C TRP B 355 -28.24 10.64 15.47
N ARG B 356 -26.99 11.01 15.81
CA ARG B 356 -25.84 10.35 15.21
C ARG B 356 -25.80 8.87 15.59
N LYS B 357 -25.89 8.57 16.89
CA LYS B 357 -25.84 7.18 17.33
C LYS B 357 -27.05 6.41 16.85
N PHE B 358 -28.25 7.02 16.91
CA PHE B 358 -29.46 6.32 16.48
C PHE B 358 -29.37 5.95 15.01
N THR B 359 -28.96 6.90 14.16
CA THR B 359 -28.92 6.61 12.74
C THR B 359 -27.77 5.65 12.40
N GLU B 360 -26.65 5.72 13.12
CA GLU B 360 -25.56 4.77 12.88
C GLU B 360 -25.99 3.35 13.24
N MET B 361 -26.58 3.18 14.43
CA MET B 361 -27.05 1.87 14.84
C MET B 361 -28.17 1.38 13.93
N LEU B 362 -29.05 2.27 13.47
CA LEU B 362 -30.13 1.86 12.58
C LEU B 362 -29.58 1.38 11.24
N GLY B 363 -28.66 2.14 10.64
CA GLY B 363 -28.07 1.71 9.39
C GLY B 363 -27.34 0.40 9.53
N SER B 364 -26.59 0.22 10.62
CA SER B 364 -25.95 -1.06 10.87
C SER B 364 -27.00 -2.18 11.00
N ASN B 365 -28.13 -1.87 11.64
CA ASN B 365 -29.17 -2.88 11.84
C ASN B 365 -29.73 -3.36 10.51
N LEU B 366 -30.19 -2.42 9.67
CA LEU B 366 -30.74 -2.87 8.39
C LEU B 366 -29.68 -3.51 7.51
N TYR B 367 -28.41 -3.07 7.61
CA TYR B 367 -27.35 -3.77 6.90
C TYR B 367 -27.24 -5.21 7.36
N LEU B 368 -27.34 -5.45 8.67
CA LEU B 368 -27.24 -6.82 9.18
C LEU B 368 -28.44 -7.67 8.73
N ILE B 369 -29.64 -7.10 8.76
CA ILE B 369 -30.81 -7.87 8.31
C ILE B 369 -30.70 -8.20 6.83
N TYR B 370 -30.24 -7.24 6.01
CA TYR B 370 -30.04 -7.52 4.60
C TYR B 370 -29.00 -8.62 4.40
N LYS B 371 -27.91 -8.56 5.17
CA LYS B 371 -26.89 -9.60 5.07
C LYS B 371 -27.39 -10.94 5.56
N LYS B 372 -28.25 -10.95 6.59
CA LYS B 372 -28.72 -12.20 7.15
C LYS B 372 -29.58 -12.99 6.16
N GLU B 373 -30.46 -12.31 5.43
CA GLU B 373 -31.33 -13.01 4.49
C GLU B 373 -30.56 -13.47 3.26
N THR B 374 -29.72 -12.60 2.71
CA THR B 374 -28.96 -12.94 1.50
C THR B 374 -27.73 -13.78 1.81
N GLY B 375 -27.29 -13.83 3.06
CA GLY B 375 -26.13 -14.62 3.41
C GLY B 375 -24.88 -13.78 3.57
N GLY B 376 -24.49 -13.51 4.81
CA GLY B 376 -23.31 -12.71 5.08
C GLY B 376 -22.55 -13.16 6.30
N THR B 387 -0.94 -11.40 10.64
CA THR B 387 0.49 -11.41 10.95
C THR B 387 0.78 -10.62 12.21
N GLU B 388 0.12 -11.01 13.31
CA GLU B 388 0.29 -10.31 14.58
C GLU B 388 1.60 -10.70 15.25
N TYR B 389 2.65 -9.90 15.04
CA TYR B 389 3.96 -10.18 15.61
C TYR B 389 4.13 -9.32 16.86
N TYR B 390 4.08 -9.96 18.02
CA TYR B 390 4.26 -9.26 19.30
C TYR B 390 5.72 -9.33 19.76
N SER B 391 6.60 -8.81 18.90
CA SER B 391 8.03 -8.75 19.18
C SER B 391 8.61 -10.12 19.53
N SER B 399 23.63 -10.24 24.82
CA SER B 399 22.45 -10.46 25.66
C SER B 399 22.43 -9.50 26.84
N ASP B 400 22.89 -9.97 27.99
CA ASP B 400 22.95 -9.16 29.20
C ASP B 400 24.18 -8.27 29.12
N LEU B 401 23.97 -7.00 28.81
CA LEU B 401 25.06 -6.05 28.62
C LEU B 401 24.76 -4.77 29.39
N PHE B 402 25.81 -4.16 29.93
CA PHE B 402 25.73 -2.86 30.60
C PHE B 402 26.56 -1.87 29.79
N ILE B 403 25.90 -0.87 29.21
CA ILE B 403 26.58 0.10 28.37
C ILE B 403 26.56 1.46 29.07
N PRO B 404 27.66 1.87 29.70
CA PRO B 404 27.70 3.18 30.34
C PRO B 404 27.93 4.29 29.31
N VAL B 405 27.09 5.31 29.36
CA VAL B 405 27.21 6.48 28.50
C VAL B 405 27.64 7.65 29.38
N THR B 406 28.77 8.26 29.03
CA THR B 406 29.32 9.36 29.81
C THR B 406 29.26 10.65 29.01
N PRO B 407 28.28 11.52 29.23
CA PRO B 407 28.25 12.81 28.55
C PRO B 407 29.46 13.64 28.94
N PRO B 408 30.07 14.36 27.99
CA PRO B 408 31.24 15.18 28.31
C PRO B 408 30.90 16.27 29.31
N GLU B 409 31.84 16.53 30.22
CA GLU B 409 31.66 17.60 31.19
C GLU B 409 31.66 18.95 30.49
N GLY B 410 30.72 19.81 30.88
CA GLY B 410 30.58 21.10 30.26
C GLY B 410 29.64 21.14 29.08
N ILE B 411 29.09 20.00 28.66
CA ILE B 411 28.12 20.01 27.57
C ILE B 411 26.84 20.68 28.02
N GLU B 412 26.10 21.23 27.05
CA GLU B 412 24.86 21.93 27.29
C GLU B 412 23.72 21.16 26.64
N THR B 413 22.76 20.70 27.43
CA THR B 413 21.61 19.96 26.96
C THR B 413 20.35 20.81 27.14
N LYS B 414 19.45 20.75 26.17
CA LYS B 414 18.26 21.58 26.17
C LYS B 414 17.09 20.79 25.62
N GLU B 415 15.88 21.24 25.96
CA GLU B 415 14.64 20.66 25.48
C GLU B 415 13.90 21.68 24.62
N TRP B 416 13.55 21.28 23.40
CA TRP B 416 12.89 22.16 22.45
C TRP B 416 11.46 21.67 22.24
N ILE B 417 10.49 22.57 22.43
CA ILE B 417 9.09 22.29 22.18
C ILE B 417 8.70 22.88 20.84
N ILE B 418 8.06 22.08 20.00
CA ILE B 418 7.57 22.56 18.70
C ILE B 418 6.06 22.54 18.74
N VAL B 419 5.45 23.67 19.08
CA VAL B 419 4.00 23.79 19.19
C VAL B 419 3.46 24.42 17.91
N GLY B 420 2.51 23.73 17.27
CA GLY B 420 1.91 24.22 16.05
C GLY B 420 0.53 23.62 15.82
N ARG B 421 0.08 23.63 14.56
CA ARG B 421 -1.20 23.04 14.20
C ARG B 421 -1.05 22.30 12.89
N LEU B 422 -1.58 21.08 12.84
CA LEU B 422 -1.48 20.21 11.66
C LEU B 422 -2.76 20.36 10.84
N LYS B 423 -2.83 21.44 10.08
CA LYS B 423 -3.97 21.65 9.20
C LYS B 423 -3.96 20.63 8.06
N ALA B 424 -5.11 20.04 7.79
CA ALA B 424 -5.23 19.05 6.73
C ALA B 424 -5.50 19.74 5.41
N ALA B 425 -4.55 19.63 4.48
CA ALA B 425 -4.75 20.20 3.14
C ALA B 425 -5.73 19.38 2.32
N THR B 426 -5.74 18.06 2.52
CA THR B 426 -6.64 17.15 1.85
C THR B 426 -7.38 16.33 2.90
N PRO B 427 -8.55 15.79 2.56
CA PRO B 427 -9.27 14.94 3.52
C PRO B 427 -8.40 13.77 3.96
N PHE B 428 -8.39 13.50 5.26
CA PHE B 428 -7.49 12.53 5.87
C PHE B 428 -8.22 11.24 6.22
N TYR B 429 -7.43 10.19 6.45
CA TYR B 429 -7.97 8.89 6.84
C TYR B 429 -6.96 8.22 7.75
N PHE B 430 -7.27 8.21 9.05
CA PHE B 430 -6.50 7.45 10.03
C PHE B 430 -7.28 6.17 10.32
N GLY B 431 -6.84 5.08 9.70
CA GLY B 431 -7.61 3.85 9.74
C GLY B 431 -7.68 3.23 11.12
N VAL B 432 -8.72 2.43 11.32
CA VAL B 432 -8.94 1.71 12.57
C VAL B 432 -9.78 0.48 12.25
N GLN B 433 -9.65 -0.55 13.08
CA GLN B 433 -10.37 -1.78 12.88
C GLN B 433 -11.86 -1.59 13.19
N GLN B 434 -12.67 -2.47 12.61
CA GLN B 434 -14.12 -2.34 12.70
C GLN B 434 -14.61 -2.57 14.13
N PRO B 435 -15.76 -1.99 14.49
CA PRO B 435 -16.41 -2.36 15.74
C PRO B 435 -16.81 -3.83 15.73
N SER B 436 -16.96 -4.39 16.93
CA SER B 436 -17.12 -5.82 17.22
C SER B 436 -15.81 -6.57 16.99
N ASP B 437 -14.77 -5.91 16.49
CA ASP B 437 -13.43 -6.45 16.46
C ASP B 437 -12.44 -5.59 17.23
N SER B 438 -12.84 -4.38 17.64
CA SER B 438 -12.03 -3.51 18.47
C SER B 438 -12.33 -3.67 19.95
N ILE B 439 -13.21 -4.58 20.31
CA ILE B 439 -13.56 -4.79 21.72
C ILE B 439 -12.37 -5.37 22.46
N PRO B 440 -11.98 -4.82 23.62
CA PRO B 440 -10.87 -5.39 24.39
C PRO B 440 -11.31 -6.65 25.12
N GLY B 441 -10.83 -7.79 24.65
CA GLY B 441 -11.20 -9.08 25.24
C GLY B 441 -12.05 -9.94 24.34
N GLU B 454 -18.18 -4.12 10.32
CA GLU B 454 -19.36 -3.30 10.59
C GLU B 454 -20.06 -2.90 9.28
N HIS B 455 -20.93 -1.90 9.37
CA HIS B 455 -21.63 -1.42 8.19
C HIS B 455 -20.67 -0.75 7.21
N THR B 456 -19.82 0.15 7.71
CA THR B 456 -18.84 0.81 6.86
C THR B 456 -17.65 -0.11 6.63
N SER B 457 -17.20 -0.21 5.37
CA SER B 457 -16.08 -1.07 5.06
C SER B 457 -14.81 -0.59 5.73
N PHE B 458 -14.58 0.73 5.74
CA PHE B 458 -13.40 1.32 6.37
C PHE B 458 -13.86 2.35 7.40
N ASN B 459 -13.25 2.31 8.58
CA ASN B 459 -13.56 3.24 9.65
C ASN B 459 -12.40 4.20 9.86
N ILE B 460 -12.71 5.40 10.34
CA ILE B 460 -11.71 6.37 10.69
C ILE B 460 -11.57 6.38 12.21
N LEU B 461 -10.44 6.87 12.70
CA LEU B 461 -10.12 6.83 14.11
C LEU B 461 -10.72 8.04 14.82
N LEU B 462 -11.57 7.77 15.82
CA LEU B 462 -12.12 8.81 16.67
C LEU B 462 -12.06 8.33 18.12
N ASP B 463 -12.07 9.28 19.04
CA ASP B 463 -12.05 8.96 20.46
C ASP B 463 -13.49 8.84 20.97
N LYS B 464 -13.65 8.79 22.30
CA LYS B 464 -14.97 8.58 22.88
C LYS B 464 -15.92 9.73 22.59
N GLU B 465 -15.39 10.93 22.34
CA GLU B 465 -16.21 12.09 22.03
C GLU B 465 -16.48 12.25 20.55
N ASN B 466 -16.09 11.27 19.73
CA ASN B 466 -16.33 11.20 18.30
C ASN B 466 -15.50 12.20 17.50
N ARG B 467 -14.66 13.00 18.15
CA ARG B 467 -13.82 13.92 17.41
C ARG B 467 -12.69 13.18 16.71
N TYR B 468 -12.16 13.79 15.66
CA TYR B 468 -11.12 13.16 14.87
C TYR B 468 -9.80 13.17 15.63
N ARG B 469 -9.07 12.06 15.53
CA ARG B 469 -7.86 11.85 16.31
C ARG B 469 -6.67 11.64 15.39
N ILE B 470 -5.57 12.30 15.70
CA ILE B 470 -4.29 11.96 15.10
C ILE B 470 -3.51 11.18 16.16
N PRO B 471 -3.40 9.87 16.04
CA PRO B 471 -2.74 9.09 17.09
C PRO B 471 -1.26 9.41 17.18
N ARG B 472 -0.74 9.30 18.40
CA ARG B 472 0.69 9.52 18.60
C ARG B 472 1.51 8.50 17.82
N SER B 473 1.00 7.29 17.65
CA SER B 473 1.76 6.26 16.96
C SER B 473 1.89 6.56 15.47
N ALA B 474 0.79 6.94 14.81
CA ALA B 474 0.86 7.24 13.39
C ALA B 474 1.70 8.48 13.12
N LEU B 475 1.53 9.52 13.94
CA LEU B 475 2.33 10.73 13.79
C LEU B 475 3.81 10.44 14.02
N ARG B 476 4.11 9.64 15.04
CA ARG B 476 5.50 9.27 15.31
C ARG B 476 6.09 8.44 14.18
N GLY B 477 5.31 7.52 13.61
CA GLY B 477 5.80 6.72 12.50
C GLY B 477 6.06 7.56 11.26
N ALA B 478 5.16 8.48 10.93
CA ALA B 478 5.38 9.36 9.80
C ALA B 478 6.59 10.26 10.03
N LEU B 479 6.75 10.76 11.26
CA LEU B 479 7.92 11.58 11.58
C LEU B 479 9.20 10.77 11.46
N ARG B 480 9.19 9.52 11.90
CA ARG B 480 10.36 8.66 11.78
C ARG B 480 10.70 8.40 10.32
N ARG B 481 9.68 8.15 9.49
CA ARG B 481 9.92 7.96 8.07
C ARG B 481 10.52 9.21 7.43
N ASP B 482 9.99 10.38 7.76
CA ASP B 482 10.53 11.61 7.20
C ASP B 482 11.94 11.89 7.72
N LEU B 483 12.22 11.54 8.97
CA LEU B 483 13.56 11.70 9.52
C LEU B 483 14.55 10.78 8.83
N ARG B 484 14.15 9.53 8.56
CA ARG B 484 15.01 8.62 7.82
C ARG B 484 15.25 9.13 6.41
N THR B 485 14.23 9.71 5.78
CA THR B 485 14.40 10.31 4.47
C THR B 485 15.40 11.46 4.52
N ALA B 486 15.27 12.32 5.54
CA ALA B 486 16.18 13.46 5.67
C ALA B 486 17.62 13.00 5.89
N PHE B 487 17.82 12.03 6.78
CA PHE B 487 19.14 11.44 6.95
C PHE B 487 19.56 10.69 5.69
N GLY B 488 18.63 9.97 5.07
CA GLY B 488 18.94 9.15 3.91
C GLY B 488 19.51 7.80 4.22
N SER B 489 19.86 7.54 5.49
CA SER B 489 20.47 6.28 5.90
C SER B 489 19.89 5.90 7.26
N GLY B 490 18.83 5.10 7.24
CA GLY B 490 18.20 4.65 8.47
C GLY B 490 18.02 3.14 8.51
N CYS B 491 17.42 2.64 9.58
CA CYS B 491 17.24 1.21 9.77
C CYS B 491 15.78 0.84 9.66
N ASN B 492 15.54 -0.42 9.31
CA ASN B 492 14.22 -1.03 9.48
C ASN B 492 14.11 -1.45 10.95
N VAL B 493 13.23 -0.79 11.70
CA VAL B 493 13.19 -0.97 13.14
C VAL B 493 12.91 -2.43 13.47
N SER B 494 13.77 -3.02 14.31
CA SER B 494 13.68 -4.41 14.69
C SER B 494 13.05 -4.54 16.07
N LEU B 495 12.37 -5.67 16.30
CA LEU B 495 11.64 -5.91 17.52
C LEU B 495 12.30 -7.01 18.34
N GLY B 496 12.44 -6.78 19.64
CA GLY B 496 13.04 -7.75 20.53
C GLY B 496 14.56 -7.77 20.56
N GLY B 497 15.22 -6.85 19.87
CA GLY B 497 16.66 -6.80 19.91
C GLY B 497 17.17 -6.45 21.30
N GLN B 498 18.30 -7.06 21.68
CA GLN B 498 18.86 -6.87 23.01
C GLN B 498 19.83 -5.70 23.09
N ILE B 499 20.12 -5.04 21.97
CA ILE B 499 21.04 -3.91 21.92
C ILE B 499 20.32 -2.73 21.27
N LEU B 500 20.43 -1.57 21.88
CA LEU B 500 19.85 -0.36 21.31
C LEU B 500 20.39 -0.12 19.91
N CYS B 501 19.50 0.13 18.95
CA CYS B 501 19.95 0.44 17.61
C CYS B 501 20.59 1.82 17.59
N ASN B 502 21.77 1.92 17.01
CA ASN B 502 22.58 3.13 17.07
C ASN B 502 22.66 3.86 15.73
N CYS B 503 21.73 3.58 14.81
CA CYS B 503 21.70 4.31 13.56
C CYS B 503 21.28 5.76 13.80
N LYS B 504 21.44 6.59 12.77
CA LYS B 504 21.26 8.03 12.93
C LYS B 504 19.83 8.39 13.29
N VAL B 505 18.84 7.78 12.63
CA VAL B 505 17.45 8.14 12.87
C VAL B 505 17.00 7.67 14.26
N CYS B 506 17.46 6.48 14.68
CA CYS B 506 17.05 5.94 15.97
C CYS B 506 17.55 6.81 17.12
N ILE B 507 18.76 7.35 17.01
CA ILE B 507 19.33 8.16 18.08
C ILE B 507 18.46 9.38 18.34
N GLU B 508 18.00 10.03 17.28
CA GLU B 508 17.14 11.21 17.42
C GLU B 508 15.70 10.84 17.77
N MET B 509 15.22 9.68 17.30
CA MET B 509 13.87 9.26 17.64
C MET B 509 13.75 8.91 19.11
N ARG B 510 14.82 8.36 19.70
CA ARG B 510 14.81 8.08 21.13
C ARG B 510 14.80 9.34 21.98
N ARG B 511 15.04 10.51 21.38
CA ARG B 511 15.01 11.78 22.07
C ARG B 511 13.76 12.60 21.76
N ILE B 512 12.97 12.19 20.78
CA ILE B 512 11.79 12.92 20.35
C ILE B 512 10.56 12.31 21.02
N THR B 513 9.85 13.12 21.82
CA THR B 513 8.56 12.74 22.37
C THR B 513 7.52 13.75 21.89
N LEU B 514 6.35 13.24 21.53
CA LEU B 514 5.32 14.08 20.92
C LEU B 514 3.96 13.61 21.40
N LYS B 515 3.01 14.55 21.48
CA LYS B 515 1.75 14.33 22.16
C LYS B 515 0.65 13.96 21.18
N ASP B 516 -0.13 12.95 21.55
CA ASP B 516 -1.34 12.62 20.81
C ASP B 516 -2.34 13.77 20.93
N SER B 517 -2.94 14.16 19.82
CA SER B 517 -3.81 15.33 19.79
C SER B 517 -5.03 15.05 18.92
N VAL B 518 -6.17 15.61 19.35
CA VAL B 518 -7.43 15.46 18.64
C VAL B 518 -7.92 16.85 18.24
N SER B 519 -8.81 16.86 17.24
CA SER B 519 -9.40 18.10 16.76
C SER B 519 -10.68 18.40 17.53
N ASP B 520 -10.94 19.68 17.78
CA ASP B 520 -12.15 20.10 18.46
C ASP B 520 -13.34 20.15 17.50
N PHE B 521 -13.57 19.06 16.78
CA PHE B 521 -14.62 19.02 15.76
C PHE B 521 -15.18 17.61 15.74
N SER B 522 -16.25 17.38 16.51
CA SER B 522 -16.85 16.06 16.64
C SER B 522 -18.07 15.95 15.74
N GLU B 523 -17.82 15.85 14.44
CA GLU B 523 -18.89 15.72 13.47
C GLU B 523 -18.67 14.48 12.61
N PRO B 524 -19.73 13.90 12.06
CA PRO B 524 -19.60 12.64 11.33
C PRO B 524 -18.69 12.81 10.13
N PRO B 525 -17.90 11.79 9.81
CA PRO B 525 -17.02 11.88 8.64
C PRO B 525 -17.76 11.56 7.35
N GLU B 526 -17.43 12.32 6.31
CA GLU B 526 -18.02 12.09 4.99
C GLU B 526 -17.61 10.72 4.47
N ILE B 527 -18.58 9.98 3.94
CA ILE B 527 -18.31 8.67 3.36
C ILE B 527 -17.85 8.86 1.92
N ARG B 528 -16.67 8.33 1.59
CA ARG B 528 -16.12 8.41 0.25
C ARG B 528 -16.18 7.01 -0.36
N TYR B 529 -17.05 6.84 -1.35
CA TYR B 529 -17.24 5.53 -1.96
C TYR B 529 -16.13 5.24 -2.97
N ARG B 530 -15.98 3.95 -3.29
CA ARG B 530 -14.96 3.52 -4.23
C ARG B 530 -15.42 2.24 -4.91
N ILE B 531 -14.98 2.06 -6.15
CA ILE B 531 -15.24 0.85 -6.93
C ILE B 531 -13.95 0.47 -7.65
N ALA B 532 -13.97 -0.69 -8.30
CA ALA B 532 -12.87 -1.14 -9.14
C ALA B 532 -13.42 -1.50 -10.50
N LYS B 533 -12.87 -0.87 -11.54
CA LYS B 533 -13.35 -1.11 -12.90
C LYS B 533 -12.72 -2.38 -13.46
N ASN B 534 -13.53 -3.15 -14.17
CA ASN B 534 -13.04 -4.34 -14.85
C ASN B 534 -12.52 -3.93 -16.22
N PRO B 535 -11.21 -4.04 -16.45
CA PRO B 535 -10.65 -3.58 -17.74
C PRO B 535 -11.23 -4.28 -18.95
N GLY B 536 -11.63 -5.55 -18.81
CA GLY B 536 -12.17 -6.27 -19.95
C GLY B 536 -13.47 -5.70 -20.47
N THR B 537 -14.29 -5.13 -19.60
CA THR B 537 -15.57 -4.57 -19.98
C THR B 537 -15.74 -3.11 -19.59
N ALA B 538 -14.75 -2.51 -18.93
CA ALA B 538 -14.77 -1.10 -18.53
C ALA B 538 -16.00 -0.77 -17.69
N THR B 539 -16.41 -1.69 -16.83
CA THR B 539 -17.52 -1.48 -15.90
C THR B 539 -17.08 -1.91 -14.51
N VAL B 540 -18.01 -1.84 -13.55
CA VAL B 540 -17.69 -2.21 -12.19
C VAL B 540 -17.39 -3.70 -12.11
N GLU B 541 -16.54 -4.07 -11.14
CA GLU B 541 -16.14 -5.45 -10.96
C GLU B 541 -17.01 -6.13 -9.90
N ASP B 542 -17.09 -7.45 -9.96
CA ASP B 542 -17.87 -8.21 -9.01
C ASP B 542 -17.28 -8.08 -7.61
N GLY B 543 -18.06 -7.51 -6.70
CA GLY B 543 -17.62 -7.31 -5.33
C GLY B 543 -16.48 -6.32 -5.20
N SER B 544 -16.57 -5.20 -5.91
CA SER B 544 -15.53 -4.19 -5.94
C SER B 544 -15.90 -2.91 -5.21
N LEU B 545 -17.06 -2.87 -4.55
CA LEU B 545 -17.59 -1.65 -3.95
C LEU B 545 -17.28 -1.60 -2.47
N PHE B 546 -16.72 -0.49 -2.02
CA PHE B 546 -16.44 -0.29 -0.60
C PHE B 546 -16.48 1.20 -0.30
N ASP B 547 -16.68 1.53 0.97
CA ASP B 547 -16.80 2.92 1.40
C ASP B 547 -15.78 3.20 2.49
N ILE B 548 -15.24 4.42 2.48
CA ILE B 548 -14.20 4.84 3.41
C ILE B 548 -14.68 6.10 4.12
N GLU B 549 -14.50 6.13 5.45
CA GLU B 549 -14.81 7.32 6.25
C GLU B 549 -13.58 8.22 6.25
N VAL B 550 -13.70 9.39 5.65
CA VAL B 550 -12.59 10.31 5.49
C VAL B 550 -12.93 11.61 6.22
N GLY B 551 -11.98 12.11 7.01
CA GLY B 551 -12.17 13.33 7.74
C GLY B 551 -12.20 14.55 6.83
N PRO B 552 -12.78 15.64 7.31
CA PRO B 552 -12.91 16.84 6.47
C PRO B 552 -11.56 17.50 6.22
N GLU B 553 -11.49 18.21 5.09
CA GLU B 553 -10.30 18.96 4.74
C GLU B 553 -10.32 20.31 5.46
N GLY B 554 -9.16 20.71 5.97
CA GLY B 554 -9.02 21.97 6.68
C GLY B 554 -9.03 21.86 8.18
N LEU B 555 -9.24 20.66 8.73
CA LEU B 555 -9.21 20.48 10.17
C LEU B 555 -7.83 20.75 10.73
N THR B 556 -7.79 21.45 11.87
CA THR B 556 -6.54 21.83 12.51
C THR B 556 -6.40 21.05 13.82
N PHE B 557 -5.43 20.14 13.86
CA PHE B 557 -5.01 19.37 15.01
C PHE B 557 -3.79 20.02 15.65
N PRO B 558 -3.80 20.21 16.98
CA PRO B 558 -2.60 20.75 17.64
C PRO B 558 -1.41 19.83 17.44
N PHE B 559 -0.24 20.43 17.23
CA PHE B 559 0.99 19.68 16.99
C PHE B 559 1.96 19.99 18.11
N VAL B 560 2.37 18.95 18.84
CA VAL B 560 3.35 19.06 19.91
C VAL B 560 4.49 18.12 19.59
N LEU B 561 5.73 18.62 19.69
CA LEU B 561 6.92 17.81 19.46
C LEU B 561 8.02 18.31 20.38
N ARG B 562 8.50 17.44 21.25
CA ARG B 562 9.57 17.78 22.19
C ARG B 562 10.83 17.00 21.82
N TYR B 563 11.92 17.73 21.63
CA TYR B 563 13.23 17.12 21.39
C TYR B 563 14.14 17.48 22.56
N ARG B 564 14.76 16.47 23.15
CA ARG B 564 15.70 16.66 24.25
C ARG B 564 17.09 16.23 23.79
N GLY B 565 18.06 17.14 23.91
CA GLY B 565 19.40 16.84 23.47
C GLY B 565 20.30 18.04 23.67
N HIS B 566 21.48 17.96 23.06
CA HIS B 566 22.48 19.01 23.19
C HIS B 566 22.45 20.01 22.04
N LYS B 567 22.01 19.60 20.86
CA LYS B 567 21.84 20.50 19.74
C LYS B 567 20.67 20.02 18.90
N PHE B 568 19.93 20.97 18.35
CA PHE B 568 18.79 20.62 17.49
C PHE B 568 19.32 20.10 16.16
N PRO B 569 19.00 18.87 15.78
CA PRO B 569 19.54 18.33 14.53
C PRO B 569 18.99 19.06 13.32
N GLU B 570 19.84 19.20 12.30
CA GLU B 570 19.40 19.81 11.06
C GLU B 570 18.38 18.95 10.33
N GLN B 571 18.35 17.64 10.60
CA GLN B 571 17.39 16.77 9.95
C GLN B 571 15.99 16.94 10.52
N LEU B 572 15.86 17.15 11.83
CA LEU B 572 14.56 17.45 12.40
C LEU B 572 14.05 18.80 11.93
N SER B 573 14.95 19.79 11.83
CA SER B 573 14.58 21.07 11.26
C SER B 573 14.13 20.91 9.80
N SER B 574 14.82 20.05 9.06
CA SER B 574 14.43 19.78 7.68
C SER B 574 13.04 19.13 7.62
N VAL B 575 12.76 18.22 8.55
CA VAL B 575 11.43 17.60 8.61
C VAL B 575 10.37 18.64 8.91
N ILE B 576 10.65 19.56 9.84
CA ILE B 576 9.67 20.60 10.18
C ILE B 576 9.42 21.51 8.99
N ARG B 577 10.50 21.94 8.32
CA ARG B 577 10.34 22.82 7.15
C ARG B 577 9.62 22.10 6.03
N TYR B 578 9.89 20.81 5.85
CA TYR B 578 9.14 20.00 4.90
C TYR B 578 7.67 19.95 5.28
N TRP B 579 7.39 19.81 6.58
CA TRP B 579 6.01 19.77 7.06
C TRP B 579 5.38 21.15 7.11
N GLU B 580 6.17 22.20 7.29
CA GLU B 580 5.64 23.55 7.44
C GLU B 580 4.97 24.00 6.14
N GLU B 581 4.02 24.92 6.28
CA GLU B 581 3.26 25.47 5.16
C GLU B 581 3.64 26.95 5.04
N ASN B 582 4.70 27.22 4.29
CA ASN B 582 5.14 28.58 4.03
C ASN B 582 4.41 29.11 2.80
N ASP B 583 4.88 30.25 2.28
CA ASP B 583 4.26 30.83 1.10
C ASP B 583 4.39 29.94 -0.12
N GLY B 584 5.38 29.04 -0.15
CA GLY B 584 5.55 28.15 -1.27
C GLY B 584 5.72 26.69 -0.88
N LYS B 585 5.92 26.43 0.41
CA LYS B 585 6.12 25.05 0.85
C LYS B 585 4.84 24.24 0.78
N ASN B 586 3.71 24.86 1.14
CA ASN B 586 2.36 24.31 1.05
C ASN B 586 2.15 23.07 1.94
N GLY B 587 3.15 22.67 2.71
CA GLY B 587 2.99 21.57 3.65
C GLY B 587 3.13 20.22 3.00
N MET B 588 3.92 19.32 3.62
CA MET B 588 4.19 18.01 3.02
C MET B 588 4.20 16.90 4.07
N ALA B 589 3.40 17.00 5.11
CA ALA B 589 3.34 15.97 6.15
C ALA B 589 2.27 14.95 5.77
N TRP B 590 2.68 13.89 5.09
CA TRP B 590 1.79 12.80 4.75
C TRP B 590 1.53 11.96 5.99
N LEU B 591 0.33 12.11 6.57
CA LEU B 591 -0.05 11.42 7.78
C LEU B 591 -1.13 10.38 7.50
N GLY B 592 -1.05 9.26 8.19
CA GLY B 592 -2.07 8.23 8.07
C GLY B 592 -1.97 7.44 6.77
N GLY B 593 -2.98 6.60 6.57
CA GLY B 593 -3.04 5.74 5.41
C GLY B 593 -3.70 6.40 4.21
N LEU B 594 -3.93 5.58 3.19
CA LEU B 594 -4.54 6.01 1.94
C LEU B 594 -3.78 7.17 1.31
N ASP B 595 -2.45 7.11 1.40
CA ASP B 595 -1.62 8.18 0.83
C ASP B 595 -1.65 8.17 -0.68
N SER B 596 -1.90 7.01 -1.30
CA SER B 596 -1.89 6.92 -2.76
C SER B 596 -3.00 7.74 -3.39
N THR B 597 -4.11 7.94 -2.68
CA THR B 597 -5.21 8.77 -3.15
C THR B 597 -5.18 10.17 -2.54
N GLY B 598 -4.02 10.60 -2.05
CA GLY B 598 -3.89 11.93 -1.49
C GLY B 598 -4.71 12.17 -0.25
N LYS B 599 -4.71 11.22 0.67
CA LYS B 599 -5.42 11.35 1.93
C LYS B 599 -4.41 11.52 3.05
N GLY B 600 -4.45 12.68 3.71
CA GLY B 600 -3.62 12.93 4.86
C GLY B 600 -2.38 13.76 4.63
N ARG B 601 -2.37 14.65 3.64
CA ARG B 601 -1.25 15.57 3.46
C ARG B 601 -1.49 16.77 4.36
N PHE B 602 -0.90 16.74 5.56
CA PHE B 602 -1.13 17.77 6.55
C PHE B 602 -0.12 18.89 6.38
N ALA B 603 -0.61 20.13 6.34
CA ALA B 603 0.23 21.31 6.21
C ALA B 603 0.40 21.90 7.60
N LEU B 604 1.47 21.48 8.29
CA LEU B 604 1.75 22.00 9.62
C LEU B 604 2.01 23.50 9.56
N LYS B 605 1.38 24.25 10.46
CA LYS B 605 1.46 25.70 10.44
C LYS B 605 1.36 26.22 11.86
N ASP B 606 1.42 27.55 12.00
CA ASP B 606 1.47 28.22 13.31
C ASP B 606 2.61 27.68 14.15
N ILE B 607 3.76 27.49 13.52
CA ILE B 607 4.90 26.85 14.18
C ILE B 607 5.56 27.83 15.13
N LYS B 608 5.78 27.39 16.36
CA LYS B 608 6.54 28.15 17.36
C LYS B 608 7.51 27.20 18.04
N ILE B 609 8.79 27.58 18.06
CA ILE B 609 9.84 26.77 18.66
C ILE B 609 10.31 27.45 19.93
N PHE B 610 10.34 26.69 21.02
CA PHE B 610 10.81 27.16 22.31
C PHE B 610 11.99 26.30 22.76
N GLU B 611 12.55 26.64 23.91
CA GLU B 611 13.68 25.87 24.44
C GLU B 611 13.77 26.05 25.94
N TRP B 612 14.22 25.00 26.61
CA TRP B 612 14.52 25.02 28.04
C TRP B 612 16.02 24.97 28.23
N ASP B 613 16.54 25.86 29.09
CA ASP B 613 17.94 25.77 29.52
C ASP B 613 18.02 24.66 30.57
N LEU B 614 18.01 23.42 30.09
CA LEU B 614 17.86 22.27 30.96
C LEU B 614 19.01 22.08 31.91
N ASN B 615 20.13 22.78 31.71
CA ASN B 615 21.29 22.65 32.60
C ASN B 615 21.19 23.59 33.79
N GLN B 616 21.02 24.89 33.54
CA GLN B 616 20.98 25.88 34.60
C GLN B 616 19.58 26.34 34.95
N LYS B 617 18.56 25.86 34.26
CA LYS B 617 17.17 26.25 34.50
C LYS B 617 16.29 25.01 34.58
N ILE B 618 16.75 24.00 35.32
CA ILE B 618 16.00 22.76 35.45
C ILE B 618 15.00 22.80 36.60
N ASN B 619 15.21 23.68 37.59
CA ASN B 619 14.25 23.81 38.68
C ASN B 619 12.88 24.27 38.18
N GLU B 620 12.84 25.24 37.28
CA GLU B 620 11.57 25.66 36.70
C GLU B 620 11.03 24.72 35.66
N TYR B 621 11.88 23.91 35.01
CA TYR B 621 11.36 22.83 34.17
C TYR B 621 10.62 21.81 35.02
N ILE B 622 11.16 21.50 36.20
CA ILE B 622 10.45 20.60 37.12
C ILE B 622 9.20 21.28 37.65
N LYS B 623 9.29 22.57 37.98
CA LYS B 623 8.15 23.29 38.54
C LYS B 623 6.99 23.34 37.55
N GLU B 624 7.26 23.61 36.28
CA GLU B 624 6.24 23.67 35.25
C GLU B 624 5.92 22.32 34.64
N ARG B 625 6.62 21.26 35.07
CA ARG B 625 6.44 19.91 34.55
C ARG B 625 6.62 19.85 33.05
N GLY B 626 7.53 20.67 32.52
CA GLY B 626 7.80 20.67 31.10
C GLY B 626 6.64 21.12 30.23
N MET B 627 5.66 21.82 30.81
CA MET B 627 4.45 22.24 30.10
C MET B 627 3.78 21.06 29.42
N ARG B 628 3.74 19.93 30.13
CA ARG B 628 3.12 18.72 29.60
C ARG B 628 1.62 18.76 29.86
N GLY B 629 0.83 18.63 28.80
CA GLY B 629 -0.62 18.69 28.91
C GLY B 629 -1.20 20.08 28.87
N LYS B 630 -0.37 21.13 28.82
CA LYS B 630 -0.83 22.51 28.71
C LYS B 630 -0.15 23.19 27.54
N GLU B 631 -0.08 22.49 26.41
CA GLU B 631 0.54 23.05 25.21
C GLU B 631 -0.38 24.02 24.49
N LYS B 632 -1.69 23.96 24.75
CA LYS B 632 -2.60 24.95 24.19
C LYS B 632 -2.30 26.34 24.73
N GLU B 633 -1.95 26.43 26.02
CA GLU B 633 -1.57 27.71 26.59
C GLU B 633 -0.28 28.22 25.96
N LEU B 634 0.67 27.32 25.69
CA LEU B 634 1.91 27.72 25.02
C LEU B 634 1.63 28.22 23.61
N LEU B 635 0.74 27.55 22.88
CA LEU B 635 0.40 27.99 21.54
C LEU B 635 -0.35 29.31 21.54
N GLU B 636 -1.17 29.55 22.56
CA GLU B 636 -1.90 30.81 22.64
C GLU B 636 -0.95 32.00 22.78
N MET B 637 0.09 31.85 23.60
CA MET B 637 1.08 32.91 23.76
C MET B 637 2.47 32.38 23.42
N LEU B 642 3.96 32.53 29.24
CA LEU B 642 5.22 33.19 29.55
C LEU B 642 5.89 32.58 30.78
N PRO B 643 6.35 31.33 30.67
CA PRO B 643 7.00 30.69 31.81
C PRO B 643 8.49 30.94 31.87
N ASP B 644 9.03 30.88 33.08
CA ASP B 644 10.46 31.10 33.28
C ASP B 644 11.26 29.94 32.70
N GLY B 645 12.40 30.27 32.08
CA GLY B 645 13.25 29.26 31.50
C GLY B 645 12.76 28.68 30.19
N LEU B 646 11.88 29.38 29.49
CA LEU B 646 11.31 28.91 28.23
C LEU B 646 11.46 29.99 27.15
N ILE B 647 12.68 30.51 27.02
CA ILE B 647 12.92 31.53 25.99
C ILE B 647 12.68 30.93 24.61
N PRO B 648 12.10 31.67 23.68
CA PRO B 648 11.84 31.11 22.35
C PRO B 648 13.11 30.79 21.60
N TYR B 649 13.03 29.78 20.73
CA TYR B 649 14.17 29.37 19.91
C TYR B 649 14.21 30.26 18.67
N LYS B 650 15.13 31.22 18.67
CA LYS B 650 15.26 32.18 17.58
C LYS B 650 16.26 31.74 16.52
N PHE B 651 16.90 30.59 16.68
CA PHE B 651 17.91 30.10 15.76
C PHE B 651 17.41 28.95 14.90
N PHE B 652 16.11 28.94 14.62
CA PHE B 652 15.52 27.90 13.76
C PHE B 652 15.90 28.20 12.31
N GLU B 653 16.66 27.29 11.71
CA GLU B 653 17.17 27.52 10.36
C GLU B 653 16.02 27.54 9.35
N GLU B 654 16.13 28.44 8.38
CA GLU B 654 15.10 28.58 7.37
C GLU B 654 15.15 27.42 6.37
N ARG B 655 14.18 27.42 5.45
CA ARG B 655 14.10 26.32 4.48
C ARG B 655 15.33 26.29 3.58
N GLU B 656 15.71 27.43 3.02
CA GLU B 656 16.88 27.46 2.13
C GLU B 656 18.16 27.74 2.92
N CYS B 657 18.34 27.01 4.01
CA CYS B 657 19.60 27.00 4.75
C CYS B 657 19.94 25.60 5.28
N LEU B 658 19.13 24.59 4.98
CA LEU B 658 19.32 23.24 5.51
C LEU B 658 19.73 22.33 4.36
N PHE B 659 20.93 21.78 4.44
CA PHE B 659 21.38 20.85 3.41
C PHE B 659 20.52 19.59 3.33
N PRO B 660 20.20 18.89 4.43
CA PRO B 660 19.34 17.71 4.30
C PRO B 660 17.97 18.01 3.70
N TYR B 661 17.39 19.16 4.02
CA TYR B 661 16.07 19.50 3.50
C TYR B 661 16.07 19.53 1.98
N LYS B 662 16.83 20.47 1.40
CA LYS B 662 16.87 20.61 -0.06
C LYS B 662 17.54 19.42 -0.73
N GLU B 663 18.30 18.61 0.02
CA GLU B 663 18.96 17.46 -0.58
C GLU B 663 18.00 16.28 -0.73
N ASN B 664 17.39 15.84 0.36
CA ASN B 664 16.57 14.64 0.39
C ASN B 664 15.08 14.91 0.47
N LEU B 665 14.66 15.89 1.28
CA LEU B 665 13.24 16.04 1.56
C LEU B 665 12.53 16.82 0.47
N LYS B 666 13.08 17.96 0.07
CA LYS B 666 12.44 18.77 -0.97
C LYS B 666 12.26 18.03 -2.29
N PRO B 667 13.26 17.35 -2.85
CA PRO B 667 13.05 16.63 -4.10
C PRO B 667 12.36 15.28 -3.95
N GLN B 668 11.87 14.94 -2.75
CA GLN B 668 11.26 13.63 -2.55
C GLN B 668 9.95 13.52 -3.34
N TRP B 669 9.07 14.50 -3.23
CA TRP B 669 7.80 14.51 -3.92
C TRP B 669 7.72 15.74 -4.82
N SER B 670 7.40 15.54 -6.08
CA SER B 670 7.30 16.62 -7.06
C SER B 670 5.84 16.82 -7.44
N GLU B 671 5.33 18.02 -7.24
CA GLU B 671 3.94 18.33 -7.54
C GLU B 671 3.76 18.61 -9.02
N VAL B 672 2.67 18.08 -9.59
CA VAL B 672 2.29 18.35 -10.97
C VAL B 672 0.86 18.87 -10.92
N GLN B 673 0.70 20.19 -10.88
CA GLN B 673 -0.61 20.81 -10.81
C GLN B 673 -1.05 21.25 -12.19
N TYR B 674 -2.32 21.02 -12.49
CA TYR B 674 -2.88 21.38 -13.78
C TYR B 674 -4.38 21.60 -13.64
N THR B 675 -4.95 22.32 -14.61
CA THR B 675 -6.36 22.68 -14.60
C THR B 675 -7.04 21.99 -15.77
N ILE B 676 -7.96 21.07 -15.46
CA ILE B 676 -8.73 20.40 -16.49
C ILE B 676 -9.90 21.29 -16.88
N GLU B 677 -10.09 21.47 -18.18
CA GLU B 677 -11.18 22.28 -18.71
C GLU B 677 -12.22 21.33 -19.30
N VAL B 678 -13.36 21.20 -18.64
CA VAL B 678 -14.42 20.29 -19.04
C VAL B 678 -15.49 21.09 -19.76
N GLY B 679 -15.70 20.80 -21.03
CA GLY B 679 -16.69 21.51 -21.82
C GLY B 679 -17.96 20.72 -22.01
N SER B 680 -18.40 20.04 -20.96
CA SER B 680 -19.59 19.21 -20.99
C SER B 680 -20.10 19.06 -19.56
N PRO B 681 -21.38 18.69 -19.39
CA PRO B 681 -21.89 18.46 -18.03
C PRO B 681 -21.13 17.39 -17.29
N LEU B 682 -20.43 17.77 -16.23
CA LEU B 682 -19.65 16.84 -15.43
C LEU B 682 -20.52 16.24 -14.35
N LEU B 683 -20.62 14.91 -14.32
CA LEU B 683 -21.45 14.19 -13.37
C LEU B 683 -20.64 13.07 -12.73
N THR B 684 -20.32 13.23 -11.45
CA THR B 684 -19.60 12.21 -10.70
C THR B 684 -20.54 11.18 -10.08
N ALA B 685 -21.86 11.40 -10.16
CA ALA B 685 -22.88 10.41 -9.83
C ALA B 685 -22.72 9.89 -8.39
N ASP B 686 -22.89 10.82 -7.46
CA ASP B 686 -22.94 10.49 -6.03
C ASP B 686 -24.41 10.22 -5.71
N THR B 687 -24.78 8.94 -5.64
CA THR B 687 -26.19 8.56 -5.58
C THR B 687 -26.72 8.42 -4.16
N ILE B 688 -25.86 8.14 -3.18
CA ILE B 688 -26.33 8.01 -1.80
C ILE B 688 -26.87 9.34 -1.29
N SER B 689 -26.16 10.42 -1.56
CA SER B 689 -26.63 11.75 -1.19
C SER B 689 -27.75 12.25 -2.09
N ALA B 690 -28.02 11.55 -3.20
CA ALA B 690 -29.16 11.93 -4.03
C ALA B 690 -30.48 11.63 -3.34
N LEU B 691 -30.52 10.54 -2.56
CA LEU B 691 -31.75 10.18 -1.86
C LEU B 691 -32.05 11.16 -0.73
N THR B 692 -31.05 11.47 0.09
CA THR B 692 -31.28 12.27 1.29
C THR B 692 -31.45 13.75 0.98
N GLU B 693 -30.70 14.27 0.02
CA GLU B 693 -30.81 15.70 -0.26
C GLU B 693 -32.10 16.01 -1.00
N PRO B 694 -32.77 17.11 -0.67
CA PRO B 694 -34.06 17.42 -1.30
C PRO B 694 -33.91 17.75 -2.77
N GLY B 695 -35.00 17.52 -3.51
CA GLY B 695 -35.05 17.74 -4.95
C GLY B 695 -35.44 16.53 -5.75
N ASN B 696 -35.27 15.33 -5.20
CA ASN B 696 -35.61 14.07 -5.87
C ASN B 696 -34.87 13.96 -7.22
N ARG B 697 -33.55 14.06 -7.14
CA ARG B 697 -32.68 13.82 -8.28
C ARG B 697 -32.13 12.41 -8.19
N ASP B 698 -32.25 11.65 -9.28
CA ASP B 698 -31.83 10.26 -9.26
C ASP B 698 -30.31 10.14 -9.13
N ALA B 699 -29.58 11.10 -9.70
CA ALA B 699 -28.12 11.11 -9.60
C ALA B 699 -27.64 12.54 -9.56
N ILE B 700 -26.95 12.91 -8.49
CA ILE B 700 -26.40 14.25 -8.34
C ILE B 700 -24.88 14.17 -8.37
N ALA B 701 -24.25 15.32 -8.62
CA ALA B 701 -22.80 15.40 -8.67
C ALA B 701 -22.21 15.35 -7.27
N TYR B 702 -21.03 14.75 -7.16
CA TYR B 702 -20.37 14.61 -5.87
C TYR B 702 -19.87 15.97 -5.38
N LYS B 703 -20.03 16.21 -4.08
CA LYS B 703 -19.57 17.43 -3.45
C LYS B 703 -18.82 17.09 -2.17
N LYS B 704 -17.81 17.90 -1.86
CA LYS B 704 -16.94 17.65 -0.71
C LYS B 704 -17.52 18.28 0.54
N ARG B 705 -16.75 18.27 1.63
CA ARG B 705 -17.13 18.89 2.89
C ARG B 705 -15.87 19.49 3.50
N VAL B 706 -15.66 20.78 3.25
CA VAL B 706 -14.42 21.47 3.63
C VAL B 706 -14.65 22.20 4.93
N TYR B 707 -13.75 21.99 5.89
CA TYR B 707 -13.82 22.64 7.19
C TYR B 707 -13.08 23.97 7.12
N ASN B 708 -13.78 25.05 7.44
CA ASN B 708 -13.21 26.40 7.42
C ASN B 708 -12.52 26.64 8.75
N ASP B 709 -11.20 26.43 8.78
CA ASP B 709 -10.45 26.60 10.03
C ASP B 709 -10.44 28.05 10.48
N GLY B 710 -10.50 29.00 9.54
CA GLY B 710 -10.44 30.39 9.91
C GLY B 710 -11.67 30.84 10.70
N ASN B 711 -12.85 30.45 10.24
CA ASN B 711 -14.11 30.83 10.87
C ASN B 711 -14.77 29.69 11.62
N ASN B 712 -14.06 28.59 11.82
CA ASN B 712 -14.60 27.37 12.45
C ASN B 712 -15.76 26.81 11.64
N ALA B 713 -16.29 25.66 12.07
CA ALA B 713 -17.39 24.99 11.39
C ALA B 713 -17.07 24.66 9.93
N ILE B 714 -18.03 24.10 9.22
CA ILE B 714 -17.86 23.68 7.84
C ILE B 714 -18.49 24.72 6.93
N GLU B 715 -17.89 24.93 5.76
CA GLU B 715 -18.47 25.86 4.78
C GLU B 715 -19.89 25.44 4.44
N PRO B 716 -20.87 26.34 4.53
CA PRO B 716 -22.23 25.98 4.11
C PRO B 716 -22.31 25.56 2.66
N GLU B 717 -21.51 26.17 1.80
CA GLU B 717 -21.47 25.80 0.39
C GLU B 717 -20.40 24.73 0.18
N PRO B 718 -20.79 23.51 -0.22
CA PRO B 718 -19.80 22.45 -0.41
C PRO B 718 -19.14 22.51 -1.78
N ARG B 719 -17.87 22.12 -1.80
CA ARG B 719 -17.08 22.18 -3.03
C ARG B 719 -17.33 20.95 -3.89
N PHE B 720 -17.74 21.18 -5.14
CA PHE B 720 -17.85 20.09 -6.10
C PHE B 720 -16.46 19.69 -6.58
N ALA B 721 -16.25 18.38 -6.73
CA ALA B 721 -14.95 17.89 -7.13
C ALA B 721 -15.09 16.50 -7.74
N VAL B 722 -14.11 16.15 -8.57
CA VAL B 722 -13.95 14.78 -9.04
C VAL B 722 -13.05 14.07 -8.03
N LYS B 723 -13.50 12.93 -7.54
CA LYS B 723 -12.81 12.25 -6.45
C LYS B 723 -11.36 11.95 -6.82
N SER B 724 -10.46 12.12 -5.84
CA SER B 724 -9.06 11.78 -6.05
C SER B 724 -8.90 10.31 -6.43
N GLU B 725 -9.80 9.46 -5.95
CA GLU B 725 -9.81 8.07 -6.41
C GLU B 725 -10.15 7.98 -7.89
N THR B 726 -11.11 8.79 -8.35
CA THR B 726 -11.45 8.81 -9.77
C THR B 726 -10.27 9.33 -10.59
N HIS B 727 -9.60 10.37 -10.11
CA HIS B 727 -8.41 10.90 -10.78
C HIS B 727 -7.32 9.83 -10.89
N ARG B 728 -7.02 9.16 -9.77
CA ARG B 728 -6.00 8.13 -9.76
C ARG B 728 -6.37 6.98 -10.68
N GLY B 729 -7.63 6.55 -10.65
CA GLY B 729 -8.05 5.46 -11.51
C GLY B 729 -8.01 5.84 -12.98
N ILE B 730 -8.35 7.08 -13.31
CA ILE B 730 -8.29 7.53 -14.69
C ILE B 730 -6.85 7.49 -15.20
N PHE B 731 -5.92 8.05 -14.42
CA PHE B 731 -4.52 8.02 -14.82
C PHE B 731 -4.00 6.60 -14.92
N ARG B 732 -4.35 5.75 -13.96
CA ARG B 732 -3.87 4.37 -13.93
C ARG B 732 -4.40 3.58 -15.13
N THR B 733 -5.68 3.75 -15.46
CA THR B 733 -6.25 3.08 -16.61
C THR B 733 -5.64 3.59 -17.90
N ALA B 734 -5.39 4.90 -17.99
CA ALA B 734 -4.73 5.45 -19.17
C ALA B 734 -3.36 4.83 -19.37
N VAL B 735 -2.57 4.75 -18.29
CA VAL B 735 -1.24 4.16 -18.38
C VAL B 735 -1.32 2.69 -18.76
N GLY B 736 -2.23 1.96 -18.12
CA GLY B 736 -2.36 0.53 -18.40
C GLY B 736 -2.76 0.24 -19.83
N ARG B 737 -3.66 1.07 -20.38
CA ARG B 737 -4.06 0.89 -21.77
C ARG B 737 -2.97 1.35 -22.73
N ARG B 738 -2.14 2.32 -22.32
CA ARG B 738 -1.04 2.75 -23.17
C ARG B 738 0.02 1.66 -23.28
N THR B 739 0.43 1.09 -22.15
CA THR B 739 1.47 0.06 -22.18
C THR B 739 0.89 -1.30 -22.56
N GLY B 740 0.01 -1.83 -21.74
CA GLY B 740 -0.52 -3.16 -21.95
C GLY B 740 -0.55 -3.99 -20.69
N ASP B 741 -0.07 -3.43 -19.59
CA ASP B 741 -0.13 -4.14 -18.30
C ASP B 741 -1.57 -4.40 -17.90
N LEU B 742 -2.44 -3.41 -18.11
CA LEU B 742 -3.86 -3.63 -17.90
C LEU B 742 -4.36 -4.72 -18.82
N GLY B 743 -5.15 -5.65 -18.29
CA GLY B 743 -5.59 -6.81 -19.03
C GLY B 743 -4.84 -8.09 -18.72
N LYS B 744 -3.87 -8.05 -17.81
CA LYS B 744 -3.18 -9.25 -17.39
C LYS B 744 -4.12 -10.14 -16.57
N GLU B 745 -3.78 -11.43 -16.53
CA GLU B 745 -4.63 -12.39 -15.81
C GLU B 745 -4.74 -12.04 -14.33
N ASP B 746 -3.61 -11.69 -13.70
CA ASP B 746 -3.59 -11.30 -12.30
C ASP B 746 -2.26 -10.63 -12.02
N HIS B 747 -2.29 -9.61 -11.14
CA HIS B 747 -1.07 -8.89 -10.79
C HIS B 747 -0.50 -9.53 -9.53
N GLU B 748 0.38 -10.49 -9.74
CA GLU B 748 1.16 -11.15 -8.69
C GLU B 748 2.32 -10.24 -8.29
N ASP B 749 3.34 -10.79 -7.63
CA ASP B 749 4.47 -9.97 -7.24
C ASP B 749 5.20 -9.53 -8.50
N CYS B 750 4.71 -8.44 -9.09
CA CYS B 750 5.04 -8.03 -10.45
C CYS B 750 5.80 -6.71 -10.44
N THR B 751 6.64 -6.52 -11.45
CA THR B 751 7.41 -5.29 -11.63
C THR B 751 7.08 -4.64 -12.97
N CYS B 752 5.82 -4.71 -13.39
CA CYS B 752 5.40 -4.12 -14.65
C CYS B 752 5.39 -2.59 -14.54
N ASP B 753 5.20 -1.94 -15.69
CA ASP B 753 5.21 -0.48 -15.71
C ASP B 753 4.09 0.10 -14.88
N MET B 754 2.89 -0.48 -14.97
CA MET B 754 1.78 0.01 -14.16
C MET B 754 1.96 -0.34 -12.69
N CYS B 755 2.48 -1.55 -12.41
CA CYS B 755 2.71 -1.95 -11.02
C CYS B 755 3.76 -1.09 -10.35
N ILE B 756 4.81 -0.71 -11.08
CA ILE B 756 5.87 0.10 -10.48
C ILE B 756 5.37 1.52 -10.21
N ILE B 757 4.68 2.11 -11.19
CA ILE B 757 4.27 3.51 -11.07
C ILE B 757 3.18 3.66 -10.01
N PHE B 758 2.14 2.82 -10.07
CA PHE B 758 0.96 3.00 -9.25
C PHE B 758 0.92 2.05 -8.05
N GLY B 759 1.97 1.27 -7.83
CA GLY B 759 2.00 0.35 -6.71
C GLY B 759 1.07 -0.83 -6.91
N ASN B 760 1.22 -1.86 -6.08
CA ASN B 760 0.36 -3.03 -6.14
C ASN B 760 0.22 -3.59 -4.72
N GLU B 761 -0.25 -4.82 -4.62
CA GLU B 761 -0.46 -5.46 -3.32
C GLU B 761 0.83 -5.77 -2.59
N HIS B 762 1.98 -5.66 -3.25
CA HIS B 762 3.26 -5.98 -2.63
C HIS B 762 4.20 -4.79 -2.54
N GLU B 763 3.71 -3.58 -2.78
CA GLU B 763 4.52 -2.37 -2.66
C GLU B 763 3.58 -1.19 -2.46
N SER B 764 4.11 0.02 -2.61
CA SER B 764 3.32 1.24 -2.50
C SER B 764 3.40 2.04 -3.78
N SER B 765 2.43 2.93 -3.97
CA SER B 765 2.39 3.77 -5.15
C SER B 765 3.53 4.76 -5.15
N LYS B 766 4.15 4.95 -6.32
CA LYS B 766 5.15 5.98 -6.50
C LYS B 766 4.55 7.32 -6.86
N ILE B 767 3.23 7.38 -7.07
CA ILE B 767 2.53 8.60 -7.45
C ILE B 767 1.25 8.70 -6.64
N ARG B 768 1.00 9.87 -6.06
CA ARG B 768 -0.16 10.09 -5.20
C ARG B 768 -1.00 11.23 -5.78
N PHE B 769 -2.26 10.94 -6.06
CA PHE B 769 -3.17 11.88 -6.72
C PHE B 769 -4.02 12.61 -5.69
N GLU B 770 -4.57 13.74 -6.11
CA GLU B 770 -5.40 14.57 -5.25
C GLU B 770 -6.70 14.92 -5.96
N ASP B 771 -7.64 15.47 -5.19
CA ASP B 771 -8.97 15.77 -5.69
C ASP B 771 -8.92 16.81 -6.80
N LEU B 772 -9.80 16.65 -7.78
CA LEU B 772 -9.95 17.60 -8.87
C LEU B 772 -11.02 18.63 -8.49
N GLU B 773 -10.65 19.50 -7.55
CA GLU B 773 -11.57 20.50 -7.04
C GLU B 773 -11.99 21.46 -8.15
N LEU B 774 -13.25 21.87 -8.12
CA LEU B 774 -13.79 22.80 -9.11
C LEU B 774 -13.48 24.22 -8.66
N ILE B 775 -12.63 24.91 -9.42
CA ILE B 775 -12.25 26.27 -9.07
C ILE B 775 -13.13 27.30 -9.78
N ASN B 776 -13.67 26.95 -10.94
CA ASN B 776 -14.54 27.85 -11.70
C ASN B 776 -15.99 27.45 -11.45
N GLY B 777 -16.53 27.94 -10.34
CA GLY B 777 -17.89 27.64 -9.95
C GLY B 777 -18.72 28.88 -9.69
N ASN B 778 -18.06 30.01 -9.47
CA ASN B 778 -18.75 31.27 -9.19
C ASN B 778 -19.20 31.98 -10.46
N GLU B 779 -18.77 31.53 -11.64
CA GLU B 779 -19.16 32.14 -12.90
C GLU B 779 -20.31 31.41 -13.57
N PHE B 780 -21.19 30.78 -12.81
CA PHE B 780 -22.34 30.08 -13.34
C PHE B 780 -23.60 30.59 -12.66
N GLU B 781 -24.62 30.92 -13.46
CA GLU B 781 -25.91 31.29 -12.90
C GLU B 781 -26.54 30.09 -12.18
N LYS B 782 -26.43 28.91 -12.77
CA LYS B 782 -26.89 27.68 -12.14
C LYS B 782 -25.81 26.63 -12.35
N LEU B 783 -25.07 26.32 -11.29
CA LEU B 783 -23.93 25.42 -11.42
C LEU B 783 -24.38 24.02 -11.82
N GLU B 784 -25.49 23.55 -11.26
CA GLU B 784 -26.03 22.24 -11.58
C GLU B 784 -27.19 22.40 -12.55
N LYS B 785 -27.09 21.71 -13.69
CA LYS B 785 -28.11 21.75 -14.72
C LYS B 785 -28.92 20.46 -14.67
N HIS B 786 -30.23 20.59 -14.51
CA HIS B 786 -31.11 19.44 -14.37
C HIS B 786 -31.41 18.87 -15.76
N ILE B 787 -30.92 17.67 -16.04
CA ILE B 787 -31.10 17.02 -17.33
C ILE B 787 -31.94 15.78 -17.13
N ASP B 788 -33.06 15.71 -17.84
CA ASP B 788 -33.92 14.53 -17.81
C ASP B 788 -33.48 13.53 -18.87
N HIS B 789 -33.67 12.26 -18.58
CA HIS B 789 -33.33 11.19 -19.50
C HIS B 789 -34.50 10.21 -19.58
N VAL B 790 -34.43 9.31 -20.55
CA VAL B 790 -35.49 8.34 -20.80
C VAL B 790 -34.93 7.22 -21.65
N ALA B 791 -35.62 6.08 -21.66
CA ALA B 791 -35.32 4.98 -22.57
C ALA B 791 -36.58 4.65 -23.35
N ILE B 792 -36.47 4.62 -24.68
CA ILE B 792 -37.62 4.48 -25.56
C ILE B 792 -37.70 3.05 -26.05
N ASP B 793 -38.87 2.44 -25.92
CA ASP B 793 -39.09 1.08 -26.40
C ASP B 793 -38.86 1.01 -27.90
N ARG B 794 -38.17 -0.06 -28.33
CA ARG B 794 -37.89 -0.24 -29.75
C ARG B 794 -39.13 -0.59 -30.55
N PHE B 795 -40.15 -1.16 -29.92
CA PHE B 795 -41.35 -1.59 -30.62
C PHE B 795 -42.45 -0.52 -30.60
N THR B 796 -42.90 -0.12 -29.41
CA THR B 796 -43.99 0.84 -29.32
C THR B 796 -43.54 2.26 -29.67
N GLY B 797 -42.25 2.57 -29.55
CA GLY B 797 -41.76 3.90 -29.82
C GLY B 797 -41.87 4.85 -28.65
N GLY B 798 -42.58 4.48 -27.58
CA GLY B 798 -42.67 5.29 -26.39
C GLY B 798 -41.65 4.89 -25.34
N ALA B 799 -41.70 5.59 -24.22
CA ALA B 799 -40.79 5.30 -23.12
C ALA B 799 -41.08 3.94 -22.51
N LEU B 800 -40.05 3.36 -21.88
CA LEU B 800 -40.18 2.06 -21.26
C LEU B 800 -41.09 2.14 -20.03
N ASP B 801 -41.34 0.97 -19.43
CA ASP B 801 -42.24 0.91 -18.28
C ASP B 801 -41.68 1.71 -17.11
N LYS B 802 -40.43 1.45 -16.72
CA LYS B 802 -39.76 2.20 -15.65
C LYS B 802 -38.37 2.57 -16.16
N ALA B 803 -38.30 3.69 -16.90
CA ALA B 803 -37.03 4.13 -17.45
C ALA B 803 -36.76 5.62 -17.33
N LYS B 804 -37.73 6.42 -16.91
CA LYS B 804 -37.51 7.86 -16.83
C LYS B 804 -36.66 8.18 -15.62
N PHE B 805 -35.54 8.85 -15.84
CA PHE B 805 -34.66 9.24 -14.75
C PHE B 805 -34.01 10.58 -15.10
N ASP B 806 -33.71 11.36 -14.07
CA ASP B 806 -33.12 12.67 -14.24
C ASP B 806 -31.80 12.73 -13.49
N THR B 807 -30.74 13.15 -14.19
CA THR B 807 -29.45 13.38 -13.57
C THR B 807 -29.30 14.86 -13.21
N TYR B 808 -28.32 15.16 -12.37
CA TYR B 808 -28.05 16.52 -11.91
C TYR B 808 -26.57 16.84 -12.07
N PRO B 809 -26.08 16.91 -13.31
CA PRO B 809 -24.67 17.21 -13.54
C PRO B 809 -24.37 18.69 -13.35
N LEU B 810 -23.08 19.00 -13.30
CA LEU B 810 -22.64 20.39 -13.30
C LEU B 810 -22.90 21.02 -14.67
N ALA B 811 -22.98 22.34 -14.68
CA ALA B 811 -23.20 23.08 -15.93
C ALA B 811 -21.88 23.19 -16.67
N GLY B 812 -21.77 22.51 -17.81
CA GLY B 812 -20.57 22.57 -18.60
C GLY B 812 -20.85 22.81 -20.07
N SER B 813 -20.34 23.90 -20.61
CA SER B 813 -20.60 24.28 -21.99
C SER B 813 -19.30 24.54 -22.72
N PRO B 814 -19.26 24.34 -24.04
CA PRO B 814 -18.05 24.69 -24.80
C PRO B 814 -17.67 26.16 -24.67
N LYS B 815 -18.64 27.07 -24.60
CA LYS B 815 -18.33 28.47 -24.43
C LYS B 815 -17.91 28.78 -23.00
N LYS B 816 -18.59 28.19 -22.02
CA LYS B 816 -18.33 28.42 -20.60
C LYS B 816 -18.08 27.08 -19.93
N PRO B 817 -16.84 26.61 -19.91
CA PRO B 817 -16.54 25.28 -19.39
C PRO B 817 -16.24 25.29 -17.89
N LEU B 818 -16.09 24.09 -17.34
CA LEU B 818 -15.75 23.91 -15.93
C LEU B 818 -14.25 23.69 -15.80
N LYS B 819 -13.63 24.41 -14.87
CA LYS B 819 -12.20 24.28 -14.60
C LYS B 819 -12.02 23.48 -13.32
N LEU B 820 -11.25 22.39 -13.41
CA LEU B 820 -10.97 21.53 -12.27
C LEU B 820 -9.46 21.48 -12.07
N LYS B 821 -8.98 22.10 -11.00
CA LYS B 821 -7.55 22.21 -10.71
C LYS B 821 -7.17 21.09 -9.75
N GLY B 822 -6.68 19.98 -10.29
CA GLY B 822 -6.16 18.90 -9.50
C GLY B 822 -4.63 18.84 -9.57
N ARG B 823 -4.07 17.91 -8.80
CA ARG B 823 -2.63 17.75 -8.75
C ARG B 823 -2.30 16.33 -8.32
N PHE B 824 -1.06 15.93 -8.62
CA PHE B 824 -0.54 14.66 -8.15
C PHE B 824 0.96 14.81 -7.90
N TRP B 825 1.47 13.98 -7.01
CA TRP B 825 2.85 14.08 -6.56
C TRP B 825 3.69 12.93 -7.11
N ILE B 826 4.94 13.22 -7.44
CA ILE B 826 5.81 12.30 -8.14
C ILE B 826 7.02 12.03 -7.26
N LYS B 827 7.33 10.75 -7.04
CA LYS B 827 8.52 10.38 -6.27
C LYS B 827 9.78 10.53 -7.11
N LYS B 828 10.90 10.68 -6.43
CA LYS B 828 12.19 10.89 -7.10
C LYS B 828 12.86 9.57 -7.49
N GLY B 829 12.10 8.71 -8.17
CA GLY B 829 12.63 7.44 -8.63
C GLY B 829 12.14 7.09 -10.03
N PHE B 830 11.34 7.98 -10.62
CA PHE B 830 10.80 7.76 -11.95
C PHE B 830 11.90 7.81 -12.99
N SER B 831 11.93 6.80 -13.87
CA SER B 831 12.84 6.82 -15.00
C SER B 831 12.28 7.69 -16.11
N GLY B 832 13.06 7.86 -17.17
CA GLY B 832 12.58 8.60 -18.33
C GLY B 832 11.38 7.94 -18.96
N ASP B 833 11.38 6.60 -19.03
CA ASP B 833 10.24 5.88 -19.60
C ASP B 833 8.99 6.07 -18.76
N HIS B 834 9.10 6.00 -17.44
CA HIS B 834 7.93 6.15 -16.59
C HIS B 834 7.37 7.57 -16.62
N LYS B 835 8.25 8.57 -16.61
CA LYS B 835 7.78 9.94 -16.73
C LYS B 835 7.15 10.19 -18.09
N LEU B 836 7.72 9.61 -19.15
CA LEU B 836 7.09 9.69 -20.46
C LEU B 836 5.72 9.03 -20.47
N LEU B 837 5.59 7.92 -19.76
CA LEU B 837 4.31 7.23 -19.66
C LEU B 837 3.27 8.10 -18.97
N ILE B 838 3.67 8.74 -17.86
CA ILE B 838 2.73 9.57 -17.13
C ILE B 838 2.35 10.81 -17.94
N THR B 839 3.30 11.37 -18.70
CA THR B 839 2.98 12.51 -19.56
C THR B 839 2.08 12.10 -20.71
N THR B 840 2.27 10.90 -21.26
CA THR B 840 1.38 10.39 -22.29
C THR B 840 -0.03 10.19 -21.74
N ALA B 841 -0.14 9.69 -20.51
CA ALA B 841 -1.46 9.57 -19.89
C ALA B 841 -2.10 10.94 -19.69
N LEU B 842 -1.32 11.93 -19.25
CA LEU B 842 -1.87 13.27 -19.09
C LEU B 842 -2.31 13.85 -20.43
N SER B 843 -1.54 13.62 -21.48
CA SER B 843 -1.92 14.10 -22.81
C SER B 843 -3.19 13.41 -23.30
N ASP B 844 -3.32 12.11 -23.03
CA ASP B 844 -4.55 11.39 -23.38
C ASP B 844 -5.74 11.96 -22.63
N ILE B 845 -5.55 12.34 -21.37
CA ILE B 845 -6.60 13.02 -20.62
C ILE B 845 -6.96 14.33 -21.30
N ARG B 846 -5.95 15.10 -21.70
CA ARG B 846 -6.19 16.35 -22.39
C ARG B 846 -6.85 16.12 -23.73
N ASP B 847 -6.46 15.07 -24.45
CA ASP B 847 -7.01 14.79 -25.77
C ASP B 847 -8.47 14.34 -25.71
N GLY B 848 -9.00 14.03 -24.54
CA GLY B 848 -10.38 13.64 -24.40
C GLY B 848 -10.64 12.15 -24.48
N LEU B 849 -9.61 11.31 -24.35
CA LEU B 849 -9.81 9.87 -24.45
C LEU B 849 -10.56 9.32 -23.24
N TYR B 850 -10.37 9.92 -22.07
CA TYR B 850 -10.93 9.43 -20.81
C TYR B 850 -11.78 10.52 -20.17
N PRO B 851 -13.07 10.59 -20.49
CA PRO B 851 -13.93 11.60 -19.87
C PRO B 851 -14.08 11.35 -18.37
N LEU B 852 -14.24 12.44 -17.62
CA LEU B 852 -14.40 12.36 -16.19
C LEU B 852 -15.85 12.10 -15.81
N GLY B 853 -16.06 11.25 -14.81
CA GLY B 853 -17.39 11.01 -14.30
C GLY B 853 -18.16 9.96 -15.06
N SER B 854 -19.44 9.87 -14.73
CA SER B 854 -20.33 8.87 -15.29
C SER B 854 -20.94 9.35 -16.60
N LYS B 855 -21.59 8.41 -17.31
CA LYS B 855 -22.23 8.68 -18.59
C LYS B 855 -21.25 9.29 -19.59
N GLY B 856 -20.00 8.83 -19.55
CA GLY B 856 -19.00 9.34 -20.47
C GLY B 856 -19.32 9.02 -21.91
N GLY B 857 -19.98 7.90 -22.17
CA GLY B 857 -20.40 7.55 -23.50
C GLY B 857 -21.60 8.31 -24.00
N VAL B 858 -22.10 9.26 -23.20
CA VAL B 858 -23.21 10.09 -23.60
C VAL B 858 -22.79 11.52 -23.95
N GLY B 859 -21.72 12.04 -23.36
CA GLY B 859 -21.33 13.41 -23.55
C GLY B 859 -21.16 14.12 -22.23
N TYR B 860 -20.99 13.33 -21.17
CA TYR B 860 -20.89 13.84 -19.81
C TYR B 860 -19.43 13.90 -19.39
N GLY B 861 -19.00 15.07 -18.92
CA GLY B 861 -17.64 15.23 -18.42
C GLY B 861 -16.55 15.02 -19.46
N TRP B 862 -16.75 15.55 -20.67
CA TRP B 862 -15.73 15.45 -21.71
C TRP B 862 -14.68 16.54 -21.50
N VAL B 863 -13.41 16.14 -21.49
CA VAL B 863 -12.32 17.07 -21.26
C VAL B 863 -12.02 17.81 -22.56
N ALA B 864 -12.12 19.14 -22.52
CA ALA B 864 -11.83 19.96 -23.68
C ALA B 864 -10.38 20.44 -23.75
N GLY B 865 -9.59 20.21 -22.70
CA GLY B 865 -8.22 20.62 -22.70
C GLY B 865 -7.65 20.61 -21.30
N ILE B 866 -6.34 20.85 -21.23
CA ILE B 866 -5.61 20.89 -19.96
C ILE B 866 -4.64 22.05 -20.00
N SER B 867 -4.60 22.82 -18.91
CA SER B 867 -3.73 23.98 -18.78
C SER B 867 -2.80 23.76 -17.59
N ILE B 868 -1.59 23.27 -17.87
CA ILE B 868 -0.63 22.99 -16.81
C ILE B 868 -0.18 24.30 -16.17
N ASP B 869 0.06 24.24 -14.86
CA ASP B 869 0.54 25.41 -14.14
C ASP B 869 1.97 25.74 -14.54
N ASP B 870 2.36 26.99 -14.29
CA ASP B 870 3.72 27.43 -14.59
C ASP B 870 4.73 27.01 -13.54
N ASN B 871 4.28 26.53 -12.39
CA ASN B 871 5.18 26.10 -11.32
C ASN B 871 5.65 24.66 -11.49
N VAL B 872 5.14 23.94 -12.49
CA VAL B 872 5.56 22.57 -12.77
C VAL B 872 7.02 22.59 -13.18
N PRO B 873 7.82 21.56 -12.87
CA PRO B 873 9.19 21.52 -13.34
C PRO B 873 9.27 21.58 -14.86
N ASP B 874 10.34 22.24 -15.35
CA ASP B 874 10.46 22.50 -16.77
C ASP B 874 10.56 21.21 -17.59
N ASP B 875 11.29 20.23 -17.07
CA ASP B 875 11.44 18.97 -17.80
C ASP B 875 10.09 18.28 -18.00
N PHE B 876 9.25 18.28 -16.96
CA PHE B 876 7.93 17.68 -17.09
C PHE B 876 7.07 18.44 -18.09
N LYS B 877 7.12 19.77 -18.06
CA LYS B 877 6.31 20.58 -18.97
C LYS B 877 6.76 20.44 -20.41
N GLU B 878 8.05 20.18 -20.64
CA GLU B 878 8.58 20.12 -22.00
C GLU B 878 7.95 18.97 -22.78
N MET B 879 7.81 17.79 -22.15
CA MET B 879 7.25 16.65 -22.85
C MET B 879 5.77 16.80 -23.12
N ILE B 880 5.04 17.52 -22.26
CA ILE B 880 3.61 17.66 -22.42
C ILE B 880 3.28 18.46 -23.68
N ASN B 881 4.00 19.56 -23.91
CA ASN B 881 3.77 20.40 -25.07
C ASN B 881 4.32 19.75 -26.33
N LYS B 882 3.50 18.95 -27.01
CA LYS B 882 3.91 18.28 -28.23
C LYS B 882 2.82 18.37 -29.30
N ILE B 899 -17.20 15.98 -46.58
CA ILE B 899 -17.44 14.58 -46.89
C ILE B 899 -18.89 14.40 -47.32
N ASN B 900 -19.08 13.73 -48.45
CA ASN B 900 -20.41 13.48 -48.99
C ASN B 900 -20.55 12.00 -49.35
N ASN B 901 -21.77 11.48 -49.17
CA ASN B 901 -22.09 10.11 -49.53
C ASN B 901 -22.95 10.13 -50.79
N ASP B 902 -22.53 9.36 -51.80
CA ASP B 902 -23.18 9.40 -53.10
C ASP B 902 -24.44 8.55 -53.18
N TYR B 903 -24.76 7.79 -52.14
CA TYR B 903 -25.92 6.91 -52.19
C TYR B 903 -27.22 7.72 -52.23
N VAL B 904 -28.15 7.28 -53.08
CA VAL B 904 -29.45 7.90 -53.22
C VAL B 904 -30.51 6.81 -53.25
N HIS B 905 -31.52 6.91 -52.38
CA HIS B 905 -32.60 5.93 -52.35
C HIS B 905 -33.72 6.37 -53.28
N PRO B 906 -34.17 5.50 -54.19
CA PRO B 906 -35.20 5.90 -55.16
C PRO B 906 -36.52 6.28 -54.54
N GLY B 907 -37.11 5.40 -53.74
CA GLY B 907 -38.43 5.61 -53.19
C GLY B 907 -39.53 5.19 -54.14
N HIS B 908 -40.77 5.22 -53.63
CA HIS B 908 -41.92 4.81 -54.42
C HIS B 908 -43.18 5.48 -53.85
N GLN B 909 -44.29 5.22 -54.53
CA GLN B 909 -45.63 5.61 -54.06
C GLN B 909 -45.78 7.11 -53.91
N SER B 910 -45.06 7.70 -52.96
CA SER B 910 -45.20 9.11 -52.58
C SER B 910 -45.10 10.06 -53.78
N PRO B 911 -44.10 9.92 -54.68
CA PRO B 911 -44.06 10.82 -55.84
C PRO B 911 -44.85 10.28 -57.03
N LYS B 912 -45.25 9.02 -56.96
CA LYS B 912 -45.98 8.39 -58.06
C LYS B 912 -47.44 8.81 -58.13
N GLN B 913 -47.95 9.51 -57.10
CA GLN B 913 -49.33 9.94 -57.07
C GLN B 913 -49.49 11.45 -57.12
N ASP B 914 -48.75 12.18 -56.29
CA ASP B 914 -48.83 13.63 -56.28
C ASP B 914 -48.07 14.24 -57.45
N ASN B 919 -53.79 11.79 -50.75
CA ASN B 919 -53.03 10.62 -50.31
C ASN B 919 -52.38 10.87 -48.96
N ILE B 920 -52.73 10.05 -47.97
CA ILE B 920 -52.24 10.21 -46.61
C ILE B 920 -51.73 8.88 -46.10
N TYR B 921 -50.63 8.94 -45.36
CA TYR B 921 -49.98 7.76 -44.79
C TYR B 921 -49.98 7.85 -43.27
N TYR B 922 -49.61 6.75 -42.63
CA TYR B 922 -49.53 6.73 -41.17
C TYR B 922 -48.24 7.39 -40.70
N PRO B 923 -48.28 8.12 -39.58
CA PRO B 923 -47.05 8.78 -39.10
C PRO B 923 -45.94 7.83 -38.70
N HIS B 924 -46.25 6.56 -38.42
CA HIS B 924 -45.24 5.59 -38.04
C HIS B 924 -45.45 4.29 -38.79
N TYR B 925 -44.37 3.54 -38.97
CA TYR B 925 -44.41 2.23 -39.61
C TYR B 925 -43.44 1.31 -38.87
N PHE B 926 -43.62 0.01 -39.10
CA PHE B 926 -42.86 -1.01 -38.41
C PHE B 926 -41.95 -1.73 -39.37
N LEU B 927 -40.76 -2.10 -38.89
CA LEU B 927 -39.70 -2.69 -39.71
C LEU B 927 -39.48 -4.13 -39.24
N ASP B 928 -40.19 -5.07 -39.85
CA ASP B 928 -40.04 -6.49 -39.53
C ASP B 928 -38.74 -6.97 -40.16
N SER B 929 -37.63 -6.76 -39.46
CA SER B 929 -36.32 -7.12 -40.00
C SER B 929 -36.05 -8.62 -39.94
N GLY B 930 -36.78 -9.36 -39.11
CA GLY B 930 -36.58 -10.78 -38.98
C GLY B 930 -35.83 -11.16 -37.71
N SER B 931 -35.85 -12.46 -37.42
CA SER B 931 -35.24 -12.99 -36.21
C SER B 931 -33.80 -13.46 -36.42
N LYS B 932 -33.24 -13.29 -37.61
CA LYS B 932 -31.86 -13.69 -37.86
C LYS B 932 -30.91 -12.72 -37.17
N VAL B 933 -30.47 -13.08 -35.97
CA VAL B 933 -29.66 -12.22 -35.12
C VAL B 933 -28.28 -12.84 -34.95
N TYR B 934 -27.24 -12.04 -35.18
CA TYR B 934 -25.86 -12.47 -35.02
C TYR B 934 -25.35 -12.02 -33.65
N ARG B 935 -24.74 -12.95 -32.93
CA ARG B 935 -24.15 -12.67 -31.62
C ARG B 935 -22.66 -13.00 -31.67
N GLU B 936 -21.83 -12.10 -31.16
CA GLU B 936 -20.38 -12.25 -31.18
C GLU B 936 -19.92 -12.69 -29.79
N LYS B 937 -19.50 -13.96 -29.69
CA LYS B 937 -19.02 -14.48 -28.42
C LYS B 937 -17.71 -13.81 -28.01
N ASP B 938 -16.80 -13.60 -28.97
CA ASP B 938 -15.50 -13.00 -28.69
C ASP B 938 -15.66 -11.48 -28.67
N ILE B 939 -16.08 -10.97 -27.52
CA ILE B 939 -16.29 -9.54 -27.37
C ILE B 939 -14.95 -8.82 -27.35
N ILE B 940 -14.97 -7.55 -27.74
CA ILE B 940 -13.76 -6.74 -27.78
C ILE B 940 -13.57 -6.10 -26.41
N THR B 941 -12.43 -6.40 -25.79
CA THR B 941 -12.14 -5.88 -24.46
C THR B 941 -11.78 -4.40 -24.52
N HIS B 942 -11.98 -3.72 -23.40
CA HIS B 942 -11.62 -2.32 -23.25
C HIS B 942 -10.21 -2.14 -22.69
N GLU B 943 -9.34 -3.13 -22.88
CA GLU B 943 -7.95 -3.04 -22.48
C GLU B 943 -7.16 -2.25 -23.50
N GLU B 944 -5.82 -2.37 -23.46
CA GLU B 944 -4.93 -1.63 -24.34
C GLU B 944 -5.43 -1.63 -25.78
N PHE B 945 -5.28 -0.48 -26.44
CA PHE B 945 -5.76 -0.30 -27.80
C PHE B 945 -5.09 -1.27 -28.76
N THR B 946 -5.86 -2.23 -29.27
CA THR B 946 -5.32 -3.17 -30.24
C THR B 946 -4.95 -2.46 -31.53
N GLU B 947 -3.79 -2.84 -32.10
CA GLU B 947 -3.28 -2.15 -33.27
C GLU B 947 -4.13 -2.41 -34.51
N GLU B 948 -4.74 -3.60 -34.60
CA GLU B 948 -5.55 -3.92 -35.78
C GLU B 948 -6.75 -3.01 -35.91
N LEU B 949 -7.42 -2.72 -34.79
CA LEU B 949 -8.61 -1.89 -34.81
C LEU B 949 -8.24 -0.41 -34.73
N LEU B 950 -9.24 0.44 -34.90
CA LEU B 950 -9.06 1.88 -34.96
C LEU B 950 -9.72 2.56 -33.76
N SER B 951 -9.25 3.76 -33.46
CA SER B 951 -9.81 4.57 -32.39
C SER B 951 -9.50 6.03 -32.69
N GLY B 952 -10.39 6.92 -32.23
CA GLY B 952 -10.20 8.34 -32.46
C GLY B 952 -11.43 9.17 -32.19
N LYS B 953 -11.73 10.10 -33.09
CA LYS B 953 -12.89 10.96 -32.96
C LYS B 953 -13.44 11.28 -34.35
N ILE B 954 -14.71 11.67 -34.38
CA ILE B 954 -15.38 12.09 -35.60
C ILE B 954 -16.09 13.41 -35.34
N ASN B 955 -15.84 14.39 -36.20
CA ASN B 955 -16.52 15.68 -36.13
C ASN B 955 -17.62 15.70 -37.18
N CYS B 956 -18.87 15.82 -36.73
CA CYS B 956 -20.02 15.74 -37.61
C CYS B 956 -20.85 17.01 -37.50
N LYS B 957 -21.28 17.52 -38.65
CA LYS B 957 -22.27 18.60 -38.69
C LYS B 957 -23.67 18.00 -38.72
N LEU B 958 -24.60 18.70 -38.08
CA LEU B 958 -25.95 18.20 -37.86
C LEU B 958 -26.94 19.24 -38.38
N GLU B 959 -27.48 19.02 -39.58
CA GLU B 959 -28.39 19.96 -40.22
C GLU B 959 -29.83 19.47 -40.06
N THR B 960 -30.73 20.42 -39.84
CA THR B 960 -32.14 20.13 -39.64
C THR B 960 -32.93 20.47 -40.89
N LEU B 961 -33.83 19.57 -41.30
CA LEU B 961 -34.70 19.80 -42.44
C LEU B 961 -36.09 20.26 -42.05
N THR B 962 -36.56 19.90 -40.87
CA THR B 962 -37.80 20.39 -40.28
C THR B 962 -37.49 20.90 -38.88
N PRO B 963 -38.34 21.74 -38.31
CA PRO B 963 -38.05 22.31 -36.99
C PRO B 963 -37.77 21.24 -35.95
N LEU B 964 -36.75 21.49 -35.13
CA LEU B 964 -36.27 20.52 -34.15
C LEU B 964 -36.76 20.94 -32.77
N ILE B 965 -37.28 19.98 -32.01
CA ILE B 965 -37.80 20.22 -30.67
C ILE B 965 -36.97 19.40 -29.70
N ILE B 966 -36.16 20.07 -28.90
CA ILE B 966 -35.39 19.42 -27.84
C ILE B 966 -35.67 20.18 -26.55
N PRO B 967 -36.80 19.91 -25.89
CA PRO B 967 -37.16 20.71 -24.72
C PRO B 967 -36.19 20.55 -23.57
N ASP B 968 -35.94 21.65 -22.87
CA ASP B 968 -35.17 21.64 -21.63
C ASP B 968 -36.18 21.50 -20.50
N THR B 969 -36.46 20.27 -20.11
CA THR B 969 -37.48 19.98 -19.10
C THR B 969 -37.03 20.33 -17.69
N SER B 970 -35.86 20.96 -17.52
CA SER B 970 -35.45 21.43 -16.20
C SER B 970 -36.41 22.47 -15.66
N ASP B 971 -36.87 23.38 -16.52
CA ASP B 971 -37.80 24.42 -16.13
C ASP B 971 -39.17 24.08 -16.70
N GLU B 972 -40.12 23.81 -15.80
CA GLU B 972 -41.48 23.51 -16.23
C GLU B 972 -42.23 24.75 -16.67
N ASN B 973 -41.70 25.94 -16.39
CA ASN B 973 -42.30 27.21 -16.77
C ASN B 973 -41.32 28.02 -17.62
N GLY B 974 -40.66 27.36 -18.58
CA GLY B 974 -39.59 28.02 -19.32
C GLY B 974 -40.06 29.23 -20.10
N LEU B 975 -41.24 29.14 -20.72
CA LEU B 975 -41.76 30.20 -21.56
C LEU B 975 -42.60 31.22 -20.79
N LYS B 976 -42.71 31.07 -19.46
CA LYS B 976 -43.45 32.00 -18.61
C LYS B 976 -44.89 32.17 -19.09
N LEU B 977 -45.52 31.05 -19.44
CA LEU B 977 -46.91 31.04 -19.89
C LEU B 977 -47.85 30.31 -18.94
N GLN B 978 -47.34 29.79 -17.83
CA GLN B 978 -48.19 29.07 -16.89
C GLN B 978 -49.13 30.00 -16.15
N GLY B 979 -48.73 31.25 -15.95
CA GLY B 979 -49.57 32.19 -15.22
C GLY B 979 -50.90 32.46 -15.90
N ASN B 980 -50.88 32.63 -17.22
CA ASN B 980 -52.11 32.87 -17.96
C ASN B 980 -52.96 31.61 -18.04
N LYS B 981 -52.34 30.46 -18.34
CA LYS B 981 -53.03 29.19 -18.47
C LYS B 981 -52.35 28.18 -17.54
N PRO B 982 -52.84 28.06 -16.30
CA PRO B 982 -52.25 27.09 -15.38
C PRO B 982 -52.44 25.66 -15.87
N GLY B 983 -51.47 24.81 -15.57
CA GLY B 983 -51.49 23.43 -15.99
C GLY B 983 -50.89 23.18 -17.36
N HIS B 984 -50.49 24.21 -18.08
CA HIS B 984 -49.92 24.06 -19.41
C HIS B 984 -48.43 23.77 -19.31
N LYS B 985 -47.98 22.72 -19.99
CA LYS B 985 -46.57 22.32 -19.97
C LYS B 985 -45.86 23.10 -21.07
N ASN B 986 -45.31 24.25 -20.69
CA ASN B 986 -44.51 25.06 -21.61
C ASN B 986 -43.04 24.75 -21.39
N TYR B 987 -42.32 24.53 -22.48
CA TYR B 987 -40.93 24.11 -22.42
C TYR B 987 -40.03 25.11 -23.12
N LYS B 988 -38.73 24.97 -22.88
CA LYS B 988 -37.70 25.77 -23.52
C LYS B 988 -36.72 24.82 -24.20
N PHE B 989 -36.12 25.28 -25.29
CA PHE B 989 -35.16 24.45 -26.01
C PHE B 989 -33.95 24.17 -25.13
N PHE B 990 -33.38 22.98 -25.27
CA PHE B 990 -32.28 22.55 -24.43
C PHE B 990 -31.10 23.52 -24.55
N ASN B 991 -30.58 23.95 -23.41
CA ASN B 991 -29.51 24.93 -23.40
C ASN B 991 -28.78 24.85 -22.07
N ILE B 992 -27.45 24.91 -22.13
CA ILE B 992 -26.59 24.95 -20.95
C ILE B 992 -25.87 26.28 -20.95
N ASN B 993 -26.04 27.05 -19.87
CA ASN B 993 -25.48 28.40 -19.75
C ASN B 993 -25.90 29.31 -20.89
N GLY B 994 -27.14 29.14 -21.37
CA GLY B 994 -27.72 30.06 -22.32
C GLY B 994 -27.39 29.83 -23.77
N GLU B 995 -26.69 28.75 -24.11
CA GLU B 995 -26.39 28.43 -25.50
C GLU B 995 -27.12 27.16 -25.91
N LEU B 996 -27.64 27.16 -27.13
CA LEU B 996 -28.51 26.08 -27.60
C LEU B 996 -27.66 24.85 -27.92
N MET B 997 -27.93 23.74 -27.23
CA MET B 997 -27.18 22.50 -27.44
C MET B 997 -28.15 21.34 -27.52
N ILE B 998 -27.69 20.27 -28.13
CA ILE B 998 -28.42 19.00 -28.22
C ILE B 998 -27.72 18.01 -27.29
N PRO B 999 -28.41 17.46 -26.30
CA PRO B 999 -27.76 16.47 -25.42
C PRO B 999 -27.31 15.25 -26.22
N GLY B 1000 -26.14 14.73 -25.86
CA GLY B 1000 -25.61 13.56 -26.55
C GLY B 1000 -26.43 12.31 -26.34
N SER B 1001 -27.29 12.29 -25.32
CA SER B 1001 -28.17 11.14 -25.11
C SER B 1001 -29.07 10.92 -26.31
N GLU B 1002 -29.64 12.01 -26.85
CA GLU B 1002 -30.57 11.89 -27.97
C GLU B 1002 -29.85 11.42 -29.23
N LEU B 1003 -28.67 11.97 -29.50
CA LEU B 1003 -27.91 11.54 -30.67
C LEU B 1003 -27.49 10.08 -30.54
N ARG B 1004 -27.04 9.67 -29.35
CA ARG B 1004 -26.68 8.27 -29.16
C ARG B 1004 -27.89 7.35 -29.28
N GLY B 1005 -29.05 7.79 -28.78
CA GLY B 1005 -30.25 6.99 -28.92
C GLY B 1005 -30.66 6.80 -30.37
N MET B 1006 -30.66 7.89 -31.15
CA MET B 1006 -31.01 7.78 -32.55
C MET B 1006 -30.02 6.91 -33.31
N LEU B 1007 -28.72 7.07 -33.02
CA LEU B 1007 -27.70 6.29 -33.72
C LEU B 1007 -27.78 4.82 -33.34
N ARG B 1008 -28.02 4.53 -32.06
CA ARG B 1008 -28.12 3.15 -31.63
C ARG B 1008 -29.34 2.47 -32.24
N THR B 1009 -30.48 3.17 -32.28
CA THR B 1009 -31.67 2.60 -32.91
C THR B 1009 -31.42 2.36 -34.40
N HIS B 1010 -30.82 3.33 -35.08
CA HIS B 1010 -30.53 3.17 -36.51
C HIS B 1010 -29.60 2.00 -36.76
N PHE B 1011 -28.54 1.88 -35.95
CA PHE B 1011 -27.56 0.81 -36.15
C PHE B 1011 -28.16 -0.54 -35.83
N GLU B 1012 -28.97 -0.62 -34.78
CA GLU B 1012 -29.63 -1.89 -34.45
C GLU B 1012 -30.58 -2.32 -35.55
N ALA B 1013 -31.33 -1.38 -36.12
CA ALA B 1013 -32.18 -1.72 -37.26
C ALA B 1013 -31.34 -2.13 -38.46
N LEU B 1014 -30.20 -1.48 -38.65
CA LEU B 1014 -29.36 -1.76 -39.82
C LEU B 1014 -28.74 -3.14 -39.76
N THR B 1015 -28.28 -3.55 -38.59
CA THR B 1015 -27.51 -4.79 -38.43
C THR B 1015 -28.36 -5.96 -37.92
N LYS B 1016 -29.68 -5.82 -37.90
CA LYS B 1016 -30.58 -6.83 -37.33
C LYS B 1016 -30.21 -7.15 -35.88
N SER B 1017 -29.82 -6.13 -35.13
CA SER B 1017 -29.52 -6.33 -33.73
C SER B 1017 -30.82 -6.57 -32.95
N CYS B 1018 -30.67 -7.12 -31.74
CA CYS B 1018 -31.85 -7.45 -30.96
C CYS B 1018 -32.50 -6.17 -30.44
N PHE B 1019 -33.75 -6.33 -29.99
CA PHE B 1019 -34.45 -5.20 -29.38
C PHE B 1019 -33.85 -4.92 -28.01
N ALA B 1020 -32.89 -3.99 -27.96
CA ALA B 1020 -32.14 -3.76 -26.73
C ALA B 1020 -33.05 -3.30 -25.59
N ILE B 1021 -34.00 -2.42 -25.89
CA ILE B 1021 -34.94 -1.92 -24.90
C ILE B 1021 -36.34 -2.35 -25.34
N PHE B 1022 -37.03 -3.06 -24.45
CA PHE B 1022 -38.35 -3.61 -24.77
C PHE B 1022 -39.19 -3.62 -23.51
N GLY B 1023 -40.49 -3.36 -23.67
CA GLY B 1023 -41.41 -3.40 -22.56
C GLY B 1023 -41.86 -4.81 -22.25
N GLU B 1024 -40.98 -5.60 -21.65
CA GLU B 1024 -41.29 -7.00 -21.34
C GLU B 1024 -42.34 -7.09 -20.24
N ASP B 1025 -43.07 -8.20 -20.24
CA ASP B 1025 -44.10 -8.49 -19.24
C ASP B 1025 -45.16 -7.38 -19.21
N SER B 1026 -45.69 -7.06 -20.38
CA SER B 1026 -46.73 -6.06 -20.53
C SER B 1026 -47.92 -6.65 -21.25
N THR B 1027 -49.13 -6.30 -20.80
CA THR B 1027 -50.35 -6.80 -21.40
C THR B 1027 -50.74 -5.97 -22.62
N LYS B 1393 -49.28 -14.03 -24.47
CA LYS B 1393 -49.69 -13.37 -23.23
C LYS B 1393 -49.05 -11.99 -23.13
N THR B 1394 -47.84 -11.95 -22.56
CA THR B 1394 -47.13 -10.69 -22.40
C THR B 1394 -46.61 -10.18 -23.74
N LEU B 1395 -46.40 -8.87 -23.81
CA LEU B 1395 -45.86 -8.28 -25.03
C LEU B 1395 -44.45 -8.78 -25.31
N GLY B 1396 -43.62 -8.89 -24.28
CA GLY B 1396 -42.28 -9.40 -24.44
C GLY B 1396 -42.18 -10.90 -24.63
N GLY B 1397 -43.27 -11.62 -24.41
CA GLY B 1397 -43.31 -13.05 -24.60
C GLY B 1397 -43.55 -13.53 -26.01
N LYS B 1398 -43.72 -12.60 -26.95
CA LYS B 1398 -43.99 -12.93 -28.35
C LYS B 1398 -43.02 -12.20 -29.27
N LEU B 1399 -41.75 -12.13 -28.88
CA LEU B 1399 -40.69 -11.55 -29.69
C LEU B 1399 -39.78 -12.62 -30.27
N ASP B 1400 -40.37 -13.76 -30.63
CA ASP B 1400 -39.63 -14.95 -31.10
C ASP B 1400 -38.65 -15.31 -29.99
N LYS B 1401 -37.39 -15.57 -30.30
CA LYS B 1401 -36.41 -15.87 -29.25
C LYS B 1401 -35.14 -15.04 -29.35
N ALA B 1402 -34.67 -14.76 -30.56
CA ALA B 1402 -33.36 -14.11 -30.72
C ALA B 1402 -33.42 -12.61 -30.42
N LEU B 1403 -34.50 -11.94 -30.79
CA LEU B 1403 -34.57 -10.48 -30.69
C LEU B 1403 -34.72 -9.97 -29.26
N HIS B 1404 -34.65 -10.81 -28.23
CA HIS B 1404 -34.81 -10.35 -26.87
C HIS B 1404 -33.59 -9.51 -26.44
N PRO B 1405 -33.76 -8.62 -25.48
CA PRO B 1405 -32.63 -7.82 -25.01
C PRO B 1405 -31.50 -8.70 -24.48
N CYS B 1406 -30.27 -8.25 -24.72
CA CYS B 1406 -29.10 -9.06 -24.38
C CYS B 1406 -28.91 -9.13 -22.87
N THR B 1407 -28.83 -10.36 -22.36
CA THR B 1407 -28.43 -10.61 -20.99
C THR B 1407 -26.90 -10.56 -20.91
N GLY B 1408 -26.34 -11.05 -19.80
CA GLY B 1408 -24.90 -11.07 -19.61
C GLY B 1408 -24.13 -11.71 -20.76
N LEU B 1409 -22.83 -11.49 -20.79
CA LEU B 1409 -22.00 -11.80 -21.95
C LEU B 1409 -21.87 -13.30 -22.22
N SER B 1410 -22.63 -14.12 -21.49
CA SER B 1410 -22.54 -15.57 -21.68
C SER B 1410 -22.99 -15.97 -23.09
N ASP B 1411 -24.09 -15.38 -23.56
CA ASP B 1411 -24.66 -15.76 -24.85
C ASP B 1411 -24.20 -14.89 -26.00
N GLY B 1412 -23.27 -13.97 -25.77
CA GLY B 1412 -22.79 -13.08 -26.81
C GLY B 1412 -23.58 -11.79 -26.90
N LEU B 1413 -23.06 -10.87 -27.69
CA LEU B 1413 -23.64 -9.54 -27.84
C LEU B 1413 -23.92 -9.25 -29.31
N CYS B 1414 -25.07 -8.61 -29.57
CA CYS B 1414 -25.43 -8.22 -30.92
C CYS B 1414 -24.49 -7.12 -31.40
N PRO B 1415 -24.33 -6.95 -32.72
CA PRO B 1415 -23.43 -5.90 -33.22
C PRO B 1415 -23.77 -4.52 -32.69
N GLY B 1416 -25.05 -4.17 -32.60
CA GLY B 1416 -25.42 -2.93 -31.94
C GLY B 1416 -25.12 -2.97 -30.46
N CYS B 1417 -25.40 -4.11 -29.82
CA CYS B 1417 -25.10 -4.27 -28.41
C CYS B 1417 -23.61 -4.40 -28.15
N HIS B 1418 -22.88 -5.04 -29.08
CA HIS B 1418 -21.42 -5.09 -28.97
C HIS B 1418 -20.81 -3.71 -29.10
N LEU B 1419 -21.34 -2.89 -30.02
CA LEU B 1419 -20.68 -1.63 -30.34
C LEU B 1419 -21.08 -0.54 -29.35
N PHE B 1420 -22.38 -0.29 -29.21
CA PHE B 1420 -22.86 0.75 -28.31
C PHE B 1420 -22.85 0.31 -26.85
N GLY B 1421 -22.74 -0.97 -26.57
CA GLY B 1421 -22.59 -1.45 -25.21
C GLY B 1421 -23.92 -1.78 -24.55
N THR B 1422 -23.83 -2.62 -23.51
CA THR B 1422 -24.99 -3.02 -22.71
C THR B 1422 -24.64 -2.94 -21.23
N THR B 1423 -25.50 -3.53 -20.39
CA THR B 1423 -25.14 -3.69 -18.99
C THR B 1423 -23.87 -4.53 -18.88
N ASP B 1424 -23.05 -4.20 -17.88
CA ASP B 1424 -21.76 -4.87 -17.61
C ASP B 1424 -20.89 -4.99 -18.86
N TYR B 1425 -21.05 -4.06 -19.80
CA TYR B 1425 -20.12 -3.95 -20.93
C TYR B 1425 -20.21 -2.52 -21.46
N LYS B 1426 -19.22 -1.70 -21.12
CA LYS B 1426 -19.19 -0.32 -21.59
C LYS B 1426 -19.07 -0.26 -23.10
N GLY B 1427 -19.84 0.65 -23.71
CA GLY B 1427 -19.80 0.79 -25.16
C GLY B 1427 -18.50 1.41 -25.65
N ARG B 1428 -18.20 1.13 -26.92
CA ARG B 1428 -16.97 1.60 -27.54
C ARG B 1428 -17.16 2.90 -28.32
N VAL B 1429 -18.34 3.51 -28.27
CA VAL B 1429 -18.61 4.78 -28.92
C VAL B 1429 -19.16 5.75 -27.90
N LYS B 1430 -18.58 6.94 -27.84
CA LYS B 1430 -19.06 8.02 -26.98
C LYS B 1430 -19.50 9.17 -27.87
N PHE B 1431 -20.75 9.58 -27.72
CA PHE B 1431 -21.29 10.74 -28.40
C PHE B 1431 -21.17 11.97 -27.52
N GLY B 1432 -21.22 13.15 -28.14
CA GLY B 1432 -21.05 14.38 -27.40
C GLY B 1432 -22.19 15.35 -27.57
N PHE B 1433 -22.28 16.32 -26.67
CA PHE B 1433 -23.32 17.33 -26.76
C PHE B 1433 -23.06 18.21 -27.99
N ALA B 1434 -24.10 18.41 -28.80
CA ALA B 1434 -23.98 19.12 -30.06
C ALA B 1434 -24.14 20.62 -29.81
N LYS B 1435 -23.06 21.37 -29.95
CA LYS B 1435 -23.13 22.81 -29.84
C LYS B 1435 -23.84 23.40 -31.05
N TYR B 1436 -24.11 24.71 -30.99
CA TYR B 1436 -24.93 25.34 -32.03
C TYR B 1436 -24.11 25.64 -33.28
N GLU B 1437 -23.10 26.50 -33.17
CA GLU B 1437 -22.23 26.87 -34.27
C GLU B 1437 -23.01 27.48 -35.44
N ASN B 1438 -23.68 28.60 -35.16
CA ASN B 1438 -24.31 29.45 -36.17
C ASN B 1438 -25.52 28.79 -36.83
N GLY B 1439 -26.25 29.58 -37.63
CA GLY B 1439 -27.43 29.10 -38.33
C GLY B 1439 -28.64 29.97 -38.04
N PRO B 1440 -29.73 29.77 -38.81
CA PRO B 1440 -30.97 30.50 -38.51
C PRO B 1440 -31.65 29.98 -37.25
N GLU B 1441 -31.57 30.76 -36.18
CA GLU B 1441 -31.89 30.27 -34.84
C GLU B 1441 -33.34 29.81 -34.67
N TRP B 1442 -34.29 30.73 -34.80
CA TRP B 1442 -35.66 30.47 -34.36
C TRP B 1442 -36.63 30.46 -35.52
N LEU B 1443 -37.71 29.71 -35.35
CA LEU B 1443 -38.82 29.67 -36.31
C LEU B 1443 -39.93 30.55 -35.77
N ILE B 1444 -40.00 31.79 -36.31
CA ILE B 1444 -40.98 32.75 -35.83
C ILE B 1444 -42.38 32.32 -36.26
N THR B 1445 -43.34 32.45 -35.34
CA THR B 1445 -44.71 32.03 -35.59
C THR B 1445 -45.66 33.19 -35.86
N ARG B 1446 -45.38 34.38 -35.33
CA ARG B 1446 -46.21 35.57 -35.52
C ARG B 1446 -47.64 35.31 -35.02
N GLY B 1447 -47.74 35.17 -33.70
CA GLY B 1447 -49.01 34.89 -33.06
C GLY B 1447 -48.87 33.97 -31.87
N ASN B 1448 -47.71 33.35 -31.70
CA ASN B 1448 -47.46 32.53 -30.53
C ASN B 1448 -47.25 33.39 -29.29
N ASN B 1449 -47.36 32.76 -28.13
CA ASN B 1449 -47.19 33.49 -26.87
C ASN B 1449 -45.82 34.15 -26.76
N PRO B 1450 -44.69 33.48 -27.01
CA PRO B 1450 -43.41 34.18 -27.07
C PRO B 1450 -42.95 34.56 -28.48
N GLU B 1451 -43.81 34.39 -29.49
CA GLU B 1451 -43.51 34.69 -30.90
C GLU B 1451 -42.40 33.81 -31.46
N ARG B 1452 -41.97 32.79 -30.73
CA ARG B 1452 -40.93 31.89 -31.22
C ARG B 1452 -41.20 30.43 -30.85
N SER B 1453 -42.43 30.09 -30.50
CA SER B 1453 -42.80 28.75 -30.07
C SER B 1453 -43.84 28.15 -31.02
N LEU B 1454 -44.31 26.96 -30.67
CA LEU B 1454 -45.31 26.26 -31.48
C LEU B 1454 -46.08 25.33 -30.53
N THR B 1455 -47.29 25.73 -30.16
CA THR B 1455 -48.12 24.90 -29.29
C THR B 1455 -48.45 23.59 -30.00
N LEU B 1456 -47.92 22.48 -29.47
CA LEU B 1456 -48.07 21.20 -30.14
C LEU B 1456 -49.43 20.58 -29.83
N GLY B 1457 -49.77 19.56 -30.61
CA GLY B 1457 -51.01 18.85 -30.41
C GLY B 1457 -50.93 17.88 -29.25
N VAL B 1458 -52.02 17.13 -29.07
CA VAL B 1458 -52.09 16.15 -27.99
C VAL B 1458 -51.13 15.01 -28.30
N LEU B 1459 -50.17 14.80 -27.41
CA LEU B 1459 -49.18 13.72 -27.55
C LEU B 1459 -49.59 12.59 -26.61
N GLU B 1460 -50.14 11.52 -27.17
CA GLU B 1460 -50.63 10.39 -26.41
C GLU B 1460 -49.67 9.21 -26.52
N SER B 1461 -49.64 8.40 -25.46
CA SER B 1461 -48.77 7.23 -25.44
C SER B 1461 -49.19 6.24 -26.52
N PRO B 1462 -48.23 5.56 -27.14
CA PRO B 1462 -48.58 4.60 -28.20
C PRO B 1462 -49.32 3.40 -27.65
N ARG B 1463 -50.20 2.85 -28.48
CA ARG B 1463 -51.02 1.69 -28.10
C ARG B 1463 -50.62 0.49 -28.95
N PRO B 1464 -49.88 -0.47 -28.40
CA PRO B 1464 -49.50 -1.65 -29.18
C PRO B 1464 -50.68 -2.55 -29.56
N ALA B 1465 -51.87 -2.30 -29.01
CA ALA B 1465 -53.03 -3.10 -29.36
C ALA B 1465 -53.39 -2.94 -30.84
N PHE B 1466 -53.26 -1.72 -31.36
CA PHE B 1466 -53.50 -1.50 -32.78
C PHE B 1466 -52.48 -2.23 -33.64
N SER B 1467 -51.21 -2.23 -33.21
CA SER B 1467 -50.17 -2.94 -33.95
C SER B 1467 -50.42 -4.44 -33.93
N ILE B 1468 -50.87 -4.97 -32.79
CA ILE B 1468 -51.14 -6.40 -32.65
C ILE B 1468 -52.60 -6.57 -32.25
N PRO B 1469 -53.53 -6.63 -33.20
CA PRO B 1469 -54.96 -6.74 -32.82
C PRO B 1469 -55.35 -8.13 -32.35
N ASP B 1470 -54.54 -9.15 -32.63
CA ASP B 1470 -54.87 -10.52 -32.23
C ASP B 1470 -53.58 -11.31 -32.11
N ASP B 1471 -53.69 -12.50 -31.50
CA ASP B 1471 -52.55 -13.38 -31.32
C ASP B 1471 -52.03 -13.97 -32.63
N GLU B 1472 -52.77 -13.83 -33.73
CA GLU B 1472 -52.32 -14.36 -35.00
C GLU B 1472 -51.03 -13.70 -35.46
N SER B 1473 -50.94 -12.38 -35.32
CA SER B 1473 -49.72 -11.65 -35.65
C SER B 1473 -48.75 -11.72 -34.46
N GLU B 1474 -47.50 -12.11 -34.73
CA GLU B 1474 -46.54 -12.32 -33.66
C GLU B 1474 -46.10 -11.00 -33.04
N ILE B 1475 -45.40 -10.17 -33.82
CA ILE B 1475 -44.94 -8.88 -33.33
C ILE B 1475 -44.46 -8.02 -34.50
N PRO B 1476 -44.91 -6.78 -34.62
CA PRO B 1476 -44.28 -5.86 -35.58
C PRO B 1476 -42.81 -5.62 -35.24
N GLY B 1477 -42.13 -4.93 -36.14
CA GLY B 1477 -40.73 -4.62 -35.97
C GLY B 1477 -40.50 -3.29 -35.28
N ARG B 1478 -39.31 -2.73 -35.48
CA ARG B 1478 -38.98 -1.43 -34.91
C ARG B 1478 -39.84 -0.35 -35.54
N LYS B 1479 -40.21 0.64 -34.73
CA LYS B 1479 -41.08 1.72 -35.16
C LYS B 1479 -40.24 2.93 -35.57
N PHE B 1480 -40.53 3.47 -36.76
CA PHE B 1480 -39.87 4.66 -37.26
C PHE B 1480 -40.93 5.63 -37.77
N TYR B 1481 -40.58 6.91 -37.75
CA TYR B 1481 -41.48 7.98 -38.16
C TYR B 1481 -40.98 8.64 -39.43
N LEU B 1482 -41.89 8.87 -40.37
CA LEU B 1482 -41.53 9.42 -41.66
C LEU B 1482 -41.21 10.91 -41.54
N HIS B 1483 -40.65 11.46 -42.62
CA HIS B 1483 -40.20 12.84 -42.68
C HIS B 1483 -41.19 13.76 -43.37
N HIS B 1484 -42.48 13.51 -43.18
CA HIS B 1484 -43.51 14.33 -43.78
C HIS B 1484 -43.44 15.77 -43.26
N ASN B 1485 -43.87 16.71 -44.08
CA ASN B 1485 -43.91 18.12 -43.70
C ASN B 1485 -45.21 18.44 -42.98
N GLY B 1486 -45.46 17.68 -41.91
CA GLY B 1486 -46.68 17.81 -41.15
C GLY B 1486 -46.71 18.94 -40.15
N TRP B 1487 -45.58 19.61 -39.93
CA TRP B 1487 -45.56 20.78 -39.07
C TRP B 1487 -46.33 21.94 -39.65
N ARG B 1488 -46.53 21.95 -40.98
CA ARG B 1488 -47.22 23.07 -41.62
C ARG B 1488 -48.68 23.15 -41.16
N ILE B 1489 -49.35 22.00 -41.02
CA ILE B 1489 -50.73 22.02 -40.56
C ILE B 1489 -50.81 22.49 -39.11
N ILE B 1490 -49.82 22.14 -38.28
CA ILE B 1490 -49.81 22.61 -36.90
C ILE B 1490 -49.56 24.10 -36.85
N ARG B 1491 -48.66 24.60 -37.70
CA ARG B 1491 -48.41 26.04 -37.78
C ARG B 1491 -49.67 26.79 -38.22
N GLN B 1492 -50.37 26.26 -39.22
CA GLN B 1492 -51.57 26.93 -39.71
C GLN B 1492 -52.68 26.91 -38.67
N LYS B 1493 -52.91 25.76 -38.03
CA LYS B 1493 -53.95 25.63 -37.03
C LYS B 1493 -53.42 25.89 -35.62
N GLN B 1494 -52.76 27.04 -35.43
CA GLN B 1494 -52.27 27.40 -34.10
C GLN B 1494 -53.42 27.81 -33.19
N LEU B 1495 -54.34 28.63 -33.69
CA LEU B 1495 -55.46 29.07 -32.90
C LEU B 1495 -56.52 27.97 -32.75
N GLU B 1496 -56.68 27.12 -33.76
CA GLU B 1496 -57.67 26.06 -33.70
C GLU B 1496 -57.28 24.95 -32.74
N ILE B 1497 -56.00 24.84 -32.38
CA ILE B 1497 -55.56 23.81 -31.45
C ILE B 1497 -55.39 24.35 -30.03
N ARG B 1498 -55.22 25.66 -29.86
CA ARG B 1498 -55.12 26.25 -28.54
C ARG B 1498 -56.48 26.47 -27.87
N GLU B 1499 -57.57 26.37 -28.64
CA GLU B 1499 -58.91 26.56 -28.10
C GLU B 1499 -59.74 25.28 -28.08
N THR B 1500 -59.33 24.24 -28.82
CA THR B 1500 -60.04 22.98 -28.86
C THR B 1500 -59.42 21.93 -27.93
N VAL B 1501 -58.10 21.73 -28.05
CA VAL B 1501 -57.44 20.76 -27.18
C VAL B 1501 -57.37 21.31 -25.75
N GLN B 1502 -57.20 20.39 -24.81
CA GLN B 1502 -57.18 20.76 -23.40
C GLN B 1502 -55.90 21.53 -23.08
N PRO B 1503 -56.00 22.70 -22.43
CA PRO B 1503 -54.78 23.45 -22.08
C PRO B 1503 -53.85 22.69 -21.15
N GLU B 1504 -54.38 21.86 -20.26
CA GLU B 1504 -53.53 21.09 -19.36
C GLU B 1504 -52.81 19.95 -20.05
N ARG B 1505 -53.19 19.61 -21.28
CA ARG B 1505 -52.56 18.53 -22.03
C ARG B 1505 -51.71 19.02 -23.19
N ASN B 1506 -51.97 20.22 -23.72
CA ASN B 1506 -51.15 20.75 -24.79
C ASN B 1506 -49.78 21.17 -24.27
N VAL B 1507 -48.76 20.94 -25.08
CA VAL B 1507 -47.37 21.25 -24.73
C VAL B 1507 -46.83 22.22 -25.77
N THR B 1508 -46.22 23.30 -25.30
CA THR B 1508 -45.61 24.30 -26.18
C THR B 1508 -44.14 24.47 -25.84
N THR B 1509 -43.34 24.73 -26.87
CA THR B 1509 -41.90 24.92 -26.71
C THR B 1509 -41.38 25.68 -27.91
N GLU B 1510 -40.22 26.29 -27.75
CA GLU B 1510 -39.60 27.01 -28.85
C GLU B 1510 -39.06 26.02 -29.88
N VAL B 1511 -39.10 26.43 -31.15
CA VAL B 1511 -38.73 25.58 -32.26
C VAL B 1511 -37.59 26.22 -33.03
N MET B 1512 -36.65 25.39 -33.47
CA MET B 1512 -35.55 25.85 -34.31
C MET B 1512 -36.01 25.90 -35.77
N ASP B 1513 -35.46 26.85 -36.50
CA ASP B 1513 -35.87 27.04 -37.89
C ASP B 1513 -35.23 25.98 -38.80
N LYS B 1514 -35.67 25.97 -40.05
CA LYS B 1514 -35.13 25.06 -41.04
C LYS B 1514 -33.67 25.39 -41.32
N GLY B 1515 -32.90 24.36 -41.65
CA GLY B 1515 -31.49 24.53 -41.98
C GLY B 1515 -30.62 24.98 -40.84
N ASN B 1516 -30.88 24.48 -39.64
CA ASN B 1516 -30.02 24.74 -38.49
C ASN B 1516 -28.94 23.67 -38.40
N VAL B 1517 -27.70 24.10 -38.22
CA VAL B 1517 -26.57 23.19 -38.16
C VAL B 1517 -26.14 23.02 -36.71
N PHE B 1518 -25.60 21.84 -36.41
CA PHE B 1518 -25.06 21.54 -35.08
C PHE B 1518 -23.77 20.75 -35.24
N SER B 1519 -22.84 20.95 -34.32
CA SER B 1519 -21.54 20.29 -34.36
C SER B 1519 -21.34 19.49 -33.09
N PHE B 1520 -20.91 18.23 -33.24
CA PHE B 1520 -20.67 17.36 -32.11
C PHE B 1520 -19.60 16.34 -32.48
N ASP B 1521 -19.00 15.75 -31.45
CA ASP B 1521 -17.95 14.77 -31.62
C ASP B 1521 -18.45 13.36 -31.33
N VAL B 1522 -17.84 12.38 -31.99
CA VAL B 1522 -18.14 10.97 -31.80
C VAL B 1522 -16.81 10.27 -31.56
N ARG B 1523 -16.44 10.08 -30.30
CA ARG B 1523 -15.12 9.55 -29.95
C ARG B 1523 -15.17 8.02 -29.86
N PHE B 1524 -15.29 7.41 -31.03
CA PHE B 1524 -15.23 5.96 -31.12
C PHE B 1524 -13.85 5.45 -30.72
N GLU B 1525 -13.82 4.31 -30.03
CA GLU B 1525 -12.57 3.72 -29.58
C GLU B 1525 -12.61 2.21 -29.78
N ASN B 1526 -11.47 1.65 -30.17
CA ASN B 1526 -11.31 0.21 -30.36
C ASN B 1526 -12.30 -0.36 -31.37
N LEU B 1527 -12.74 0.47 -32.31
CA LEU B 1527 -13.73 0.05 -33.29
C LEU B 1527 -13.07 -0.77 -34.39
N ARG B 1528 -13.76 -1.81 -34.85
CA ARG B 1528 -13.24 -2.65 -35.91
C ARG B 1528 -13.19 -1.89 -37.23
N GLU B 1529 -12.51 -2.49 -38.21
CA GLU B 1529 -12.35 -1.86 -39.50
C GLU B 1529 -13.70 -1.68 -40.19
N TRP B 1530 -14.58 -2.67 -40.10
CA TRP B 1530 -15.91 -2.58 -40.68
C TRP B 1530 -16.92 -1.92 -39.75
N GLU B 1531 -16.70 -2.02 -38.42
CA GLU B 1531 -17.62 -1.38 -37.49
C GLU B 1531 -17.57 0.13 -37.62
N LEU B 1532 -16.38 0.70 -37.80
CA LEU B 1532 -16.27 2.13 -38.02
C LEU B 1532 -16.98 2.55 -39.30
N GLY B 1533 -16.84 1.77 -40.36
CA GLY B 1533 -17.53 2.08 -41.61
C GLY B 1533 -19.04 2.01 -41.46
N LEU B 1534 -19.53 1.00 -40.72
CA LEU B 1534 -20.97 0.88 -40.52
C LEU B 1534 -21.49 2.03 -39.66
N LEU B 1535 -20.72 2.46 -38.65
CA LEU B 1535 -21.12 3.62 -37.87
C LEU B 1535 -21.12 4.88 -38.71
N LEU B 1536 -20.15 5.01 -39.63
CA LEU B 1536 -20.14 6.14 -40.54
C LEU B 1536 -21.38 6.14 -41.42
N GLN B 1537 -21.76 4.98 -41.94
CA GLN B 1537 -22.96 4.89 -42.76
C GLN B 1537 -24.22 5.22 -41.94
N SER B 1538 -24.26 4.77 -40.68
CA SER B 1538 -25.38 5.12 -39.82
C SER B 1538 -25.46 6.61 -39.58
N LEU B 1539 -24.31 7.26 -39.35
CA LEU B 1539 -24.29 8.70 -39.18
C LEU B 1539 -24.74 9.41 -40.45
N ASP B 1540 -24.13 9.08 -41.59
CA ASP B 1540 -24.40 9.74 -42.86
C ASP B 1540 -24.83 8.69 -43.87
N PRO B 1541 -26.11 8.30 -43.85
CA PRO B 1541 -26.59 7.32 -44.84
C PRO B 1541 -26.51 7.82 -46.27
N GLY B 1542 -26.45 9.12 -46.49
CA GLY B 1542 -26.34 9.69 -47.81
C GLY B 1542 -27.40 10.74 -48.05
N LYS B 1543 -27.40 11.26 -49.28
CA LYS B 1543 -28.40 12.24 -49.66
C LYS B 1543 -29.77 11.59 -49.73
N ASN B 1544 -30.80 12.42 -49.50
CA ASN B 1544 -32.21 12.00 -49.51
C ASN B 1544 -32.53 11.01 -48.40
N ILE B 1545 -31.67 10.90 -47.39
CA ILE B 1545 -31.94 10.08 -46.21
C ILE B 1545 -31.51 10.89 -44.99
N ALA B 1546 -32.39 10.96 -43.99
CA ALA B 1546 -32.11 11.75 -42.79
C ALA B 1546 -32.80 11.10 -41.60
N HIS B 1547 -32.32 11.44 -40.41
CA HIS B 1547 -32.83 10.87 -39.17
C HIS B 1547 -33.91 11.76 -38.55
N LYS B 1548 -34.53 11.23 -37.50
CA LYS B 1548 -35.56 11.94 -36.76
C LYS B 1548 -35.10 12.16 -35.33
N LEU B 1549 -35.28 13.38 -34.83
CA LEU B 1549 -34.80 13.75 -33.50
C LEU B 1549 -35.86 14.54 -32.77
N GLY B 1550 -35.96 14.32 -31.45
CA GLY B 1550 -36.77 15.16 -30.59
C GLY B 1550 -38.25 14.88 -30.69
N LYS B 1551 -39.02 15.71 -29.96
CA LYS B 1551 -40.46 15.54 -29.90
C LYS B 1551 -41.10 15.88 -31.24
N GLY B 1552 -42.33 15.40 -31.41
CA GLY B 1552 -43.08 15.69 -32.62
C GLY B 1552 -42.66 14.90 -33.84
N LYS B 1553 -41.95 13.79 -33.66
CA LYS B 1553 -41.61 12.93 -34.79
C LYS B 1553 -42.82 12.45 -35.57
N PRO B 1554 -43.93 12.00 -34.95
CA PRO B 1554 -45.14 11.71 -35.74
C PRO B 1554 -45.74 12.93 -36.40
N TYR B 1555 -45.41 14.13 -35.96
CA TYR B 1555 -45.90 15.36 -36.55
C TYR B 1555 -44.95 15.92 -37.60
N GLY B 1556 -43.87 15.21 -37.92
CA GLY B 1556 -42.89 15.68 -38.88
C GLY B 1556 -41.80 16.54 -38.29
N PHE B 1557 -41.85 16.83 -36.99
CA PHE B 1557 -40.87 17.71 -36.37
C PHE B 1557 -39.54 16.99 -36.20
N GLY B 1558 -38.48 17.79 -36.06
CA GLY B 1558 -37.17 17.28 -35.73
C GLY B 1558 -36.55 16.31 -36.70
N SER B 1559 -36.62 16.60 -38.00
CA SER B 1559 -35.90 15.83 -39.00
C SER B 1559 -34.48 16.39 -39.10
N VAL B 1560 -33.50 15.50 -38.97
CA VAL B 1560 -32.11 15.90 -38.86
C VAL B 1560 -31.28 15.17 -39.91
N LYS B 1561 -30.41 15.93 -40.58
CA LYS B 1561 -29.47 15.39 -41.57
C LYS B 1561 -28.06 15.52 -41.03
N ILE B 1562 -27.35 14.41 -40.97
CA ILE B 1562 -26.00 14.37 -40.40
C ILE B 1562 -24.99 14.31 -41.54
N LYS B 1563 -23.99 15.18 -41.50
CA LYS B 1563 -22.88 15.14 -42.43
C LYS B 1563 -21.58 15.12 -41.63
N ILE B 1564 -20.56 14.48 -42.20
CA ILE B 1564 -19.29 14.25 -41.53
C ILE B 1564 -18.28 15.29 -42.02
N ASP B 1565 -17.62 15.96 -41.07
CA ASP B 1565 -16.61 16.95 -41.41
C ASP B 1565 -15.22 16.34 -41.53
N SER B 1566 -14.74 15.71 -40.47
CA SER B 1566 -13.40 15.15 -40.44
C SER B 1566 -13.36 13.93 -39.54
N LEU B 1567 -12.71 12.87 -40.00
CA LEU B 1567 -12.50 11.67 -39.20
C LEU B 1567 -11.03 11.57 -38.82
N HIS B 1568 -10.76 11.37 -37.53
CA HIS B 1568 -9.41 11.22 -37.03
C HIS B 1568 -9.19 9.79 -36.53
N THR B 1569 -7.93 9.43 -36.37
CA THR B 1569 -7.56 8.12 -35.88
C THR B 1569 -6.12 8.18 -35.37
N PHE B 1570 -5.88 7.58 -34.20
CA PHE B 1570 -4.55 7.48 -33.64
C PHE B 1570 -4.30 6.05 -33.19
N LYS B 1571 -3.04 5.64 -33.24
CA LYS B 1571 -2.65 4.29 -32.84
C LYS B 1571 -1.68 4.32 -31.67
N ILE B 1579 -5.22 11.76 -34.47
CA ILE B 1579 -4.36 12.83 -34.94
C ILE B 1579 -4.12 12.70 -36.44
N LYS B 1580 -4.20 11.47 -36.95
CA LYS B 1580 -3.97 11.19 -38.36
C LYS B 1580 -5.31 11.34 -39.09
N ARG B 1581 -5.60 12.57 -39.53
CA ARG B 1581 -6.81 12.84 -40.29
C ARG B 1581 -6.83 12.00 -41.57
N VAL B 1582 -7.75 11.04 -41.64
CA VAL B 1582 -7.83 10.12 -42.78
C VAL B 1582 -8.34 10.88 -44.00
N PRO B 1583 -8.00 10.45 -45.21
CA PRO B 1583 -8.56 11.10 -46.41
C PRO B 1583 -9.88 10.48 -46.83
N GLN B 1584 -10.48 11.03 -47.89
CA GLN B 1584 -11.75 10.51 -48.38
C GLN B 1584 -11.61 9.07 -48.89
N SER B 1585 -10.46 8.73 -49.47
CA SER B 1585 -10.26 7.37 -49.96
C SER B 1585 -10.29 6.37 -48.82
N ASP B 1586 -9.67 6.69 -47.68
CA ASP B 1586 -9.70 5.80 -46.53
C ASP B 1586 -11.05 5.82 -45.84
N ILE B 1587 -11.81 6.91 -45.98
CA ILE B 1587 -13.20 6.92 -45.52
C ILE B 1587 -13.99 5.87 -46.28
N ARG B 1588 -13.82 5.84 -47.59
CA ARG B 1588 -14.31 4.72 -48.38
C ARG B 1588 -13.48 3.47 -48.07
N GLU B 1589 -13.98 2.33 -48.53
CA GLU B 1589 -13.40 1.01 -48.26
C GLU B 1589 -13.54 0.65 -46.79
N TYR B 1590 -14.08 1.57 -45.99
CA TYR B 1590 -14.57 1.26 -44.65
C TYR B 1590 -16.05 0.91 -44.70
N ILE B 1591 -16.84 1.78 -45.33
CA ILE B 1591 -18.24 1.48 -45.59
C ILE B 1591 -18.38 0.30 -46.55
N ASN B 1592 -17.39 0.11 -47.42
CA ASN B 1592 -17.43 -1.00 -48.37
C ASN B 1592 -17.38 -2.34 -47.63
N LYS B 1593 -16.43 -2.50 -46.71
CA LYS B 1593 -16.40 -3.75 -45.96
C LYS B 1593 -17.53 -3.83 -44.94
N GLY B 1594 -18.09 -2.70 -44.51
CA GLY B 1594 -19.32 -2.76 -43.74
C GLY B 1594 -20.46 -3.37 -44.52
N TYR B 1595 -20.60 -2.96 -45.79
CA TYR B 1595 -21.59 -3.58 -46.66
C TYR B 1595 -21.27 -5.05 -46.88
N GLN B 1596 -19.98 -5.37 -47.05
CA GLN B 1596 -19.58 -6.76 -47.25
C GLN B 1596 -19.96 -7.62 -46.06
N LYS B 1597 -19.76 -7.11 -44.84
CA LYS B 1597 -20.20 -7.83 -43.65
C LYS B 1597 -21.72 -7.92 -43.59
N LEU B 1598 -22.42 -6.87 -44.04
CA LEU B 1598 -23.87 -6.85 -43.96
C LEU B 1598 -24.50 -7.89 -44.87
N ILE B 1599 -23.98 -8.06 -46.08
CA ILE B 1599 -24.62 -8.97 -47.04
C ILE B 1599 -24.48 -10.42 -46.57
N GLU B 1600 -23.31 -10.79 -46.05
CA GLU B 1600 -23.11 -12.17 -45.60
C GLU B 1600 -23.90 -12.49 -44.33
N TRP B 1601 -24.42 -11.48 -43.64
CA TRP B 1601 -25.23 -11.71 -42.45
C TRP B 1601 -26.62 -12.21 -42.84
N LEU B 1613 -19.08 1.58 -55.18
CA LEU B 1613 -20.02 2.19 -54.26
C LEU B 1613 -21.07 1.18 -53.81
N PRO B 1614 -21.32 1.13 -52.50
CA PRO B 1614 -22.32 0.19 -51.98
C PRO B 1614 -23.72 0.51 -52.47
N GLN B 1615 -24.52 -0.53 -52.63
CA GLN B 1615 -25.92 -0.42 -53.04
C GLN B 1615 -26.77 -1.00 -51.92
N TRP B 1616 -27.18 -0.13 -51.00
CA TRP B 1616 -27.83 -0.58 -49.77
C TRP B 1616 -29.18 -1.23 -50.05
N HIS B 1617 -29.92 -0.72 -51.04
CA HIS B 1617 -31.26 -1.25 -51.32
C HIS B 1617 -31.23 -2.68 -51.82
N VAL B 1618 -30.05 -3.29 -51.99
CA VAL B 1618 -29.99 -4.70 -52.37
C VAL B 1618 -30.57 -5.58 -51.27
N ILE B 1619 -30.21 -5.30 -50.02
CA ILE B 1619 -30.75 -6.02 -48.87
C ILE B 1619 -32.16 -5.51 -48.59
N PRO B 1620 -33.17 -6.39 -48.60
CA PRO B 1620 -34.56 -5.90 -48.42
C PRO B 1620 -34.78 -5.17 -47.11
N HIS B 1621 -34.20 -5.65 -46.01
CA HIS B 1621 -34.44 -5.00 -44.72
C HIS B 1621 -33.84 -3.59 -44.70
N ILE B 1622 -32.64 -3.43 -45.28
CA ILE B 1622 -32.04 -2.11 -45.37
C ILE B 1622 -32.79 -1.24 -46.35
N ASP B 1623 -33.32 -1.83 -47.43
CA ASP B 1623 -34.13 -1.06 -48.37
C ASP B 1623 -35.35 -0.46 -47.68
N LYS B 1624 -36.09 -1.29 -46.94
CA LYS B 1624 -37.25 -0.79 -46.22
C LYS B 1624 -36.83 0.23 -45.15
N LEU B 1625 -35.71 -0.04 -44.46
CA LEU B 1625 -35.21 0.89 -43.46
C LEU B 1625 -34.97 2.27 -44.06
N TYR B 1626 -34.17 2.33 -45.13
CA TYR B 1626 -33.84 3.61 -45.73
C TYR B 1626 -35.05 4.25 -46.39
N LYS B 1627 -36.04 3.44 -46.77
CA LYS B 1627 -37.32 3.99 -47.21
C LYS B 1627 -38.02 4.70 -46.06
N LEU B 1628 -37.89 4.18 -44.84
CA LEU B 1628 -38.56 4.80 -43.69
C LEU B 1628 -38.02 6.19 -43.41
N LEU B 1629 -36.70 6.38 -43.49
CA LEU B 1629 -36.10 7.69 -43.25
C LEU B 1629 -35.78 8.45 -44.53
N TRP B 1630 -36.29 8.01 -45.67
CA TRP B 1630 -36.14 8.77 -46.90
C TRP B 1630 -36.97 10.05 -46.80
N VAL B 1631 -36.37 11.17 -47.18
CA VAL B 1631 -37.03 12.48 -47.13
C VAL B 1631 -37.60 12.76 -48.52
N PRO B 1632 -38.92 12.71 -48.71
CA PRO B 1632 -39.49 13.00 -50.02
C PRO B 1632 -39.77 14.47 -50.23
N PHE B 1633 -38.87 15.35 -49.78
CA PHE B 1633 -39.00 16.77 -50.04
C PHE B 1633 -37.66 17.44 -50.33
N LEU B 1634 -36.61 16.68 -50.56
CA LEU B 1634 -35.29 17.25 -50.81
C LEU B 1634 -34.94 17.21 -52.29
N LEU B 1639 -43.57 15.25 -53.52
CA LEU B 1639 -42.94 16.52 -53.22
C LEU B 1639 -43.27 16.99 -51.81
N GLU B 1640 -44.56 17.12 -51.52
CA GLU B 1640 -45.04 17.55 -50.21
C GLU B 1640 -46.14 16.59 -49.75
N PRO B 1641 -45.76 15.38 -49.35
CA PRO B 1641 -46.77 14.41 -48.88
C PRO B 1641 -47.39 14.85 -47.56
N ASP B 1642 -48.66 14.49 -47.39
CA ASP B 1642 -49.40 14.80 -46.17
C ASP B 1642 -49.59 13.53 -45.37
N VAL B 1643 -49.17 13.56 -44.10
CA VAL B 1643 -49.25 12.40 -43.22
C VAL B 1643 -49.79 12.86 -41.88
N ARG B 1644 -50.78 12.13 -41.36
CA ARG B 1644 -51.38 12.46 -40.08
C ARG B 1644 -52.06 11.23 -39.52
N TYR B 1645 -52.33 11.27 -38.20
CA TYR B 1645 -53.04 10.21 -37.52
C TYR B 1645 -54.55 10.30 -37.80
N PRO B 1646 -55.24 9.17 -37.82
CA PRO B 1646 -56.70 9.19 -37.98
C PRO B 1646 -57.39 9.74 -36.74
N VAL B 1647 -58.73 9.78 -36.76
CA VAL B 1647 -59.52 10.31 -35.66
C VAL B 1647 -60.55 9.26 -35.24
N LEU B 1648 -61.20 9.53 -34.11
CA LEU B 1648 -62.21 8.62 -33.57
C LEU B 1648 -63.58 9.03 -34.11
N ASN B 1649 -64.07 8.30 -35.11
CA ASN B 1649 -65.39 8.52 -35.70
C ASN B 1649 -65.47 9.96 -36.18
N GLU B 1650 -66.54 10.70 -35.88
CA GLU B 1650 -66.67 12.09 -36.32
C GLU B 1650 -66.07 13.04 -35.28
N GLU B 1651 -64.77 12.87 -35.05
CA GLU B 1651 -64.04 13.72 -34.11
C GLU B 1651 -63.65 15.02 -34.81
N SER B 1652 -62.78 15.79 -34.17
CA SER B 1652 -62.30 17.04 -34.75
C SER B 1652 -61.53 16.75 -36.03
N LYS B 1653 -61.80 17.55 -37.07
CA LYS B 1653 -61.20 17.37 -38.40
C LYS B 1653 -61.43 15.96 -38.92
N GLY B 1654 -62.67 15.50 -38.82
CA GLY B 1654 -63.00 14.15 -39.25
C GLY B 1654 -62.83 13.93 -40.74
N TYR B 1655 -63.29 14.89 -41.55
CA TYR B 1655 -63.22 14.80 -43.01
C TYR B 1655 -63.89 13.52 -43.51
N ILE B 1656 -65.06 13.20 -42.95
CA ILE B 1656 -65.75 11.97 -43.29
C ILE B 1656 -66.17 11.96 -44.75
N GLU B 1657 -66.69 13.09 -45.24
CA GLU B 1657 -67.15 13.18 -46.61
C GLU B 1657 -65.96 13.24 -47.57
N GLY B 1658 -65.48 12.07 -47.99
CA GLY B 1658 -64.31 12.01 -48.85
C GLY B 1658 -63.05 11.83 -48.03
N SER B 1659 -62.39 10.67 -48.16
CA SER B 1659 -61.21 10.32 -47.38
C SER B 1659 -61.50 10.44 -45.88
N ASP B 1660 -62.40 9.56 -45.43
CA ASP B 1660 -62.86 9.57 -44.04
C ASP B 1660 -61.68 9.50 -43.08
N TYR B 1661 -60.89 8.44 -43.16
CA TYR B 1661 -59.70 8.28 -42.33
C TYR B 1661 -60.03 8.37 -40.85
N THR B 1662 -61.00 7.57 -40.42
CA THR B 1662 -61.47 7.57 -39.05
C THR B 1662 -61.37 6.18 -38.44
N TYR B 1663 -61.13 6.13 -37.13
CA TYR B 1663 -61.11 4.87 -36.43
C TYR B 1663 -62.53 4.34 -36.26
N LYS B 1664 -62.62 3.08 -35.82
CA LYS B 1664 -63.88 2.34 -35.67
C LYS B 1664 -64.50 2.04 -37.03
N LYS B 1665 -63.90 2.57 -38.10
CA LYS B 1665 -64.21 2.21 -39.47
C LYS B 1665 -62.99 1.66 -40.19
N LEU B 1666 -61.85 2.35 -40.10
CA LEU B 1666 -60.60 1.78 -40.58
C LEU B 1666 -60.15 0.63 -39.70
N GLY B 1667 -60.33 0.75 -38.39
CA GLY B 1667 -59.95 -0.29 -37.45
C GLY B 1667 -60.97 -1.39 -37.25
N ASP B 1668 -62.16 -1.26 -37.84
CA ASP B 1668 -63.17 -2.28 -37.71
C ASP B 1668 -62.77 -3.54 -38.46
N LYS B 1669 -62.99 -4.70 -37.82
CA LYS B 1669 -62.62 -5.97 -38.44
C LYS B 1669 -63.46 -6.26 -39.68
N ASP B 1670 -64.73 -5.90 -39.68
CA ASP B 1670 -65.58 -6.14 -40.84
C ASP B 1670 -65.18 -5.27 -42.01
N ASN B 1671 -64.99 -3.98 -41.78
CA ASN B 1671 -64.64 -3.07 -42.87
C ASN B 1671 -63.23 -3.33 -43.39
N LEU B 1672 -62.27 -3.54 -42.48
CA LEU B 1672 -60.89 -3.80 -42.87
C LEU B 1672 -60.43 -5.10 -42.22
N PRO B 1673 -59.80 -6.00 -42.98
CA PRO B 1673 -59.37 -7.28 -42.40
C PRO B 1673 -58.20 -7.12 -41.44
N TYR B 1674 -57.70 -8.24 -40.91
CA TYR B 1674 -56.55 -8.24 -40.02
C TYR B 1674 -55.23 -7.99 -40.73
N LYS B 1675 -55.27 -7.58 -42.01
CA LYS B 1675 -54.07 -7.27 -42.77
C LYS B 1675 -53.54 -5.87 -42.50
N THR B 1676 -54.00 -5.22 -41.43
CA THR B 1676 -53.45 -3.92 -41.07
C THR B 1676 -51.97 -4.03 -40.72
N ARG B 1677 -51.59 -5.10 -40.03
CA ARG B 1677 -50.17 -5.33 -39.75
C ARG B 1677 -49.39 -5.55 -41.03
N VAL B 1678 -50.01 -6.22 -42.02
CA VAL B 1678 -49.35 -6.41 -43.31
C VAL B 1678 -49.09 -5.08 -43.98
N LYS B 1679 -50.07 -4.17 -43.95
CA LYS B 1679 -49.89 -2.84 -44.51
C LYS B 1679 -49.16 -1.89 -43.58
N GLY B 1680 -49.24 -2.11 -42.26
CA GLY B 1680 -48.56 -1.26 -41.32
C GLY B 1680 -47.10 -1.60 -41.08
N LEU B 1681 -46.66 -2.76 -41.55
CA LEU B 1681 -45.27 -3.20 -41.38
C LEU B 1681 -44.72 -3.68 -42.72
N THR B 1682 -43.41 -3.51 -42.89
CA THR B 1682 -42.69 -3.90 -44.10
C THR B 1682 -43.13 -3.10 -45.31
N THR B 1683 -43.99 -2.11 -45.10
CA THR B 1683 -44.45 -1.18 -46.14
C THR B 1683 -44.19 0.23 -45.64
N PRO B 1684 -42.97 0.76 -45.84
CA PRO B 1684 -42.62 2.05 -45.21
C PRO B 1684 -43.47 3.23 -45.66
N TRP B 1685 -44.04 3.20 -46.85
CA TRP B 1685 -44.79 4.35 -47.35
C TRP B 1685 -46.08 3.91 -48.05
N SER B 1686 -46.80 2.98 -47.43
CA SER B 1686 -48.06 2.53 -48.02
C SER B 1686 -49.18 3.53 -47.71
N PRO B 1687 -50.00 3.89 -48.70
CA PRO B 1687 -51.14 4.76 -48.44
C PRO B 1687 -52.19 4.06 -47.59
N TRP B 1688 -52.95 4.87 -46.84
CA TRP B 1688 -53.98 4.36 -45.94
C TRP B 1688 -55.39 4.69 -46.39
N ASN B 1689 -55.65 5.95 -46.74
CA ASN B 1689 -57.01 6.33 -47.15
C ASN B 1689 -57.47 5.59 -48.40
N PRO B 1690 -56.70 5.51 -49.49
CA PRO B 1690 -57.13 4.65 -50.61
C PRO B 1690 -56.99 3.17 -50.34
N PHE B 1691 -56.10 2.78 -49.43
CA PHE B 1691 -55.89 1.38 -49.11
C PHE B 1691 -55.17 1.22 -47.77
ZN ZN E . 17.80 2.21 14.01
ZN ZN F . 26.08 5.57 45.63
ZN ZN G . 2.17 -5.50 -12.82
ZN ZN H . -28.49 -7.79 -28.55
#